data_9NO3
#
_entry.id   9NO3
#
_cell.length_a   76.369
_cell.length_b   85.774
_cell.length_c   90.601
_cell.angle_alpha   77.34
_cell.angle_beta   68.05
_cell.angle_gamma   63.76
#
_symmetry.space_group_name_H-M   'P 1'
#
loop_
_entity.id
_entity.type
_entity.pdbx_description
1 polymer 'TerARA - arabinofuranosidase/xylosidase from metagenome of Pseudacanthotermes militaris.'
2 non-polymer 'CALCIUM ION'
3 non-polymer 2-AMINO-2-HYDROXYMETHYL-PROPANE-1,3-DIOL
4 non-polymer GLYCEROL
5 water water
#
_entity_poly.entity_id   1
_entity_poly.type   'polypeptide(L)'
_entity_poly.pdbx_seq_one_letter_code
;HGMASMKQITNPYLPLYEYVPDGEPHVFDGRLYIYGSHDLAGGTRYCQGDYVTWSAPVDDLKSWRYEGVIYRKDQDPLNP
DGNMEMWAPDVTRGPDGRYYLYYCLSFYPAVGVAVSDSPAGPFQFHGHVKYPAHIQGGKTLAEFMPFDPAVLTDADGRVY
LYYGFSPVKEMALPSPEELQAAGQSFFDDEVFEKLRSIQFSEGCMTAELEPDMLTVKDTPKMCVPGGKLAVGTPFEGHGY
FEAPSIRKVGEKYYLLYSSQLSHELCYAVSDQPMEGYAYGGTIVSNGDVGLDGRAAPVYTLGNNHGGIVQAGGDWYVFYH
RQTHGTEFSRQGCAEKITIKPDGSIPQVEITSCGLNGGPLAAGGSYSAAIACHLTDGTTLREIDYSDPVMKTQIQITEEA
RDGGEDKNLHYIRQIGGGAVVGYKYFDFQGVMALDLTVRGDAGGRLAVALDAGMKQAVGGADLALNGGGWQTVRIPVTVP
NGVHALYFGYTGEGRLEFSDFAFVTA
;
_entity_poly.pdbx_strand_id   A,B,C,D
#
# COMPACT_ATOMS: atom_id res chain seq x y z
N LYS A 7 5.03 5.92 25.71
CA LYS A 7 5.04 7.21 25.04
C LYS A 7 4.04 8.15 25.71
N GLN A 8 4.35 9.44 25.65
CA GLN A 8 3.49 10.45 26.24
C GLN A 8 3.33 11.61 25.27
N ILE A 9 2.23 12.35 25.43
CA ILE A 9 2.03 13.59 24.72
C ILE A 9 1.33 14.59 25.64
N THR A 10 1.63 15.85 25.45
CA THR A 10 1.09 16.94 26.23
C THR A 10 0.38 17.92 25.31
N ASN A 11 -0.17 18.98 25.90
CA ASN A 11 -0.63 20.17 25.20
C ASN A 11 0.43 21.25 25.28
N PRO A 12 0.73 21.96 24.20
CA PRO A 12 0.26 21.77 22.80
C PRO A 12 0.68 20.40 22.25
N TYR A 13 -0.03 19.81 21.29
CA TYR A 13 0.32 18.45 20.87
C TYR A 13 1.47 18.46 19.86
N LEU A 14 1.60 19.50 19.05
CA LEU A 14 2.78 19.63 18.20
C LEU A 14 3.96 20.13 19.04
N PRO A 15 5.19 19.99 18.55
CA PRO A 15 6.34 20.39 19.37
C PRO A 15 6.33 21.88 19.70
N LEU A 16 7.03 22.24 20.78
CA LEU A 16 6.93 23.61 21.30
C LEU A 16 7.47 24.66 20.32
N TYR A 17 8.28 24.26 19.33
CA TYR A 17 8.79 25.23 18.37
C TYR A 17 7.86 25.43 17.18
N GLU A 18 6.72 24.73 17.15
CA GLU A 18 5.74 24.86 16.08
C GLU A 18 4.55 25.69 16.56
N TYR A 19 3.99 26.49 15.65
CA TYR A 19 2.91 27.44 15.95
C TYR A 19 1.83 27.33 14.86
N VAL A 20 0.92 26.37 15.03
CA VAL A 20 -0.19 26.19 14.09
C VAL A 20 -1.52 26.48 14.80
N PRO A 21 -2.00 27.70 14.75
CA PRO A 21 -3.33 28.03 15.27
C PRO A 21 -4.42 27.67 14.24
N ASP A 22 -5.68 27.88 14.63
CA ASP A 22 -6.82 27.80 13.70
C ASP A 22 -6.99 26.41 13.11
N GLY A 23 -6.57 25.37 13.82
CA GLY A 23 -6.45 24.05 13.22
C GLY A 23 -7.80 23.33 13.06
N GLU A 24 -8.05 22.86 11.84
CA GLU A 24 -9.20 22.01 11.55
C GLU A 24 -8.74 20.57 11.57
N PRO A 25 -9.29 19.72 12.43
CA PRO A 25 -8.84 18.31 12.47
C PRO A 25 -9.66 17.41 11.55
N HIS A 26 -8.98 16.64 10.69
CA HIS A 26 -9.68 15.70 9.81
C HIS A 26 -8.89 14.39 9.75
N VAL A 27 -9.61 13.27 9.77
CA VAL A 27 -9.03 11.95 9.60
C VAL A 27 -9.10 11.57 8.12
N PHE A 28 -7.94 11.37 7.51
CA PHE A 28 -7.83 11.00 6.11
C PHE A 28 -6.91 9.81 6.02
N ASP A 29 -7.42 8.72 5.44
CA ASP A 29 -6.64 7.50 5.20
C ASP A 29 -5.88 7.07 6.47
N GLY A 30 -6.58 7.07 7.61
CA GLY A 30 -6.04 6.52 8.83
C GLY A 30 -5.17 7.44 9.64
N ARG A 31 -5.05 8.70 9.23
CA ARG A 31 -4.23 9.65 9.97
C ARG A 31 -5.09 10.86 10.28
N LEU A 32 -4.84 11.43 11.46
CA LEU A 32 -5.47 12.68 11.86
C LEU A 32 -4.55 13.83 11.43
N TYR A 33 -4.97 14.56 10.40
CA TYR A 33 -4.26 15.75 9.95
C TYR A 33 -4.87 16.97 10.62
N ILE A 34 -4.02 17.95 10.92
CA ILE A 34 -4.47 19.23 11.43
C ILE A 34 -4.17 20.27 10.37
N TYR A 35 -5.19 21.02 9.94
CA TYR A 35 -5.03 22.03 8.88
C TYR A 35 -5.32 23.40 9.51
N GLY A 36 -4.29 24.04 10.05
CA GLY A 36 -4.42 25.37 10.58
C GLY A 36 -3.61 26.36 9.76
N SER A 37 -3.65 27.61 10.23
CA SER A 37 -2.78 28.66 9.70
C SER A 37 -1.38 28.47 10.30
N HIS A 38 -0.49 29.45 10.21
CA HIS A 38 0.90 29.21 10.59
C HIS A 38 1.49 30.45 11.25
N ASP A 39 1.57 30.45 12.58
CA ASP A 39 2.21 31.54 13.29
C ASP A 39 3.72 31.28 13.40
N LEU A 40 4.47 32.34 13.74
CA LEU A 40 5.90 32.25 13.97
C LEU A 40 6.19 32.60 15.42
N ALA A 41 7.23 32.01 15.99
CA ALA A 41 7.59 32.41 17.35
C ALA A 41 8.01 33.87 17.32
N GLY A 42 7.56 34.61 18.32
CA GLY A 42 7.78 36.03 18.33
C GLY A 42 7.13 36.77 17.19
N GLY A 43 6.13 36.17 16.53
CA GLY A 43 5.53 36.80 15.39
C GLY A 43 4.97 38.18 15.72
N THR A 44 4.93 39.04 14.72
CA THR A 44 4.45 40.41 14.87
C THR A 44 3.10 40.64 14.22
N ARG A 45 2.51 39.61 13.62
CA ARG A 45 1.20 39.70 12.98
C ARG A 45 0.65 38.29 12.84
N TYR A 46 -0.64 38.22 12.50
CA TYR A 46 -1.28 36.92 12.39
C TYR A 46 -0.71 36.13 11.23
N CYS A 47 -0.46 34.83 11.45
CA CYS A 47 -0.40 33.85 10.35
C CYS A 47 0.66 34.21 9.30
N GLN A 48 1.90 34.40 9.75
CA GLN A 48 2.93 34.91 8.85
C GLN A 48 3.58 33.83 7.99
N GLY A 49 3.40 32.52 8.31
CA GLY A 49 4.04 31.47 7.54
C GLY A 49 3.14 30.87 6.46
N ASP A 50 3.75 30.08 5.56
CA ASP A 50 3.00 29.29 4.61
C ASP A 50 2.28 28.13 5.33
N TYR A 51 1.24 27.60 4.70
CA TYR A 51 0.46 26.54 5.34
C TYR A 51 1.29 25.25 5.42
N VAL A 52 1.30 24.63 6.60
CA VAL A 52 1.89 23.31 6.78
C VAL A 52 0.78 22.37 7.21
N THR A 53 1.10 21.08 7.24
CA THR A 53 0.23 20.14 7.95
C THR A 53 1.08 19.12 8.71
N TRP A 54 0.53 18.67 9.84
CA TRP A 54 1.07 17.59 10.66
C TRP A 54 0.01 16.52 10.87
N SER A 55 0.44 15.28 11.07
CA SER A 55 -0.54 14.20 11.25
C SER A 55 -0.02 13.15 12.22
N ALA A 56 -0.95 12.48 12.89
CA ALA A 56 -0.68 11.31 13.70
C ALA A 56 -1.57 10.17 13.23
N PRO A 57 -1.12 8.91 13.39
CA PRO A 57 -2.02 7.77 13.13
C PRO A 57 -3.25 7.92 14.00
N VAL A 58 -4.41 7.64 13.42
CA VAL A 58 -5.65 7.93 14.13
C VAL A 58 -5.75 7.12 15.41
N ASP A 59 -5.10 5.95 15.48
CA ASP A 59 -5.08 5.16 16.70
C ASP A 59 -3.87 5.43 17.59
N ASP A 60 -3.03 6.43 17.27
CA ASP A 60 -1.89 6.78 18.14
C ASP A 60 -1.65 8.29 18.03
N LEU A 61 -2.48 9.05 18.73
CA LEU A 61 -2.43 10.50 18.66
C LEU A 61 -1.28 11.08 19.47
N LYS A 62 -0.36 10.27 19.95
CA LYS A 62 0.81 10.79 20.64
C LYS A 62 2.03 10.91 19.73
N SER A 63 1.89 10.56 18.45
CA SER A 63 3.04 10.55 17.53
C SER A 63 2.74 11.42 16.33
N TRP A 64 3.09 12.71 16.40
CA TRP A 64 2.78 13.65 15.33
C TRP A 64 4.03 13.85 14.47
N ARG A 65 3.84 13.82 13.16
CA ARG A 65 4.95 14.07 12.24
C ARG A 65 4.61 15.20 11.29
N TYR A 66 5.65 15.91 10.87
CA TYR A 66 5.53 17.09 10.03
C TYR A 66 5.48 16.65 8.57
N GLU A 67 4.45 17.06 7.84
CA GLU A 67 4.29 16.67 6.45
C GLU A 67 4.76 17.75 5.47
N GLY A 68 5.36 18.84 5.96
CA GLY A 68 5.86 19.89 5.08
C GLY A 68 4.87 21.01 4.80
N VAL A 69 5.35 22.02 4.06
CA VAL A 69 4.48 23.09 3.56
C VAL A 69 3.60 22.52 2.45
N ILE A 70 2.31 22.88 2.46
CA ILE A 70 1.35 22.30 1.52
C ILE A 70 0.76 23.31 0.56
N TYR A 71 0.97 24.61 0.78
CA TYR A 71 0.42 25.68 -0.04
C TYR A 71 1.03 26.99 0.44
N ARG A 72 1.37 27.86 -0.50
CA ARG A 72 2.11 29.09 -0.22
C ARG A 72 1.26 30.32 -0.52
N LYS A 73 1.66 31.41 0.14
CA LYS A 73 0.93 32.68 0.06
C LYS A 73 0.79 33.18 -1.36
N ASP A 74 1.82 32.98 -2.19
CA ASP A 74 1.85 33.60 -3.51
C ASP A 74 1.21 32.73 -4.59
N GLN A 75 0.56 31.63 -4.22
CA GLN A 75 -0.08 30.78 -5.20
C GLN A 75 -1.46 31.29 -5.60
N ASP A 76 -2.07 32.14 -4.76
CA ASP A 76 -3.35 32.77 -5.12
C ASP A 76 -3.10 33.89 -6.11
N PRO A 77 -3.81 33.95 -7.23
CA PRO A 77 -3.59 35.04 -8.19
C PRO A 77 -3.81 36.42 -7.62
N LEU A 78 -4.57 36.56 -6.53
CA LEU A 78 -4.71 37.88 -5.91
C LEU A 78 -3.48 38.33 -5.14
N ASN A 79 -2.49 37.47 -4.92
CA ASN A 79 -1.42 37.73 -3.96
C ASN A 79 -0.06 37.42 -4.58
N PRO A 80 0.27 38.02 -5.71
CA PRO A 80 1.47 37.58 -6.45
C PRO A 80 2.76 37.82 -5.69
N ASP A 81 2.86 38.94 -4.97
CA ASP A 81 4.06 39.23 -4.18
C ASP A 81 4.01 38.63 -2.80
N GLY A 82 2.97 37.86 -2.48
CA GLY A 82 2.82 37.34 -1.14
C GLY A 82 2.67 38.41 -0.09
N ASN A 83 2.21 39.62 -0.47
CA ASN A 83 2.07 40.69 0.52
C ASN A 83 0.99 40.37 1.55
N MET A 84 -0.06 39.65 1.16
CA MET A 84 -1.09 39.29 2.13
C MET A 84 -0.78 37.93 2.74
N GLU A 85 -1.17 37.77 3.99
CA GLU A 85 -1.09 36.48 4.65
C GLU A 85 -2.29 35.62 4.24
N MET A 86 -2.15 34.31 4.50
CA MET A 86 -3.25 33.37 4.36
C MET A 86 -3.76 33.07 5.76
N TRP A 87 -5.08 33.20 5.96
CA TRP A 87 -5.61 33.01 7.32
C TRP A 87 -6.21 31.61 7.54
N ALA A 88 -7.18 31.47 8.43
CA ALA A 88 -7.59 30.13 8.89
C ALA A 88 -8.18 29.28 7.77
N PRO A 89 -7.56 28.14 7.41
CA PRO A 89 -8.10 27.33 6.31
C PRO A 89 -8.98 26.17 6.77
N ASP A 90 -9.63 25.51 5.80
CA ASP A 90 -10.24 24.21 6.02
C ASP A 90 -9.92 23.31 4.83
N VAL A 91 -9.92 22.00 5.06
CA VAL A 91 -9.73 21.03 3.99
C VAL A 91 -10.86 19.99 4.07
N THR A 92 -11.42 19.65 2.92
CA THR A 92 -12.40 18.58 2.78
C THR A 92 -11.95 17.61 1.70
N ARG A 93 -12.30 16.34 1.86
CA ARG A 93 -12.24 15.42 0.74
C ARG A 93 -13.53 15.57 -0.07
N GLY A 94 -13.43 16.10 -1.28
CA GLY A 94 -14.60 16.36 -2.10
C GLY A 94 -15.26 15.09 -2.61
N PRO A 95 -16.44 15.24 -3.21
CA PRO A 95 -17.11 14.06 -3.78
C PRO A 95 -16.32 13.40 -4.91
N ASP A 96 -15.38 14.11 -5.54
CA ASP A 96 -14.55 13.48 -6.55
C ASP A 96 -13.37 12.72 -5.95
N GLY A 97 -13.26 12.64 -4.62
CA GLY A 97 -12.13 11.97 -4.02
C GLY A 97 -10.89 12.82 -3.82
N ARG A 98 -10.85 14.03 -4.36
CA ARG A 98 -9.67 14.87 -4.15
C ARG A 98 -9.85 15.76 -2.92
N TYR A 99 -8.75 16.39 -2.50
CA TYR A 99 -8.74 17.23 -1.31
C TYR A 99 -8.79 18.70 -1.72
N TYR A 100 -9.75 19.43 -1.16
CA TYR A 100 -9.96 20.84 -1.49
C TYR A 100 -9.73 21.71 -0.27
N LEU A 101 -8.82 22.68 -0.41
CA LEU A 101 -8.41 23.58 0.67
C LEU A 101 -9.03 24.97 0.47
N TYR A 102 -9.76 25.45 1.48
CA TYR A 102 -10.47 26.72 1.44
C TYR A 102 -9.82 27.70 2.41
N TYR A 103 -9.63 28.94 1.97
CA TYR A 103 -8.91 29.94 2.76
C TYR A 103 -9.31 31.32 2.27
N CYS A 104 -9.03 32.33 3.10
CA CYS A 104 -9.09 33.75 2.73
C CYS A 104 -7.74 34.40 2.98
N LEU A 105 -7.31 35.24 2.04
CA LEU A 105 -6.21 36.14 2.31
C LEU A 105 -6.63 37.23 3.30
N SER A 106 -5.64 37.83 3.98
CA SER A 106 -5.88 38.62 5.17
C SER A 106 -6.89 39.74 4.93
N PHE A 107 -8.09 39.56 5.46
CA PHE A 107 -9.20 40.50 5.29
C PHE A 107 -9.48 40.80 3.81
N TYR A 108 -9.23 39.80 2.93
CA TYR A 108 -9.66 40.01 1.56
C TYR A 108 -11.00 39.35 1.34
N PRO A 109 -11.94 40.05 0.75
CA PRO A 109 -13.32 39.57 0.65
C PRO A 109 -13.54 38.59 -0.50
N ALA A 110 -12.81 37.47 -0.46
CA ALA A 110 -12.99 36.37 -1.40
C ALA A 110 -12.51 35.10 -0.72
N VAL A 111 -13.13 33.97 -1.08
CA VAL A 111 -12.70 32.67 -0.60
C VAL A 111 -11.93 31.98 -1.72
N GLY A 112 -10.63 31.72 -1.50
CA GLY A 112 -9.83 31.00 -2.46
C GLY A 112 -9.84 29.52 -2.20
N VAL A 113 -9.52 28.74 -3.24
CA VAL A 113 -9.64 27.29 -3.21
C VAL A 113 -8.46 26.65 -3.96
N ALA A 114 -7.81 25.68 -3.31
CA ALA A 114 -6.73 24.90 -3.91
C ALA A 114 -7.07 23.41 -3.78
N VAL A 115 -6.37 22.59 -4.57
CA VAL A 115 -6.76 21.20 -4.71
C VAL A 115 -5.51 20.32 -4.83
N SER A 116 -5.62 19.11 -4.27
CA SER A 116 -4.57 18.10 -4.31
C SER A 116 -5.22 16.74 -4.30
N ASP A 117 -4.48 15.73 -4.76
CA ASP A 117 -4.91 14.34 -4.66
C ASP A 117 -4.52 13.70 -3.32
N SER A 118 -3.69 14.36 -2.53
CA SER A 118 -3.15 13.83 -1.28
C SER A 118 -3.48 14.76 -0.13
N PRO A 119 -3.77 14.24 1.08
CA PRO A 119 -4.04 15.14 2.20
C PRO A 119 -2.80 15.93 2.66
N ALA A 120 -1.60 15.55 2.21
CA ALA A 120 -0.36 16.27 2.50
C ALA A 120 0.13 17.15 1.34
N GLY A 121 -0.73 17.42 0.35
CA GLY A 121 -0.35 18.24 -0.78
C GLY A 121 0.45 17.48 -1.82
N PRO A 122 1.00 18.19 -2.80
CA PRO A 122 0.98 19.66 -2.96
C PRO A 122 -0.37 20.17 -3.46
N PHE A 123 -0.83 21.28 -2.90
CA PHE A 123 -2.08 21.89 -3.35
C PHE A 123 -1.78 22.91 -4.45
N GLN A 124 -2.60 22.90 -5.49
CA GLN A 124 -2.53 23.85 -6.58
C GLN A 124 -3.79 24.71 -6.58
N PHE A 125 -3.63 25.99 -6.89
CA PHE A 125 -4.78 26.90 -6.90
C PHE A 125 -5.87 26.38 -7.83
N HIS A 126 -7.09 26.31 -7.30
CA HIS A 126 -8.23 25.76 -8.01
C HIS A 126 -9.17 26.83 -8.56
N GLY A 127 -9.46 27.85 -7.76
CA GLY A 127 -10.36 28.91 -8.16
C GLY A 127 -10.79 29.70 -6.93
N HIS A 128 -11.64 30.70 -7.17
CA HIS A 128 -12.30 31.45 -6.11
C HIS A 128 -13.77 31.11 -6.08
N VAL A 129 -14.33 30.97 -4.88
CA VAL A 129 -15.76 30.75 -4.75
C VAL A 129 -16.49 31.87 -5.50
N LYS A 130 -17.48 31.48 -6.29
CA LYS A 130 -18.10 32.40 -7.24
C LYS A 130 -19.59 32.14 -7.29
N TYR A 131 -20.31 33.15 -7.79
CA TYR A 131 -21.73 32.99 -8.05
C TYR A 131 -21.96 32.16 -9.32
N PRO A 132 -23.12 31.52 -9.44
CA PRO A 132 -23.48 30.90 -10.72
C PRO A 132 -23.76 31.97 -11.76
N ALA A 133 -23.74 31.55 -13.03
CA ALA A 133 -23.87 32.47 -14.16
C ALA A 133 -25.08 33.39 -14.05
N HIS A 134 -26.14 32.93 -13.39
CA HIS A 134 -27.42 33.63 -13.37
C HIS A 134 -27.60 34.56 -12.15
N ILE A 135 -26.69 34.52 -11.18
CA ILE A 135 -26.71 35.42 -10.03
C ILE A 135 -25.49 36.32 -10.10
N GLN A 136 -25.73 37.64 -10.14
CA GLN A 136 -24.65 38.63 -10.05
C GLN A 136 -23.62 38.44 -11.16
N GLY A 137 -24.06 38.03 -12.35
CA GLY A 137 -23.15 37.83 -13.45
C GLY A 137 -22.09 36.79 -13.20
N GLY A 138 -22.31 35.88 -12.26
CA GLY A 138 -21.34 34.84 -12.00
C GLY A 138 -20.06 35.32 -11.35
N LYS A 139 -20.05 36.52 -10.78
CA LYS A 139 -18.80 37.10 -10.29
C LYS A 139 -18.25 36.32 -9.09
N THR A 140 -17.03 36.67 -8.71
CA THR A 140 -16.47 36.13 -7.49
C THR A 140 -17.32 36.55 -6.30
N LEU A 141 -17.55 35.62 -5.38
CA LEU A 141 -18.31 35.93 -4.17
C LEU A 141 -17.53 36.91 -3.31
N ALA A 142 -18.12 38.08 -3.05
CA ALA A 142 -17.48 39.06 -2.20
C ALA A 142 -18.41 39.62 -1.13
N GLU A 143 -19.58 39.01 -0.95
CA GLU A 143 -20.64 39.59 -0.12
C GLU A 143 -20.68 38.94 1.25
N PHE A 144 -21.16 39.70 2.23
CA PHE A 144 -21.33 39.24 3.61
C PHE A 144 -20.01 38.88 4.27
N MET A 145 -18.96 39.64 3.93
CA MET A 145 -17.61 39.54 4.48
C MET A 145 -17.11 38.09 4.49
N PRO A 146 -16.63 37.59 3.36
CA PRO A 146 -16.01 36.25 3.34
C PRO A 146 -14.84 36.17 4.30
N PHE A 147 -14.90 35.19 5.21
CA PHE A 147 -13.97 35.12 6.33
C PHE A 147 -14.07 33.73 6.92
N ASP A 148 -12.93 33.23 7.40
CA ASP A 148 -12.85 31.97 8.13
C ASP A 148 -13.64 30.80 7.52
N PRO A 149 -13.34 30.42 6.27
CA PRO A 149 -14.19 29.41 5.62
C PRO A 149 -14.12 28.06 6.31
N ALA A 150 -15.21 27.32 6.21
CA ALA A 150 -15.34 25.96 6.69
C ALA A 150 -16.25 25.26 5.69
N VAL A 151 -15.97 23.99 5.39
CA VAL A 151 -16.67 23.27 4.33
C VAL A 151 -17.01 21.87 4.83
N LEU A 152 -18.16 21.36 4.38
CA LEU A 152 -18.58 20.00 4.70
C LEU A 152 -18.88 19.27 3.40
N THR A 153 -18.22 18.13 3.18
CA THR A 153 -18.72 17.17 2.21
C THR A 153 -19.57 16.17 2.96
N ASP A 154 -20.89 16.29 2.80
CA ASP A 154 -21.89 15.51 3.52
C ASP A 154 -21.86 14.05 3.08
N ALA A 155 -22.48 13.20 3.92
CA ALA A 155 -22.58 11.76 3.68
C ALA A 155 -23.22 11.42 2.34
N ASP A 156 -24.02 12.31 1.78
CA ASP A 156 -24.66 12.05 0.49
C ASP A 156 -23.87 12.60 -0.69
N GLY A 157 -22.78 13.34 -0.41
CA GLY A 157 -21.93 13.87 -1.44
C GLY A 157 -22.14 15.34 -1.71
N ARG A 158 -23.13 15.98 -1.08
CA ARG A 158 -23.31 17.41 -1.27
C ARG A 158 -22.28 18.17 -0.44
N VAL A 159 -22.04 19.42 -0.83
CA VAL A 159 -20.94 20.24 -0.30
C VAL A 159 -21.51 21.57 0.18
N TYR A 160 -21.28 21.90 1.46
CA TYR A 160 -21.80 23.13 2.06
C TYR A 160 -20.66 24.00 2.58
N LEU A 161 -20.73 25.30 2.29
CA LEU A 161 -19.74 26.24 2.78
C LEU A 161 -20.32 27.10 3.90
N TYR A 162 -19.49 27.41 4.90
CA TYR A 162 -19.86 28.26 6.02
C TYR A 162 -18.77 29.30 6.20
N TYR A 163 -19.14 30.57 6.34
CA TYR A 163 -18.17 31.64 6.52
C TYR A 163 -18.82 32.83 7.19
N GLY A 164 -17.98 33.82 7.51
CA GLY A 164 -18.44 35.11 8.01
C GLY A 164 -17.67 35.70 9.18
N PHE A 165 -17.71 37.02 9.28
CA PHE A 165 -17.07 37.78 10.34
C PHE A 165 -18.11 38.75 10.89
N SER A 166 -18.44 38.63 12.19
CA SER A 166 -19.55 39.37 12.79
C SER A 166 -19.17 39.94 14.15
N PRO A 167 -18.43 41.03 14.19
CA PRO A 167 -18.05 41.64 15.47
C PRO A 167 -19.19 42.46 16.05
N VAL A 168 -19.07 42.76 17.34
CA VAL A 168 -20.08 43.54 18.05
C VAL A 168 -19.47 44.80 18.63
N LYS A 169 -18.17 44.76 18.90
CA LYS A 169 -17.43 45.88 19.49
C LYS A 169 -17.79 47.23 18.87
N ILE A 198 -15.15 47.25 5.48
CA ILE A 198 -16.45 47.89 5.28
C ILE A 198 -17.58 47.03 5.87
N GLN A 199 -18.42 46.42 5.03
CA GLN A 199 -19.60 45.71 5.52
C GLN A 199 -19.26 44.32 6.02
N PHE A 200 -19.80 43.97 7.19
CA PHE A 200 -19.51 42.72 7.88
C PHE A 200 -20.74 41.82 7.89
N SER A 201 -20.54 40.60 8.40
CA SER A 201 -21.62 39.62 8.46
C SER A 201 -22.61 39.95 9.56
N GLU A 202 -23.86 39.56 9.35
CA GLU A 202 -24.83 39.56 10.42
C GLU A 202 -24.80 38.27 11.23
N GLY A 203 -24.17 37.24 10.68
CA GLY A 203 -24.01 35.98 11.36
C GLY A 203 -23.22 35.05 10.48
N CYS A 204 -23.28 33.76 10.78
CA CYS A 204 -22.61 32.76 9.97
C CYS A 204 -23.39 32.57 8.67
N MET A 205 -22.73 32.74 7.54
CA MET A 205 -23.36 32.60 6.23
C MET A 205 -23.04 31.24 5.63
N THR A 206 -23.96 30.74 4.81
CA THR A 206 -23.82 29.39 4.30
C THR A 206 -24.49 29.26 2.94
N ALA A 207 -23.93 28.34 2.13
CA ALA A 207 -24.41 28.06 0.79
C ALA A 207 -23.91 26.68 0.40
N GLU A 208 -24.68 26.00 -0.45
CA GLU A 208 -24.27 24.74 -1.04
C GLU A 208 -23.46 25.02 -2.30
N LEU A 209 -22.33 24.33 -2.44
CA LEU A 209 -21.48 24.48 -3.60
C LEU A 209 -21.80 23.39 -4.61
N GLU A 210 -21.59 23.71 -5.88
CA GLU A 210 -21.66 22.72 -6.96
C GLU A 210 -20.46 21.77 -6.87
N PRO A 211 -20.44 20.68 -7.64
CA PRO A 211 -19.30 19.76 -7.55
C PRO A 211 -18.01 20.30 -8.12
N ASP A 212 -18.02 21.47 -8.76
CA ASP A 212 -16.75 22.09 -9.11
C ASP A 212 -16.02 22.61 -7.88
N MET A 213 -16.69 22.64 -6.73
CA MET A 213 -16.17 23.12 -5.45
C MET A 213 -15.93 24.63 -5.47
N LEU A 214 -16.49 25.35 -6.44
CA LEU A 214 -16.36 26.79 -6.52
C LEU A 214 -17.70 27.51 -6.55
N THR A 215 -18.69 26.98 -7.26
CA THR A 215 -19.89 27.71 -7.61
C THR A 215 -21.00 27.44 -6.61
N VAL A 216 -21.54 28.50 -5.98
CA VAL A 216 -22.64 28.31 -5.03
C VAL A 216 -23.93 28.02 -5.79
N LYS A 217 -24.82 27.26 -5.16
CA LYS A 217 -26.12 27.01 -5.74
C LYS A 217 -27.05 28.21 -5.60
N ASP A 218 -26.80 29.06 -4.59
CA ASP A 218 -27.68 30.19 -4.32
C ASP A 218 -26.94 31.18 -3.43
N THR A 219 -27.53 32.38 -3.30
CA THR A 219 -26.96 33.41 -2.46
C THR A 219 -26.80 32.90 -1.04
N PRO A 220 -25.64 33.09 -0.40
CA PRO A 220 -25.47 32.56 0.97
C PRO A 220 -26.53 33.13 1.89
N LYS A 221 -26.90 32.35 2.90
CA LYS A 221 -27.87 32.80 3.89
C LYS A 221 -27.27 32.66 5.29
N MET A 222 -27.86 33.36 6.24
CA MET A 222 -27.44 33.28 7.64
C MET A 222 -28.02 32.03 8.30
N CYS A 223 -27.18 31.35 9.10
CA CYS A 223 -27.63 30.18 9.85
C CYS A 223 -27.41 30.24 11.35
N VAL A 224 -26.54 31.11 11.85
CA VAL A 224 -26.36 31.31 13.29
C VAL A 224 -26.26 32.83 13.50
N PRO A 225 -27.04 33.41 14.41
CA PRO A 225 -27.04 34.87 14.52
C PRO A 225 -25.74 35.37 15.15
N GLY A 226 -25.26 36.50 14.65
CA GLY A 226 -24.18 37.21 15.32
C GLY A 226 -24.68 37.83 16.61
N GLY A 227 -23.74 38.40 17.36
CA GLY A 227 -24.05 38.91 18.70
C GLY A 227 -25.22 39.88 18.73
N LYS A 228 -25.27 40.82 17.79
CA LYS A 228 -26.37 41.77 17.69
C LYS A 228 -27.70 41.04 17.53
N LEU A 229 -27.85 40.33 16.40
CA LEU A 229 -29.08 39.57 16.17
C LEU A 229 -29.30 38.49 17.23
N ALA A 230 -28.26 38.13 17.98
CA ALA A 230 -28.41 37.10 19.00
C ALA A 230 -29.25 37.56 20.18
N VAL A 231 -29.33 38.87 20.39
CA VAL A 231 -30.11 39.40 21.51
C VAL A 231 -31.56 39.04 21.32
N GLY A 232 -32.13 38.40 22.35
CA GLY A 232 -33.50 37.93 22.30
C GLY A 232 -33.61 36.45 22.04
N THR A 233 -32.54 35.80 21.60
CA THR A 233 -32.57 34.41 21.19
C THR A 233 -31.92 33.53 22.24
N PRO A 234 -32.05 32.20 22.12
CA PRO A 234 -31.22 31.31 22.94
C PRO A 234 -29.72 31.50 22.75
N PHE A 235 -29.28 32.05 21.61
CA PHE A 235 -27.87 32.33 21.36
C PHE A 235 -27.35 33.56 22.11
N GLU A 236 -28.25 34.30 22.76
CA GLU A 236 -27.92 35.58 23.37
C GLU A 236 -26.66 35.51 24.22
N GLY A 237 -25.75 36.47 24.02
CA GLY A 237 -24.51 36.53 24.74
C GLY A 237 -23.42 35.63 24.22
N HIS A 238 -23.75 34.71 23.30
CA HIS A 238 -22.79 33.77 22.71
C HIS A 238 -23.01 33.68 21.21
N GLY A 239 -23.25 34.83 20.57
CA GLY A 239 -23.55 34.86 19.16
C GLY A 239 -22.34 34.47 18.31
N TYR A 240 -22.60 34.22 17.04
CA TYR A 240 -21.51 33.92 16.11
C TYR A 240 -20.62 35.14 15.93
N PHE A 241 -19.31 34.89 15.85
CA PHE A 241 -18.35 35.97 15.63
C PHE A 241 -17.45 35.61 14.45
N GLU A 242 -16.86 34.41 14.47
CA GLU A 242 -15.97 33.95 13.41
C GLU A 242 -15.71 32.45 13.59
N ALA A 243 -14.85 31.90 12.73
CA ALA A 243 -14.32 30.56 12.91
C ALA A 243 -15.38 29.45 12.96
N PRO A 244 -16.23 29.32 11.94
CA PRO A 244 -17.10 28.14 11.90
C PRO A 244 -16.29 26.88 11.63
N SER A 245 -16.80 25.75 12.16
CA SER A 245 -16.29 24.43 11.85
C SER A 245 -17.47 23.46 11.86
N ILE A 246 -17.67 22.75 10.76
CA ILE A 246 -18.87 21.93 10.55
C ILE A 246 -18.49 20.46 10.65
N ARG A 247 -19.23 19.69 11.45
CA ARG A 247 -18.99 18.25 11.53
C ARG A 247 -20.30 17.48 11.55
N LYS A 248 -20.26 16.26 11.02
CA LYS A 248 -21.38 15.36 11.14
C LYS A 248 -21.18 14.49 12.38
N VAL A 249 -22.19 14.47 13.24
CA VAL A 249 -22.22 13.62 14.41
C VAL A 249 -23.40 12.67 14.23
N GLY A 250 -23.12 11.45 13.78
CA GLY A 250 -24.17 10.53 13.40
C GLY A 250 -24.88 11.07 12.18
N GLU A 251 -26.15 11.44 12.34
CA GLU A 251 -26.91 12.08 11.27
C GLU A 251 -27.08 13.58 11.49
N LYS A 252 -26.62 14.10 12.63
CA LYS A 252 -26.82 15.50 12.99
C LYS A 252 -25.68 16.39 12.47
N TYR A 253 -25.98 17.68 12.39
CA TYR A 253 -25.02 18.69 11.96
C TYR A 253 -24.60 19.52 13.16
N TYR A 254 -23.32 19.46 13.50
CA TYR A 254 -22.77 20.24 14.60
C TYR A 254 -21.94 21.36 14.01
N LEU A 255 -22.30 22.60 14.33
CA LEU A 255 -21.60 23.77 13.81
C LEU A 255 -20.94 24.45 14.98
N LEU A 256 -19.62 24.33 15.07
CA LEU A 256 -18.85 25.07 16.08
C LEU A 256 -18.50 26.44 15.55
N TYR A 257 -18.26 27.37 16.48
CA TYR A 257 -17.86 28.72 16.10
C TYR A 257 -17.21 29.39 17.30
N SER A 258 -16.42 30.42 17.00
CA SER A 258 -15.89 31.30 18.03
C SER A 258 -16.91 32.39 18.28
N SER A 259 -17.35 32.52 19.54
CA SER A 259 -18.47 33.38 19.86
C SER A 259 -18.03 34.84 19.94
N GLN A 260 -18.99 35.72 20.24
CA GLN A 260 -18.65 37.13 20.49
C GLN A 260 -17.61 37.28 21.60
N LEU A 261 -17.51 36.31 22.52
CA LEU A 261 -16.47 36.34 23.55
C LEU A 261 -15.07 36.08 22.98
N SER A 262 -15.00 35.47 21.78
CA SER A 262 -13.79 35.20 21.00
C SER A 262 -12.89 34.12 21.62
N HIS A 263 -12.78 34.09 22.95
CA HIS A 263 -11.91 33.10 23.57
C HIS A 263 -12.55 31.74 23.70
N GLU A 264 -13.84 31.60 23.45
CA GLU A 264 -14.51 30.32 23.59
C GLU A 264 -14.92 29.76 22.23
N LEU A 265 -15.09 28.45 22.17
CA LEU A 265 -15.72 27.76 21.05
C LEU A 265 -17.08 27.29 21.52
N CYS A 266 -18.12 27.67 20.79
CA CYS A 266 -19.49 27.26 21.04
C CYS A 266 -19.96 26.35 19.91
N TYR A 267 -21.13 25.73 20.11
CA TYR A 267 -21.69 24.83 19.12
C TYR A 267 -23.20 25.04 19.04
N ALA A 268 -23.73 24.79 17.84
CA ALA A 268 -25.15 24.69 17.61
C ALA A 268 -25.39 23.41 16.83
N VAL A 269 -26.60 22.86 16.95
CA VAL A 269 -26.94 21.57 16.38
C VAL A 269 -28.18 21.71 15.52
N SER A 270 -28.18 21.08 14.35
CA SER A 270 -29.39 21.00 13.55
C SER A 270 -29.55 19.60 12.99
N ASP A 271 -30.74 19.35 12.42
CA ASP A 271 -30.98 18.18 11.59
C ASP A 271 -30.69 18.46 10.12
N GLN A 272 -30.42 19.71 9.75
CA GLN A 272 -30.20 20.15 8.39
C GLN A 272 -28.94 21.00 8.31
N PRO A 273 -28.24 20.97 7.18
CA PRO A 273 -26.92 21.63 7.12
C PRO A 273 -26.99 23.15 7.07
N MET A 274 -27.98 23.74 6.44
CA MET A 274 -27.97 25.17 6.25
C MET A 274 -29.06 25.92 7.00
N GLU A 275 -29.89 25.25 7.79
CA GLU A 275 -30.92 25.94 8.56
C GLU A 275 -31.26 25.10 9.78
N GLY A 276 -32.06 25.69 10.66
CA GLY A 276 -32.56 25.01 11.83
C GLY A 276 -31.57 24.80 12.96
N TYR A 277 -30.61 25.70 13.15
CA TYR A 277 -29.62 25.47 14.19
C TYR A 277 -30.16 25.95 15.53
N ALA A 278 -30.04 25.09 16.54
CA ALA A 278 -30.38 25.43 17.92
C ALA A 278 -29.10 25.56 18.74
N TYR A 279 -29.05 26.56 19.61
CA TYR A 279 -27.82 26.81 20.38
C TYR A 279 -27.48 25.66 21.32
N GLY A 280 -26.20 25.26 21.33
CA GLY A 280 -25.75 24.21 22.22
C GLY A 280 -25.18 24.72 23.53
N GLY A 281 -24.02 25.34 23.47
CA GLY A 281 -23.32 25.78 24.66
C GLY A 281 -21.85 26.00 24.36
N THR A 282 -21.10 26.23 25.43
CA THR A 282 -19.66 26.42 25.32
C THR A 282 -18.97 25.07 25.41
N ILE A 283 -18.03 24.83 24.49
CA ILE A 283 -17.26 23.60 24.52
C ILE A 283 -15.95 23.79 25.27
N VAL A 284 -15.23 24.87 24.98
CA VAL A 284 -13.93 25.12 25.60
C VAL A 284 -13.64 26.61 25.50
N SER A 285 -13.08 27.18 26.56
CA SER A 285 -12.49 28.51 26.54
C SER A 285 -10.99 28.35 26.80
N ASN A 286 -10.16 29.15 26.12
CA ASN A 286 -8.73 28.93 26.37
C ASN A 286 -8.27 29.57 27.67
N GLY A 287 -9.19 30.18 28.43
CA GLY A 287 -8.92 30.50 29.81
C GLY A 287 -9.93 29.89 30.77
N ASP A 288 -10.69 28.89 30.31
CA ASP A 288 -11.74 28.25 31.11
C ASP A 288 -12.83 29.23 31.57
N VAL A 289 -12.96 30.39 30.92
CA VAL A 289 -14.08 31.27 31.25
C VAL A 289 -15.39 30.57 30.92
N GLY A 290 -16.35 30.71 31.82
CA GLY A 290 -17.62 30.05 31.71
C GLY A 290 -17.67 28.69 32.37
N LEU A 291 -16.52 28.07 32.60
CA LEU A 291 -16.50 26.73 33.18
C LEU A 291 -16.88 26.83 34.64
N ASP A 292 -18.01 26.19 35.00
CA ASP A 292 -18.53 26.24 36.37
C ASP A 292 -18.76 27.69 36.80
N GLY A 293 -19.21 28.52 35.87
CA GLY A 293 -19.41 29.91 36.17
C GLY A 293 -18.16 30.71 36.42
N ARG A 294 -16.98 30.22 36.00
CA ARG A 294 -15.74 30.96 36.26
C ARG A 294 -15.69 32.24 35.44
N ALA A 295 -15.28 33.33 36.09
CA ALA A 295 -15.13 34.63 35.45
C ALA A 295 -13.68 35.05 35.25
N ALA A 296 -12.80 34.79 36.21
CA ALA A 296 -11.38 35.09 36.07
C ALA A 296 -10.70 33.98 35.29
N PRO A 297 -10.01 34.28 34.19
CA PRO A 297 -9.38 33.21 33.39
C PRO A 297 -8.26 32.51 34.13
N VAL A 298 -8.05 31.24 33.80
CA VAL A 298 -6.92 30.47 34.36
C VAL A 298 -5.66 30.60 33.52
N TYR A 299 -5.74 31.23 32.36
CA TYR A 299 -4.67 31.34 31.39
C TYR A 299 -5.01 32.51 30.49
N THR A 300 -3.99 33.16 29.97
CA THR A 300 -4.13 34.34 29.11
C THR A 300 -5.11 34.11 27.97
N LEU A 301 -6.11 34.98 27.90
CA LEU A 301 -7.18 34.88 26.92
C LEU A 301 -6.77 35.48 25.58
N GLY A 302 -7.41 34.98 24.53
CA GLY A 302 -7.14 35.44 23.18
C GLY A 302 -8.14 34.75 22.28
N ASN A 303 -8.02 35.01 20.98
CA ASN A 303 -8.95 34.37 20.09
C ASN A 303 -8.74 32.86 20.11
N ASN A 304 -9.77 32.15 19.67
CA ASN A 304 -9.82 30.71 19.67
C ASN A 304 -10.51 30.25 18.39
N HIS A 305 -10.07 29.09 17.89
CA HIS A 305 -10.43 28.59 16.57
C HIS A 305 -10.25 27.08 16.58
N GLY A 306 -11.14 26.34 15.92
CA GLY A 306 -10.98 24.89 15.85
C GLY A 306 -12.33 24.18 15.71
N GLY A 307 -12.31 22.87 16.00
CA GLY A 307 -13.46 22.02 15.78
C GLY A 307 -13.33 20.71 16.53
N ILE A 308 -14.32 19.85 16.34
CA ILE A 308 -14.31 18.54 16.95
C ILE A 308 -13.97 17.50 15.89
N VAL A 309 -13.56 16.33 16.37
CA VAL A 309 -13.23 15.23 15.48
C VAL A 309 -13.45 13.93 16.22
N GLN A 310 -13.86 12.91 15.47
CA GLN A 310 -13.97 11.55 15.97
C GLN A 310 -12.69 10.81 15.60
N ALA A 311 -11.93 10.38 16.61
CA ALA A 311 -10.69 9.65 16.36
C ALA A 311 -10.52 8.58 17.42
N GLY A 312 -10.18 7.36 16.98
CA GLY A 312 -10.39 6.21 17.87
C GLY A 312 -11.89 6.01 18.03
N GLY A 313 -12.30 5.65 19.23
CA GLY A 313 -13.72 5.64 19.53
C GLY A 313 -14.22 6.86 20.25
N ASP A 314 -13.40 7.92 20.36
CA ASP A 314 -13.67 9.08 21.19
C ASP A 314 -13.74 10.35 20.36
N TRP A 315 -14.33 11.39 20.94
CA TRP A 315 -14.39 12.71 20.34
C TRP A 315 -13.43 13.66 21.05
N TYR A 316 -12.77 14.52 20.26
CA TYR A 316 -11.88 15.52 20.79
C TYR A 316 -12.28 16.90 20.29
N VAL A 317 -11.91 17.93 21.05
CA VAL A 317 -11.99 19.31 20.60
C VAL A 317 -10.57 19.84 20.43
N PHE A 318 -10.28 20.43 19.27
CA PHE A 318 -9.02 21.11 19.02
C PHE A 318 -9.26 22.62 19.06
N TYR A 319 -8.38 23.33 19.76
CA TYR A 319 -8.46 24.78 19.93
C TYR A 319 -7.01 25.27 19.92
N HIS A 320 -6.77 26.55 20.18
CA HIS A 320 -5.40 27.00 20.31
C HIS A 320 -5.23 27.88 21.53
N ARG A 321 -3.98 28.00 21.95
CA ARG A 321 -3.62 28.84 23.08
C ARG A 321 -2.72 29.97 22.58
N GLN A 322 -2.63 31.00 23.41
CA GLN A 322 -1.79 32.16 23.16
C GLN A 322 -0.47 32.02 23.92
N THR A 323 0.59 32.61 23.35
CA THR A 323 1.89 32.70 24.03
C THR A 323 2.50 34.04 23.71
N HIS A 324 3.66 34.30 24.34
CA HIS A 324 4.53 35.45 24.04
C HIS A 324 3.89 36.78 24.40
N GLY A 325 2.83 36.78 25.19
CA GLY A 325 2.15 38.02 25.51
C GLY A 325 1.51 38.73 24.31
N THR A 326 1.38 38.03 23.19
CA THR A 326 0.71 38.59 22.02
C THR A 326 -0.35 37.61 21.52
N GLU A 327 -1.03 38.00 20.44
CA GLU A 327 -1.97 37.12 19.76
C GLU A 327 -1.39 36.55 18.48
N PHE A 328 -0.05 36.51 18.38
CA PHE A 328 0.60 36.17 17.12
C PHE A 328 1.54 34.98 17.22
N SER A 329 1.46 34.19 18.29
CA SER A 329 2.35 33.05 18.52
C SER A 329 1.54 31.92 19.14
N ARG A 330 0.56 31.46 18.40
CA ARG A 330 -0.47 30.59 18.95
C ARG A 330 -0.13 29.13 18.66
N GLN A 331 -0.67 28.24 19.51
CA GLN A 331 -0.30 26.83 19.46
C GLN A 331 -1.52 25.97 19.68
N GLY A 332 -1.65 24.93 18.86
CA GLY A 332 -2.80 24.04 18.94
C GLY A 332 -2.78 23.20 20.19
N CYS A 333 -3.95 23.04 20.78
CA CYS A 333 -4.18 22.16 21.90
C CYS A 333 -5.41 21.32 21.60
N ALA A 334 -5.71 20.38 22.48
CA ALA A 334 -6.85 19.49 22.32
C ALA A 334 -7.24 18.91 23.66
N GLU A 335 -8.52 18.59 23.80
CA GLU A 335 -9.05 17.82 24.93
C GLU A 335 -10.05 16.79 24.43
N LYS A 336 -10.06 15.63 25.09
CA LYS A 336 -11.19 14.72 24.95
C LYS A 336 -12.48 15.40 25.39
N ILE A 337 -13.59 15.10 24.70
CA ILE A 337 -14.89 15.58 25.12
C ILE A 337 -15.85 14.40 25.20
N THR A 338 -16.99 14.64 25.83
CA THR A 338 -18.09 13.68 25.90
C THR A 338 -19.33 14.27 25.26
N ILE A 339 -19.84 13.59 24.24
CA ILE A 339 -21.15 13.91 23.67
C ILE A 339 -22.16 13.01 24.36
N LYS A 340 -23.03 13.60 25.17
CA LYS A 340 -23.99 12.89 25.98
C LYS A 340 -25.02 12.17 25.09
N PRO A 341 -25.79 11.23 25.65
CA PRO A 341 -26.81 10.56 24.83
C PRO A 341 -27.85 11.50 24.25
N ASP A 342 -28.11 12.65 24.86
CA ASP A 342 -29.04 13.63 24.28
C ASP A 342 -28.40 14.56 23.26
N GLY A 343 -27.12 14.40 22.95
CA GLY A 343 -26.46 15.23 21.95
C GLY A 343 -25.70 16.42 22.49
N SER A 344 -25.86 16.73 23.78
CA SER A 344 -25.21 17.90 24.34
C SER A 344 -23.74 17.62 24.62
N ILE A 345 -22.94 18.68 24.61
CA ILE A 345 -21.51 18.59 24.92
C ILE A 345 -21.14 19.51 26.08
N PRO A 346 -21.01 19.00 27.31
CA PRO A 346 -20.60 19.87 28.42
C PRO A 346 -19.21 20.48 28.20
N GLN A 347 -19.03 21.68 28.79
CA GLN A 347 -17.75 22.37 28.66
C GLN A 347 -16.65 21.59 29.36
N VAL A 348 -15.48 21.55 28.72
CA VAL A 348 -14.32 20.84 29.26
C VAL A 348 -13.28 21.87 29.68
N GLU A 349 -12.48 21.52 30.69
CA GLU A 349 -11.39 22.36 31.14
C GLU A 349 -10.17 22.13 30.27
N ILE A 350 -9.35 23.19 30.10
CA ILE A 350 -8.07 23.00 29.43
C ILE A 350 -7.14 22.22 30.34
N THR A 351 -6.25 21.42 29.73
CA THR A 351 -5.29 20.62 30.49
C THR A 351 -3.92 20.61 29.79
N SER A 352 -2.92 20.16 30.55
CA SER A 352 -1.57 19.92 30.04
C SER A 352 -1.41 18.54 29.43
N CYS A 353 -2.33 17.60 29.65
CA CYS A 353 -2.12 16.25 29.14
C CYS A 353 -2.94 15.95 27.90
N GLY A 354 -3.98 16.73 27.60
CA GLY A 354 -4.74 16.67 26.36
C GLY A 354 -4.95 15.33 25.67
N LEU A 355 -4.15 15.05 24.66
CA LEU A 355 -4.28 13.84 23.87
C LEU A 355 -3.65 12.62 24.52
N ASN A 356 -3.17 12.73 25.77
CA ASN A 356 -2.41 11.65 26.36
C ASN A 356 -3.26 10.44 26.72
N GLY A 357 -4.58 10.60 26.84
CA GLY A 357 -5.43 9.51 27.23
C GLY A 357 -5.40 9.18 28.70
N GLY A 358 -4.90 10.10 29.53
CA GLY A 358 -4.73 9.88 30.94
C GLY A 358 -3.71 10.86 31.47
N PRO A 359 -3.58 10.93 32.80
CA PRO A 359 -2.61 11.87 33.37
C PRO A 359 -1.19 11.47 33.02
N LEU A 360 -0.29 12.44 33.11
CA LEU A 360 1.10 12.19 32.80
C LEU A 360 1.82 11.51 33.95
N ALA A 361 2.90 10.80 33.62
CA ALA A 361 3.76 10.17 34.61
C ALA A 361 4.41 11.22 35.50
N ALA A 362 4.37 10.99 36.81
CA ALA A 362 5.11 11.86 37.74
C ALA A 362 6.54 11.35 37.95
N GLY A 363 7.18 11.06 36.82
CA GLY A 363 8.62 10.85 36.78
C GLY A 363 9.17 11.54 35.56
N GLY A 364 10.49 11.74 35.56
CA GLY A 364 11.12 12.42 34.46
C GLY A 364 10.97 13.93 34.52
N SER A 365 11.37 14.57 33.42
CA SER A 365 11.45 16.01 33.33
C SER A 365 10.41 16.56 32.37
N TYR A 366 9.97 17.79 32.64
CA TYR A 366 8.94 18.46 31.86
C TYR A 366 9.32 19.92 31.59
N SER A 367 9.00 20.39 30.39
CA SER A 367 9.10 21.81 30.10
C SER A 367 8.05 22.59 30.87
N ALA A 368 8.43 23.74 31.44
CA ALA A 368 7.45 24.60 32.09
C ALA A 368 6.44 25.17 31.11
N ALA A 369 6.75 25.15 29.80
CA ALA A 369 5.92 25.74 28.75
C ALA A 369 4.65 24.94 28.44
N ILE A 370 4.43 23.78 29.07
CA ILE A 370 3.19 23.02 28.89
C ILE A 370 2.15 23.41 29.94
N ALA A 371 2.40 24.50 30.67
CA ALA A 371 1.46 24.95 31.69
C ALA A 371 0.09 25.24 31.07
N CYS A 372 -0.95 24.76 31.74
CA CYS A 372 -2.33 25.10 31.40
C CYS A 372 -2.95 26.08 32.39
N HIS A 373 -2.20 26.44 33.43
CA HIS A 373 -2.54 27.58 34.28
C HIS A 373 -1.37 28.54 34.26
N LEU A 374 -1.66 29.84 34.08
CA LEU A 374 -0.64 30.86 33.91
C LEU A 374 -1.29 32.23 34.15
N THR A 375 -1.17 32.77 35.37
CA THR A 375 -1.76 34.06 35.70
C THR A 375 -0.86 34.86 36.64
N ASP A 376 -1.09 36.17 36.63
CA ASP A 376 -0.60 37.05 37.68
C ASP A 376 -1.68 38.10 37.96
N GLY A 377 -1.31 39.13 38.74
CA GLY A 377 -2.25 40.18 39.08
C GLY A 377 -2.64 41.09 37.93
N THR A 378 -1.99 40.96 36.78
CA THR A 378 -2.34 41.74 35.59
C THR A 378 -3.13 40.96 34.56
N THR A 379 -3.41 39.68 34.82
CA THR A 379 -4.15 38.87 33.84
C THR A 379 -5.50 39.49 33.55
N LEU A 380 -5.76 39.79 32.29
CA LEU A 380 -6.95 40.54 31.92
C LEU A 380 -8.15 39.62 31.78
N ARG A 381 -9.30 40.14 32.23
CA ARG A 381 -10.57 39.46 32.04
C ARG A 381 -11.15 39.69 30.66
N GLU A 382 -10.92 40.87 30.09
CA GLU A 382 -11.33 41.19 28.73
C GLU A 382 -10.09 41.20 27.86
N ILE A 383 -10.13 40.48 26.75
CA ILE A 383 -9.03 40.48 25.79
C ILE A 383 -8.71 41.92 25.38
N ASP A 384 -7.44 42.32 25.51
CA ASP A 384 -7.03 43.64 24.99
C ASP A 384 -5.52 43.61 24.75
N TYR A 385 -5.13 43.32 23.50
CA TYR A 385 -3.71 43.17 23.20
C TYR A 385 -3.03 44.50 22.94
N SER A 386 -3.77 45.60 22.98
CA SER A 386 -3.11 46.91 22.98
C SER A 386 -2.64 47.33 24.37
N ASP A 387 -3.14 46.69 25.42
CA ASP A 387 -2.80 47.08 26.78
C ASP A 387 -1.30 46.89 27.01
N PRO A 388 -0.58 47.93 27.44
CA PRO A 388 0.88 47.80 27.62
C PRO A 388 1.27 46.81 28.70
N VAL A 389 0.32 46.40 29.53
CA VAL A 389 0.60 45.40 30.57
C VAL A 389 0.96 44.05 29.97
N MET A 390 0.60 43.80 28.71
CA MET A 390 0.89 42.51 28.13
C MET A 390 2.39 42.27 28.03
N LYS A 391 3.15 43.34 27.76
CA LYS A 391 4.59 43.19 27.56
C LYS A 391 5.26 42.63 28.80
N THR A 392 4.84 43.06 29.98
CA THR A 392 5.51 42.66 31.21
C THR A 392 4.74 41.58 31.98
N GLN A 393 3.71 41.01 31.37
CA GLN A 393 2.94 39.95 31.98
C GLN A 393 3.68 38.62 31.95
N ILE A 394 3.39 37.76 32.93
CA ILE A 394 3.85 36.38 32.87
C ILE A 394 3.43 35.75 31.54
N GLN A 395 4.35 35.01 30.92
CA GLN A 395 4.09 34.56 29.57
C GLN A 395 5.13 33.53 29.15
N ILE A 396 4.70 32.64 28.27
CA ILE A 396 5.56 31.60 27.71
C ILE A 396 6.25 32.17 26.48
N THR A 397 7.56 32.00 26.38
CA THR A 397 8.33 32.54 25.27
C THR A 397 9.31 31.48 24.78
N GLU A 398 9.90 31.74 23.62
CA GLU A 398 10.87 30.85 23.00
C GLU A 398 12.12 31.64 22.71
N GLU A 399 13.27 30.99 22.80
CA GLU A 399 14.53 31.63 22.41
C GLU A 399 15.32 30.66 21.55
N ALA A 400 15.66 31.08 20.34
CA ALA A 400 16.38 30.23 19.42
C ALA A 400 17.75 29.89 19.99
N ARG A 401 18.16 28.64 19.80
CA ARG A 401 19.44 28.19 20.30
C ARG A 401 20.17 27.45 19.21
N ASP A 402 21.47 27.31 19.40
CA ASP A 402 22.33 26.70 18.40
C ASP A 402 21.84 25.31 18.03
N GLY A 403 21.74 25.08 16.73
CA GLY A 403 21.31 23.78 16.24
C GLY A 403 19.91 23.80 15.71
N GLY A 404 19.16 22.75 15.99
CA GLY A 404 17.80 22.64 15.51
C GLY A 404 16.79 23.39 16.35
N GLU A 405 15.60 23.56 15.77
CA GLU A 405 14.44 24.02 16.52
C GLU A 405 14.20 23.22 17.80
N ASP A 406 14.55 21.93 17.81
CA ASP A 406 14.41 21.17 19.04
C ASP A 406 15.42 21.59 20.10
N LYS A 407 16.46 22.33 19.73
CA LYS A 407 17.36 22.92 20.71
C LYS A 407 16.84 24.24 21.26
N ASN A 408 15.80 24.81 20.66
CA ASN A 408 15.32 26.10 21.12
C ASN A 408 14.82 26.01 22.55
N LEU A 409 15.08 27.03 23.31
CA LEU A 409 14.67 27.09 24.70
C LEU A 409 13.27 27.66 24.80
N HIS A 410 12.40 26.94 25.49
CA HIS A 410 11.12 27.49 25.92
C HIS A 410 11.12 27.64 27.43
N TYR A 411 10.55 28.74 27.91
CA TYR A 411 10.42 28.95 29.34
C TYR A 411 9.33 29.96 29.60
N ILE A 412 8.97 30.10 30.88
CA ILE A 412 8.04 31.12 31.33
C ILE A 412 8.87 32.24 31.89
N ARG A 413 8.60 33.46 31.43
CA ARG A 413 9.30 34.63 31.93
C ARG A 413 8.32 35.55 32.65
N GLN A 414 8.88 36.59 33.28
CA GLN A 414 8.09 37.68 33.88
C GLN A 414 7.25 37.18 35.06
N ILE A 415 7.82 36.28 35.87
CA ILE A 415 7.10 35.75 37.02
C ILE A 415 7.44 36.63 38.22
N GLY A 416 6.42 37.31 38.76
CA GLY A 416 6.55 38.12 39.96
C GLY A 416 5.57 37.68 41.03
N GLY A 417 5.56 38.46 42.12
CA GLY A 417 4.70 38.12 43.25
C GLY A 417 3.24 38.11 42.83
N GLY A 418 2.47 37.21 43.44
CA GLY A 418 1.10 36.97 43.01
C GLY A 418 0.95 36.05 41.82
N ALA A 419 2.04 35.68 41.14
CA ALA A 419 1.94 34.78 40.00
C ALA A 419 1.67 33.34 40.44
N VAL A 420 1.02 32.58 39.55
CA VAL A 420 0.77 31.15 39.73
C VAL A 420 0.92 30.45 38.38
N VAL A 421 1.58 29.29 38.41
CA VAL A 421 1.82 28.43 37.25
C VAL A 421 1.35 27.04 37.61
N GLY A 422 0.55 26.41 36.74
CA GLY A 422 -0.13 25.18 37.11
C GLY A 422 -0.22 24.20 35.96
N TYR A 423 -0.34 22.91 36.31
CA TYR A 423 -0.30 21.79 35.37
C TYR A 423 -1.39 20.78 35.73
N LYS A 424 -2.02 20.21 34.70
CA LYS A 424 -3.02 19.16 34.88
C LYS A 424 -2.79 18.08 33.83
N TYR A 425 -2.71 16.81 34.24
CA TYR A 425 -2.70 16.21 35.56
C TYR A 425 -1.52 15.25 35.62
N PHE A 426 -1.01 15.00 36.82
CA PHE A 426 0.05 14.05 37.04
C PHE A 426 -0.43 12.91 37.91
N ASP A 427 0.13 11.73 37.67
CA ASP A 427 -0.13 10.54 38.47
C ASP A 427 1.04 10.41 39.45
N PHE A 428 0.85 10.94 40.66
CA PHE A 428 1.89 10.97 41.67
C PHE A 428 2.01 9.60 42.32
N GLN A 429 3.16 8.97 42.19
CA GLN A 429 3.44 7.72 42.89
C GLN A 429 4.82 7.83 43.51
N GLY A 430 4.86 7.96 44.84
CA GLY A 430 6.13 8.03 45.54
C GLY A 430 6.95 9.26 45.22
N VAL A 431 6.31 10.38 44.91
CA VAL A 431 7.03 11.61 44.62
C VAL A 431 7.52 12.22 45.93
N MET A 432 8.82 12.43 46.03
CA MET A 432 9.46 12.99 47.22
C MET A 432 9.88 14.45 47.07
N ALA A 433 10.08 14.92 45.83
CA ALA A 433 10.64 16.26 45.63
C ALA A 433 10.45 16.67 44.18
N LEU A 434 10.67 17.96 43.92
CA LEU A 434 10.60 18.55 42.58
C LEU A 434 11.86 19.35 42.31
N ASP A 435 12.46 19.15 41.15
CA ASP A 435 13.65 19.88 40.73
C ASP A 435 13.23 20.98 39.76
N LEU A 436 13.22 22.22 40.22
CA LEU A 436 12.75 23.35 39.42
C LEU A 436 13.96 24.09 38.86
N THR A 437 14.02 24.23 37.53
CA THR A 437 15.11 24.98 36.89
C THR A 437 14.66 26.42 36.68
N VAL A 438 15.27 27.36 37.40
CA VAL A 438 14.85 28.75 37.41
C VAL A 438 16.06 29.66 37.30
N ARG A 439 15.77 30.96 37.13
CA ARG A 439 16.77 32.01 37.10
C ARG A 439 16.05 33.34 37.30
N GLY A 440 16.82 34.38 37.61
CA GLY A 440 16.30 35.72 37.75
C GLY A 440 16.82 36.35 39.02
N ASP A 441 16.22 37.49 39.38
CA ASP A 441 16.55 38.21 40.61
C ASP A 441 15.30 38.27 41.48
N ALA A 442 14.93 37.12 42.05
CA ALA A 442 13.76 37.01 42.89
C ALA A 442 14.17 36.76 44.34
N GLY A 443 13.56 37.51 45.25
CA GLY A 443 13.73 37.27 46.66
C GLY A 443 12.40 37.01 47.30
N GLY A 444 12.07 35.75 47.49
CA GLY A 444 10.79 35.44 48.07
C GLY A 444 10.55 33.96 48.19
N ARG A 445 9.29 33.57 48.07
CA ARG A 445 8.83 32.25 48.42
C ARG A 445 8.15 31.64 47.21
N LEU A 446 8.59 30.45 46.84
CA LEU A 446 7.92 29.63 45.85
C LEU A 446 7.13 28.57 46.61
N ALA A 447 5.82 28.59 46.48
CA ALA A 447 4.97 27.61 47.13
C ALA A 447 4.50 26.58 46.10
N VAL A 448 4.26 25.35 46.56
CA VAL A 448 3.77 24.28 45.73
C VAL A 448 2.43 23.80 46.28
N ALA A 449 1.43 23.68 45.41
CA ALA A 449 0.11 23.27 45.82
C ALA A 449 -0.52 22.39 44.74
N LEU A 450 -1.66 21.81 45.09
CA LEU A 450 -2.42 20.97 44.19
C LEU A 450 -3.70 21.64 43.71
N ASP A 451 -3.89 22.92 44.03
CA ASP A 451 -5.05 23.68 43.60
C ASP A 451 -4.59 25.08 43.24
N ALA A 452 -5.34 25.73 42.34
CA ALA A 452 -4.93 27.04 41.86
C ALA A 452 -5.01 28.10 42.95
N GLY A 453 -5.87 27.90 43.95
CA GLY A 453 -5.97 28.77 45.11
C GLY A 453 -4.85 28.65 46.10
N MET A 454 -3.92 27.73 45.83
CA MET A 454 -2.71 27.55 46.63
C MET A 454 -3.03 27.30 48.10
N LYS A 455 -4.19 26.66 48.36
CA LYS A 455 -4.57 26.31 49.73
C LYS A 455 -4.22 24.88 50.10
N GLN A 456 -3.99 24.02 49.11
CA GLN A 456 -3.56 22.66 49.37
C GLN A 456 -2.04 22.58 49.19
N ALA A 457 -1.35 23.24 50.13
CA ALA A 457 0.10 23.40 50.06
C ALA A 457 0.81 22.09 50.36
N VAL A 458 1.79 21.72 49.53
CA VAL A 458 2.51 20.46 49.72
C VAL A 458 4.01 20.66 49.86
N GLY A 459 4.50 21.88 49.82
CA GLY A 459 5.93 22.14 49.93
C GLY A 459 6.18 23.58 49.52
N GLY A 460 7.43 23.99 49.66
CA GLY A 460 7.80 25.36 49.34
C GLY A 460 9.29 25.57 49.48
N ALA A 461 9.77 26.61 48.81
CA ALA A 461 11.19 26.94 48.83
C ALA A 461 11.39 28.43 49.00
N ASP A 462 12.42 28.80 49.78
CA ASP A 462 12.96 30.15 49.73
C ASP A 462 13.61 30.37 48.37
N LEU A 463 13.35 31.50 47.75
CA LEU A 463 13.96 31.83 46.48
C LEU A 463 15.00 32.91 46.72
N ALA A 464 16.27 32.53 46.63
CA ALA A 464 17.39 33.45 46.79
C ALA A 464 18.25 33.29 45.54
N LEU A 465 17.91 34.06 44.51
CA LEU A 465 18.69 34.09 43.27
C LEU A 465 18.69 35.52 42.76
N ASN A 466 19.87 36.11 42.61
CA ASN A 466 20.00 37.48 42.15
C ASN A 466 21.20 37.53 41.20
N GLY A 467 21.06 36.87 40.05
CA GLY A 467 22.11 36.87 39.05
C GLY A 467 21.51 36.81 37.66
N GLY A 468 21.65 35.65 37.01
CA GLY A 468 21.03 35.47 35.70
C GLY A 468 21.45 34.22 34.96
N GLY A 469 21.82 33.18 35.70
CA GLY A 469 22.14 31.88 35.12
C GLY A 469 21.23 30.81 35.67
N TRP A 470 20.80 29.90 34.78
CA TRP A 470 19.87 28.84 35.17
C TRP A 470 20.41 28.04 36.35
N GLN A 471 19.50 27.52 37.18
CA GLN A 471 19.88 26.69 38.31
C GLN A 471 18.69 25.85 38.74
N THR A 472 18.99 24.69 39.31
CA THR A 472 17.99 23.74 39.77
C THR A 472 17.82 23.88 41.27
N VAL A 473 16.57 23.86 41.73
CA VAL A 473 16.23 23.96 43.14
C VAL A 473 15.36 22.77 43.48
N ARG A 474 15.81 21.96 44.44
CA ARG A 474 15.03 20.82 44.87
C ARG A 474 14.05 21.27 45.94
N ILE A 475 12.77 20.97 45.73
CA ILE A 475 11.75 21.36 46.70
C ILE A 475 11.08 20.08 47.21
N PRO A 476 11.26 19.69 48.46
CA PRO A 476 10.59 18.49 48.96
C PRO A 476 9.08 18.72 49.01
N VAL A 477 8.32 17.67 48.71
CA VAL A 477 6.87 17.77 48.68
C VAL A 477 6.27 16.52 49.33
N THR A 478 5.22 16.72 50.11
CA THR A 478 4.42 15.64 50.66
C THR A 478 3.12 15.64 49.86
N VAL A 479 3.05 14.75 48.88
CA VAL A 479 1.87 14.59 48.05
C VAL A 479 1.43 13.13 48.16
N PRO A 480 0.20 12.85 48.56
CA PRO A 480 -0.26 11.47 48.60
C PRO A 480 -0.39 10.92 47.19
N ASN A 481 -0.23 9.60 47.06
CA ASN A 481 -0.30 9.01 45.74
C ASN A 481 -1.68 9.24 45.12
N GLY A 482 -1.72 9.19 43.80
CA GLY A 482 -2.94 9.46 43.06
C GLY A 482 -2.76 10.60 42.08
N VAL A 483 -3.86 10.90 41.38
CA VAL A 483 -3.87 11.91 40.32
C VAL A 483 -4.11 13.27 40.95
N HIS A 484 -3.23 14.24 40.61
CA HIS A 484 -3.36 15.62 41.06
C HIS A 484 -2.92 16.60 39.99
N ALA A 485 -3.50 17.80 40.08
CA ALA A 485 -2.96 19.02 39.47
C ALA A 485 -1.79 19.53 40.31
N LEU A 486 -0.93 20.33 39.68
CA LEU A 486 0.31 20.79 40.30
C LEU A 486 0.47 22.29 40.06
N TYR A 487 0.66 23.06 41.13
CA TYR A 487 0.73 24.50 41.01
C TYR A 487 1.93 25.08 41.75
N PHE A 488 2.56 26.06 41.13
CA PHE A 488 3.65 26.81 41.72
C PHE A 488 3.19 28.26 41.88
N GLY A 489 3.30 28.79 43.09
CA GLY A 489 2.93 30.17 43.37
C GLY A 489 4.11 30.93 43.93
N TYR A 490 4.30 32.16 43.43
CA TYR A 490 5.43 32.99 43.85
C TYR A 490 4.95 34.17 44.68
N THR A 491 5.70 34.47 45.75
CA THR A 491 5.38 35.55 46.67
C THR A 491 6.64 36.28 47.04
N GLY A 492 6.65 37.60 46.86
CA GLY A 492 7.84 38.37 47.13
C GLY A 492 8.17 39.29 46.01
N GLU A 493 9.41 39.78 46.01
CA GLU A 493 9.88 40.79 45.08
C GLU A 493 10.75 40.16 44.00
N GLY A 494 10.95 40.93 42.94
CA GLY A 494 11.77 40.51 41.82
C GLY A 494 10.95 39.77 40.78
N ARG A 495 11.64 39.33 39.73
CA ARG A 495 11.02 38.48 38.72
C ARG A 495 11.87 37.23 38.57
N LEU A 496 11.25 36.14 38.15
CA LEU A 496 11.99 34.93 37.86
C LEU A 496 11.50 34.33 36.56
N GLU A 497 12.34 33.47 35.98
CA GLU A 497 12.03 32.71 34.79
C GLU A 497 12.13 31.23 35.14
N PHE A 498 11.29 30.42 34.49
CA PHE A 498 11.07 29.03 34.89
C PHE A 498 11.08 28.19 33.61
N SER A 499 12.06 27.30 33.47
CA SER A 499 12.22 26.57 32.20
C SER A 499 11.81 25.11 32.26
N ASP A 500 12.11 24.39 33.35
CA ASP A 500 11.76 22.97 33.44
C ASP A 500 11.53 22.55 34.88
N PHE A 501 10.78 21.46 35.04
CA PHE A 501 10.67 20.83 36.34
C PHE A 501 10.72 19.33 36.15
N ALA A 502 11.25 18.64 37.16
CA ALA A 502 11.40 17.19 37.12
C ALA A 502 10.97 16.58 38.45
N PHE A 503 10.45 15.37 38.36
CA PHE A 503 9.95 14.65 39.52
C PHE A 503 11.08 13.83 40.14
N VAL A 504 11.21 13.90 41.46
CA VAL A 504 12.20 13.11 42.20
C VAL A 504 11.43 12.05 42.99
N THR A 505 11.57 10.80 42.60
CA THR A 505 10.84 9.72 43.27
C THR A 505 11.79 8.83 44.06
N ALA A 506 11.21 7.89 44.78
CA ALA A 506 11.91 7.02 45.72
C ALA A 506 12.82 6.03 44.99
N HIS B 1 32.00 28.02 -3.46
CA HIS B 1 32.62 26.71 -3.30
C HIS B 1 31.56 25.61 -3.23
N GLY B 2 31.98 24.40 -3.60
CA GLY B 2 31.06 23.27 -3.60
C GLY B 2 29.94 23.50 -4.58
N MET B 3 28.75 23.03 -4.20
CA MET B 3 27.59 23.16 -5.07
C MET B 3 27.13 24.60 -5.22
N ALA B 4 27.44 25.46 -4.24
CA ALA B 4 27.13 26.87 -4.36
C ALA B 4 27.96 27.55 -5.44
N SER B 5 28.95 26.87 -6.00
CA SER B 5 29.89 27.50 -6.92
C SER B 5 29.16 28.09 -8.12
N MET B 6 29.45 29.36 -8.43
CA MET B 6 28.87 30.00 -9.60
C MET B 6 29.48 29.53 -10.91
N LYS B 7 30.61 28.82 -10.88
CA LYS B 7 31.21 28.29 -12.09
C LYS B 7 31.10 26.77 -12.18
N GLN B 8 30.24 26.15 -11.36
CA GLN B 8 29.96 24.73 -11.42
C GLN B 8 28.48 24.52 -11.69
N ILE B 9 28.15 23.41 -12.36
CA ILE B 9 26.76 22.95 -12.44
C ILE B 9 26.75 21.44 -12.27
N THR B 10 25.63 20.92 -11.80
CA THR B 10 25.43 19.49 -11.59
C THR B 10 24.26 19.01 -12.43
N ASN B 11 24.01 17.70 -12.36
CA ASN B 11 22.77 17.05 -12.78
C ASN B 11 21.91 16.84 -11.54
N PRO B 12 20.62 17.14 -11.56
CA PRO B 12 19.85 17.78 -12.63
C PRO B 12 20.34 19.23 -12.85
N TYR B 13 20.21 19.77 -14.07
CA TYR B 13 20.84 21.05 -14.39
C TYR B 13 20.03 22.24 -13.89
N LEU B 14 18.72 22.09 -13.75
CA LEU B 14 17.89 23.13 -13.14
C LEU B 14 17.95 22.95 -11.63
N PRO B 15 17.49 23.95 -10.85
CA PRO B 15 17.51 23.79 -9.38
C PRO B 15 16.70 22.58 -8.92
N LEU B 16 17.11 22.03 -7.78
CA LEU B 16 16.53 20.79 -7.27
C LEU B 16 15.04 20.90 -6.99
N TYR B 17 14.50 22.10 -6.78
CA TYR B 17 13.08 22.35 -6.54
C TYR B 17 12.26 22.50 -7.82
N GLU B 18 12.87 22.24 -8.97
CA GLU B 18 12.17 22.31 -10.24
C GLU B 18 12.05 20.91 -10.83
N TYR B 19 10.92 20.62 -11.46
CA TYR B 19 10.68 19.30 -12.02
C TYR B 19 10.16 19.48 -13.44
N VAL B 20 11.08 19.54 -14.40
CA VAL B 20 10.76 19.68 -15.81
C VAL B 20 11.23 18.41 -16.52
N PRO B 21 10.35 17.41 -16.67
CA PRO B 21 10.69 16.23 -17.49
C PRO B 21 10.38 16.46 -18.95
N ASP B 22 10.68 15.47 -19.81
CA ASP B 22 10.30 15.52 -21.23
C ASP B 22 10.93 16.68 -21.99
N GLY B 23 12.06 17.20 -21.53
CA GLY B 23 12.56 18.46 -22.07
C GLY B 23 13.09 18.29 -23.48
N GLU B 24 12.63 19.15 -24.39
CA GLU B 24 13.21 19.24 -25.72
C GLU B 24 14.20 20.38 -25.71
N PRO B 25 15.47 20.14 -25.98
CA PRO B 25 16.45 21.23 -26.00
C PRO B 25 16.54 21.94 -27.34
N HIS B 26 16.47 23.27 -27.33
CA HIS B 26 16.50 24.05 -28.56
C HIS B 26 17.30 25.33 -28.38
N VAL B 27 18.19 25.63 -29.33
CA VAL B 27 18.97 26.86 -29.30
C VAL B 27 18.25 27.93 -30.11
N PHE B 28 17.86 29.01 -29.46
CA PHE B 28 17.17 30.12 -30.11
C PHE B 28 17.84 31.42 -29.70
N ASP B 29 18.37 32.15 -30.68
CA ASP B 29 19.02 33.43 -30.45
C ASP B 29 20.08 33.33 -29.36
N GLY B 30 21.03 32.42 -29.57
CA GLY B 30 22.18 32.33 -28.70
C GLY B 30 21.92 31.79 -27.31
N ARG B 31 20.72 31.27 -27.06
CA ARG B 31 20.38 30.69 -25.77
C ARG B 31 19.80 29.31 -25.99
N LEU B 32 20.13 28.38 -25.10
CA LEU B 32 19.54 27.05 -25.13
C LEU B 32 18.32 27.04 -24.22
N TYR B 33 17.15 26.76 -24.79
CA TYR B 33 15.90 26.67 -24.05
C TYR B 33 15.54 25.20 -23.84
N ILE B 34 14.89 24.91 -22.72
CA ILE B 34 14.34 23.58 -22.48
C ILE B 34 12.83 23.68 -22.42
N TYR B 35 12.17 22.94 -23.29
CA TYR B 35 10.72 22.90 -23.39
C TYR B 35 10.26 21.50 -22.94
N GLY B 36 9.90 21.37 -21.67
CA GLY B 36 9.45 20.11 -21.14
C GLY B 36 8.02 20.20 -20.64
N SER B 37 7.56 19.09 -20.10
CA SER B 37 6.40 19.08 -19.21
C SER B 37 6.80 19.73 -17.89
N HIS B 38 5.92 19.64 -16.90
CA HIS B 38 6.21 20.25 -15.61
C HIS B 38 5.60 19.37 -14.53
N ASP B 39 6.43 18.60 -13.85
CA ASP B 39 5.99 17.78 -12.74
C ASP B 39 6.00 18.63 -11.46
N LEU B 40 5.30 18.15 -10.44
CA LEU B 40 5.37 18.69 -9.09
C LEU B 40 6.17 17.76 -8.19
N ALA B 41 6.96 18.34 -7.29
CA ALA B 41 7.54 17.52 -6.23
C ALA B 41 6.41 16.87 -5.46
N GLY B 42 6.50 15.56 -5.26
CA GLY B 42 5.43 14.86 -4.58
C GLY B 42 4.20 14.68 -5.42
N GLY B 43 4.32 14.80 -6.75
CA GLY B 43 3.15 14.74 -7.60
C GLY B 43 2.48 13.39 -7.58
N THR B 44 1.19 13.39 -7.90
CA THR B 44 0.37 12.17 -7.92
C THR B 44 -0.14 11.80 -9.31
N ARG B 45 0.12 12.62 -10.32
CA ARG B 45 -0.17 12.31 -11.70
C ARG B 45 0.94 12.92 -12.54
N TYR B 46 1.01 12.49 -13.79
CA TYR B 46 2.00 13.03 -14.72
C TYR B 46 1.73 14.50 -14.98
N CYS B 47 2.79 15.32 -14.92
CA CYS B 47 2.78 16.64 -15.55
C CYS B 47 1.69 17.56 -15.00
N GLN B 48 1.73 17.84 -13.68
CA GLN B 48 0.58 18.56 -13.14
C GLN B 48 0.67 20.08 -13.27
N GLY B 49 1.84 20.63 -13.69
CA GLY B 49 1.98 22.08 -13.77
C GLY B 49 1.69 22.65 -15.17
N ASP B 50 1.53 23.98 -15.22
CA ASP B 50 1.53 24.66 -16.50
C ASP B 50 2.94 24.65 -17.08
N TYR B 51 3.04 24.66 -18.40
CA TYR B 51 4.33 24.69 -19.06
C TYR B 51 5.10 25.93 -18.65
N VAL B 52 6.39 25.74 -18.37
CA VAL B 52 7.36 26.81 -18.15
C VAL B 52 8.51 26.60 -19.14
N THR B 53 9.42 27.58 -19.18
CA THR B 53 10.69 27.36 -19.86
C THR B 53 11.81 27.97 -19.03
N TRP B 54 13.03 27.45 -19.22
CA TRP B 54 14.27 27.97 -18.65
C TRP B 54 15.30 28.02 -19.77
N SER B 55 16.28 28.92 -19.66
CA SER B 55 17.29 29.02 -20.70
C SER B 55 18.67 29.34 -20.13
N ALA B 56 19.69 28.90 -20.86
CA ALA B 56 21.07 29.23 -20.60
C ALA B 56 21.70 29.81 -21.86
N PRO B 57 22.61 30.76 -21.74
CA PRO B 57 23.37 31.20 -22.92
C PRO B 57 24.26 30.08 -23.40
N VAL B 58 24.40 29.95 -24.73
CA VAL B 58 25.09 28.78 -25.27
C VAL B 58 26.55 28.76 -24.86
N ASP B 59 27.12 29.92 -24.57
CA ASP B 59 28.50 29.92 -24.11
C ASP B 59 28.65 29.70 -22.61
N ASP B 60 27.54 29.62 -21.84
CA ASP B 60 27.62 29.32 -20.39
C ASP B 60 26.43 28.43 -20.00
N LEU B 61 26.59 27.12 -20.21
CA LEU B 61 25.50 26.20 -19.90
C LEU B 61 25.36 25.91 -18.41
N LYS B 62 26.13 26.59 -17.57
CA LYS B 62 26.04 26.47 -16.13
C LYS B 62 25.08 27.48 -15.51
N SER B 63 24.47 28.35 -16.31
CA SER B 63 23.71 29.51 -15.81
C SER B 63 22.33 29.48 -16.44
N TRP B 64 21.40 28.78 -15.79
CA TRP B 64 20.03 28.66 -16.26
C TRP B 64 19.16 29.68 -15.55
N ARG B 65 18.40 30.46 -16.33
CA ARG B 65 17.43 31.36 -15.74
C ARG B 65 16.00 30.96 -16.13
N TYR B 66 15.08 31.20 -15.20
CA TYR B 66 13.67 30.86 -15.32
C TYR B 66 12.92 31.92 -16.12
N GLU B 67 12.28 31.53 -17.22
CA GLU B 67 11.59 32.50 -18.05
C GLU B 67 10.12 32.69 -17.71
N GLY B 68 9.57 31.94 -16.77
CA GLY B 68 8.17 32.07 -16.39
C GLY B 68 7.28 31.03 -17.04
N VAL B 69 5.97 31.13 -16.75
CA VAL B 69 4.97 30.23 -17.30
C VAL B 69 4.65 30.67 -18.71
N ILE B 70 4.62 29.72 -19.65
CA ILE B 70 4.48 30.03 -21.06
C ILE B 70 3.16 29.55 -21.66
N TYR B 71 2.43 28.67 -20.98
CA TYR B 71 1.18 28.17 -21.55
C TYR B 71 0.45 27.43 -20.45
N ARG B 72 -0.87 27.60 -20.38
CA ARG B 72 -1.64 27.09 -19.25
C ARG B 72 -2.61 26.01 -19.70
N LYS B 73 -3.01 25.17 -18.74
CA LYS B 73 -3.76 23.97 -19.05
C LYS B 73 -5.10 24.28 -19.71
N ASP B 74 -5.73 25.40 -19.35
CA ASP B 74 -7.05 25.71 -19.89
C ASP B 74 -7.02 26.62 -21.11
N GLN B 75 -5.86 26.82 -21.75
CA GLN B 75 -5.88 27.63 -22.96
C GLN B 75 -6.39 26.84 -24.14
N ASP B 76 -6.25 25.52 -24.12
CA ASP B 76 -6.77 24.70 -25.21
C ASP B 76 -8.28 24.65 -25.10
N PRO B 77 -9.01 24.94 -26.18
CA PRO B 77 -10.48 24.83 -26.14
C PRO B 77 -11.00 23.46 -25.72
N LEU B 78 -10.25 22.38 -25.89
CA LEU B 78 -10.73 21.08 -25.42
C LEU B 78 -10.60 20.90 -23.91
N ASN B 79 -9.96 21.83 -23.20
CA ASN B 79 -9.73 21.71 -21.76
C ASN B 79 -10.19 22.94 -21.00
N PRO B 80 -11.46 23.37 -21.18
CA PRO B 80 -11.88 24.63 -20.57
C PRO B 80 -11.90 24.60 -19.05
N ASP B 81 -12.12 23.44 -18.44
CA ASP B 81 -12.05 23.31 -16.99
C ASP B 81 -10.64 23.04 -16.48
N GLY B 82 -9.70 22.78 -17.39
CA GLY B 82 -8.32 22.56 -17.01
C GLY B 82 -8.06 21.34 -16.15
N ASN B 83 -8.90 20.30 -16.25
CA ASN B 83 -8.66 19.07 -15.48
C ASN B 83 -7.70 18.13 -16.18
N MET B 84 -7.64 18.17 -17.50
CA MET B 84 -6.64 17.40 -18.22
C MET B 84 -5.28 18.09 -18.12
N GLU B 85 -4.25 17.30 -17.85
CA GLU B 85 -2.91 17.86 -17.89
C GLU B 85 -2.45 18.00 -19.34
N MET B 86 -1.40 18.80 -19.53
CA MET B 86 -0.74 18.92 -20.82
C MET B 86 0.53 18.06 -20.78
N TRP B 87 0.73 17.23 -21.78
CA TRP B 87 1.85 16.31 -21.68
C TRP B 87 3.04 16.85 -22.48
N ALA B 88 3.98 15.99 -22.82
CA ALA B 88 5.29 16.43 -23.29
C ALA B 88 5.18 17.31 -24.53
N PRO B 89 5.69 18.51 -24.52
CA PRO B 89 5.56 19.38 -25.69
C PRO B 89 6.82 19.48 -26.53
N ASP B 90 6.69 20.16 -27.66
CA ASP B 90 7.83 20.58 -28.44
C ASP B 90 7.55 21.98 -28.98
N VAL B 91 8.61 22.69 -29.33
CA VAL B 91 8.54 24.06 -29.84
C VAL B 91 9.44 24.15 -31.07
N THR B 92 8.95 24.76 -32.12
CA THR B 92 9.74 24.98 -33.32
C THR B 92 9.58 26.42 -33.76
N ARG B 93 10.69 27.02 -34.23
CA ARG B 93 10.62 28.32 -34.90
C ARG B 93 10.20 28.07 -36.34
N GLY B 94 8.99 28.51 -36.69
CA GLY B 94 8.42 28.17 -37.97
C GLY B 94 8.90 29.08 -39.07
N PRO B 95 8.48 28.77 -40.30
CA PRO B 95 8.96 29.56 -41.44
C PRO B 95 8.61 31.03 -41.37
N ASP B 96 7.65 31.42 -40.54
CA ASP B 96 7.27 32.82 -40.41
C ASP B 96 8.06 33.54 -39.33
N GLY B 97 8.99 32.84 -38.66
CA GLY B 97 9.75 33.42 -37.58
C GLY B 97 9.05 33.40 -36.23
N ARG B 98 7.82 32.93 -36.14
CA ARG B 98 7.16 32.81 -34.85
C ARG B 98 7.38 31.41 -34.28
N TYR B 99 7.07 31.26 -33.00
CA TYR B 99 7.35 30.01 -32.31
C TYR B 99 6.05 29.23 -32.10
N TYR B 100 6.10 27.93 -32.36
CA TYR B 100 4.91 27.07 -32.38
C TYR B 100 5.10 25.92 -31.41
N LEU B 101 4.24 25.87 -30.40
CA LEU B 101 4.26 24.83 -29.38
C LEU B 101 3.26 23.75 -29.75
N TYR B 102 3.70 22.51 -29.82
CA TYR B 102 2.83 21.36 -30.08
C TYR B 102 2.71 20.52 -28.81
N TYR B 103 1.50 20.00 -28.55
CA TYR B 103 1.31 19.23 -27.33
C TYR B 103 0.07 18.37 -27.46
N CYS B 104 -0.05 17.44 -26.54
CA CYS B 104 -1.25 16.62 -26.39
C CYS B 104 -1.76 16.76 -24.96
N LEU B 105 -3.05 16.96 -24.81
CA LEU B 105 -3.67 16.76 -23.51
C LEU B 105 -3.59 15.27 -23.14
N SER B 106 -3.65 15.01 -21.83
CA SER B 106 -3.41 13.66 -21.29
C SER B 106 -4.28 12.60 -21.95
N PHE B 107 -3.67 11.84 -22.88
CA PHE B 107 -4.35 10.83 -23.70
C PHE B 107 -5.54 11.38 -24.46
N TYR B 108 -5.49 12.67 -24.79
CA TYR B 108 -6.54 13.07 -25.71
C TYR B 108 -6.04 12.92 -27.16
N PRO B 109 -6.85 12.37 -28.08
CA PRO B 109 -6.36 12.12 -29.44
C PRO B 109 -6.46 13.34 -30.35
N ALA B 110 -5.60 14.32 -30.11
CA ALA B 110 -5.50 15.54 -30.92
C ALA B 110 -4.19 16.23 -30.57
N VAL B 111 -3.60 16.91 -31.56
CA VAL B 111 -2.38 17.67 -31.36
C VAL B 111 -2.76 19.15 -31.34
N GLY B 112 -2.64 19.76 -30.17
CA GLY B 112 -2.85 21.18 -30.06
C GLY B 112 -1.62 21.94 -30.45
N VAL B 113 -1.83 23.18 -30.88
CA VAL B 113 -0.75 24.03 -31.35
C VAL B 113 -0.96 25.42 -30.79
N ALA B 114 0.10 26.00 -30.26
CA ALA B 114 0.05 27.36 -29.74
C ALA B 114 1.21 28.15 -30.36
N VAL B 115 1.07 29.49 -30.37
CA VAL B 115 1.97 30.33 -31.13
C VAL B 115 2.45 31.49 -30.26
N SER B 116 3.69 31.89 -30.46
CA SER B 116 4.26 33.01 -29.72
C SER B 116 5.23 33.77 -30.62
N ASP B 117 5.40 35.06 -30.32
CA ASP B 117 6.42 35.85 -30.99
C ASP B 117 7.79 35.68 -30.36
N SER B 118 7.85 35.21 -29.12
CA SER B 118 9.08 35.03 -28.37
C SER B 118 9.30 33.57 -28.04
N PRO B 119 10.56 33.13 -27.92
CA PRO B 119 10.80 31.74 -27.48
C PRO B 119 10.54 31.52 -26.00
N ALA B 120 10.29 32.59 -25.24
CA ALA B 120 9.98 32.49 -23.82
C ALA B 120 8.49 32.69 -23.55
N GLY B 121 7.64 32.51 -24.55
CA GLY B 121 6.21 32.72 -24.39
C GLY B 121 5.85 34.18 -24.33
N PRO B 122 4.63 34.49 -23.88
CA PRO B 122 3.53 33.58 -23.55
C PRO B 122 2.98 32.99 -24.84
N PHE B 123 2.49 31.77 -24.82
CA PHE B 123 1.99 31.16 -26.04
C PHE B 123 0.49 31.31 -26.06
N GLN B 124 -0.06 31.34 -27.25
CA GLN B 124 -1.48 31.61 -27.42
C GLN B 124 -2.02 30.52 -28.33
N PHE B 125 -3.13 29.91 -27.95
CA PHE B 125 -3.69 28.81 -28.73
C PHE B 125 -3.92 29.23 -30.18
N HIS B 126 -3.54 28.34 -31.08
CA HIS B 126 -3.51 28.56 -32.53
C HIS B 126 -4.43 27.63 -33.30
N GLY B 127 -4.43 26.35 -32.98
CA GLY B 127 -5.36 25.41 -33.59
C GLY B 127 -4.98 23.99 -33.22
N HIS B 128 -5.76 23.06 -33.76
CA HIS B 128 -5.42 21.65 -33.70
C HIS B 128 -4.94 21.17 -35.06
N VAL B 129 -4.01 20.23 -35.08
CA VAL B 129 -3.52 19.69 -36.35
C VAL B 129 -4.67 18.97 -37.08
N LYS B 130 -4.76 19.20 -38.39
CA LYS B 130 -5.92 18.69 -39.12
C LYS B 130 -5.53 18.17 -40.49
N TYR B 131 -6.43 17.39 -41.06
CA TYR B 131 -6.32 16.97 -42.44
C TYR B 131 -6.58 18.14 -43.38
N PRO B 132 -6.08 18.08 -44.61
CA PRO B 132 -6.46 19.07 -45.60
C PRO B 132 -7.87 18.78 -46.08
N ALA B 133 -8.40 19.71 -46.89
CA ALA B 133 -9.82 19.64 -47.25
C ALA B 133 -10.13 18.37 -48.04
N HIS B 134 -9.16 17.82 -48.76
CA HIS B 134 -9.44 16.70 -49.65
C HIS B 134 -9.21 15.33 -49.02
N ILE B 135 -8.84 15.28 -47.73
CA ILE B 135 -8.68 14.02 -47.01
C ILE B 135 -9.57 14.08 -45.78
N GLN B 136 -10.45 13.08 -45.64
CA GLN B 136 -11.24 12.88 -44.43
C GLN B 136 -12.02 14.13 -44.06
N GLY B 137 -12.43 14.90 -45.06
CA GLY B 137 -13.25 16.08 -44.80
C GLY B 137 -12.53 17.21 -44.11
N GLY B 138 -11.20 17.21 -44.07
CA GLY B 138 -10.48 18.26 -43.38
C GLY B 138 -10.62 18.25 -41.87
N LYS B 139 -10.89 17.09 -41.29
CA LYS B 139 -11.20 17.05 -39.87
C LYS B 139 -9.94 17.12 -39.02
N THR B 140 -10.13 17.31 -37.73
CA THR B 140 -9.02 17.24 -36.79
C THR B 140 -8.38 15.85 -36.85
N LEU B 141 -7.05 15.81 -36.87
CA LEU B 141 -6.36 14.54 -36.96
C LEU B 141 -6.51 13.80 -35.63
N ALA B 142 -7.04 12.58 -35.68
CA ALA B 142 -7.23 11.85 -34.43
C ALA B 142 -6.82 10.39 -34.56
N GLU B 143 -6.09 10.04 -35.61
CA GLU B 143 -5.82 8.65 -35.97
C GLU B 143 -4.42 8.24 -35.54
N PHE B 144 -4.26 6.93 -35.28
CA PHE B 144 -2.96 6.34 -34.96
C PHE B 144 -2.38 6.91 -33.68
N MET B 145 -3.26 7.35 -32.78
CA MET B 145 -2.97 7.82 -31.43
C MET B 145 -2.05 9.03 -31.45
N PRO B 146 -2.56 10.24 -31.68
CA PRO B 146 -1.76 11.44 -31.43
C PRO B 146 -1.22 11.42 -30.01
N PHE B 147 0.08 11.68 -29.89
CA PHE B 147 0.81 11.46 -28.64
C PHE B 147 2.25 11.92 -28.79
N ASP B 148 2.79 12.61 -27.79
CA ASP B 148 4.20 12.97 -27.73
C ASP B 148 4.71 13.68 -28.99
N PRO B 149 4.07 14.76 -29.42
CA PRO B 149 4.47 15.37 -30.69
C PRO B 149 5.91 15.86 -30.65
N ALA B 150 6.56 15.81 -31.81
CA ALA B 150 7.83 16.45 -32.04
C ALA B 150 7.76 17.04 -33.44
N VAL B 151 8.39 18.18 -33.63
N VAL B 151 8.38 18.19 -33.64
CA VAL B 151 8.29 18.92 -34.89
CA VAL B 151 8.29 18.89 -34.91
C VAL B 151 9.68 19.34 -35.35
C VAL B 151 9.66 19.34 -35.35
N LEU B 152 9.88 19.30 -36.66
CA LEU B 152 11.08 19.83 -37.30
C LEU B 152 10.67 20.85 -38.33
N THR B 153 11.23 22.04 -38.23
CA THR B 153 11.26 22.99 -39.34
C THR B 153 12.64 22.87 -39.99
N ASP B 154 12.67 22.29 -41.19
CA ASP B 154 13.90 21.93 -41.88
C ASP B 154 14.60 23.17 -42.43
N ALA B 155 15.77 22.95 -43.04
CA ALA B 155 16.54 24.07 -43.59
C ALA B 155 15.83 24.71 -44.79
N ASP B 156 15.02 23.95 -45.51
CA ASP B 156 14.30 24.44 -46.69
C ASP B 156 12.96 25.06 -46.33
N GLY B 157 12.68 25.22 -45.04
CA GLY B 157 11.42 25.73 -44.58
C GLY B 157 10.29 24.74 -44.54
N ARG B 158 10.56 23.45 -44.77
CA ARG B 158 9.52 22.44 -44.65
C ARG B 158 9.41 21.98 -43.21
N VAL B 159 8.18 21.65 -42.81
CA VAL B 159 7.83 21.34 -41.44
C VAL B 159 7.33 19.91 -41.40
N TYR B 160 7.90 19.11 -40.48
CA TYR B 160 7.54 17.70 -40.32
C TYR B 160 7.11 17.42 -38.89
N LEU B 161 6.07 16.62 -38.75
CA LEU B 161 5.53 16.23 -37.45
C LEU B 161 5.78 14.75 -37.20
N TYR B 162 6.08 14.39 -35.95
CA TYR B 162 6.27 13.01 -35.55
C TYR B 162 5.46 12.78 -34.28
N TYR B 163 4.87 11.58 -34.16
CA TYR B 163 4.13 11.26 -32.95
C TYR B 163 3.84 9.77 -32.89
N GLY B 164 3.32 9.35 -31.74
CA GLY B 164 2.72 8.04 -31.59
C GLY B 164 3.00 7.38 -30.26
N PHE B 165 2.20 6.36 -29.97
CA PHE B 165 2.28 5.60 -28.73
C PHE B 165 2.06 4.15 -29.12
N SER B 166 3.09 3.33 -28.92
CA SER B 166 3.14 1.96 -29.43
C SER B 166 3.56 1.01 -28.31
N PRO B 167 2.63 0.66 -27.42
CA PRO B 167 2.98 -0.28 -26.34
C PRO B 167 3.23 -1.67 -26.89
N VAL B 168 4.35 -2.26 -26.48
CA VAL B 168 4.69 -3.59 -26.97
C VAL B 168 3.99 -4.69 -26.20
N LYS B 169 3.41 -4.39 -25.04
CA LYS B 169 2.74 -5.39 -24.23
C LYS B 169 1.71 -4.71 -23.34
N GLU B 170 0.94 -5.52 -22.62
CA GLU B 170 -0.14 -4.99 -21.80
C GLU B 170 0.38 -4.28 -20.55
N MET B 171 1.51 -4.72 -20.00
CA MET B 171 2.11 -3.98 -18.89
C MET B 171 2.44 -2.55 -19.27
N ALA B 172 2.65 -2.27 -20.55
CA ALA B 172 2.97 -0.93 -20.99
C ALA B 172 1.76 -0.04 -21.23
N LEU B 173 0.56 -0.62 -21.30
CA LEU B 173 -0.65 0.18 -21.44
C LEU B 173 -0.78 1.18 -20.29
N PRO B 174 -1.39 2.33 -20.53
CA PRO B 174 -1.62 3.27 -19.42
C PRO B 174 -2.67 2.72 -18.45
N SER B 175 -2.62 3.24 -17.24
CA SER B 175 -3.62 2.96 -16.24
C SER B 175 -4.88 3.79 -16.50
N PRO B 176 -6.02 3.41 -15.92
CA PRO B 176 -7.23 4.21 -16.12
C PRO B 176 -7.10 5.64 -15.60
N GLU B 177 -6.37 5.84 -14.50
CA GLU B 177 -6.14 7.19 -13.99
C GLU B 177 -5.52 8.10 -15.05
N GLU B 178 -4.90 7.52 -16.08
CA GLU B 178 -4.30 8.30 -17.14
C GLU B 178 -5.29 8.67 -18.24
N LEU B 179 -6.40 7.94 -18.36
CA LEU B 179 -7.44 8.36 -19.27
C LEU B 179 -8.41 9.34 -18.62
N GLN B 180 -8.59 9.22 -17.31
CA GLN B 180 -9.43 10.14 -16.57
C GLN B 180 -8.70 11.46 -16.38
N ALA B 181 -9.44 12.56 -16.52
CA ALA B 181 -8.88 13.83 -16.13
C ALA B 181 -8.74 13.86 -14.61
N ALA B 182 -8.08 14.90 -14.11
CA ALA B 182 -7.90 15.03 -12.67
C ALA B 182 -9.25 15.13 -11.98
N GLY B 183 -9.50 14.25 -11.02
CA GLY B 183 -10.76 14.27 -10.31
C GLY B 183 -11.96 13.84 -11.13
N GLN B 184 -11.74 13.09 -12.21
CA GLN B 184 -12.80 12.73 -13.13
C GLN B 184 -13.04 11.21 -13.08
N SER B 185 -14.29 10.84 -12.88
CA SER B 185 -14.69 9.46 -12.91
C SER B 185 -14.59 8.92 -14.33
N PHE B 186 -14.21 7.65 -14.45
CA PHE B 186 -14.09 7.03 -15.77
C PHE B 186 -15.44 6.61 -16.35
N PHE B 187 -16.55 6.94 -15.68
CA PHE B 187 -17.85 6.88 -16.33
C PHE B 187 -18.19 8.19 -17.01
N ASP B 188 -17.35 9.20 -16.87
CA ASP B 188 -17.63 10.48 -17.51
C ASP B 188 -17.63 10.33 -19.03
N ASP B 189 -18.47 11.11 -19.69
CA ASP B 189 -18.60 11.03 -21.14
C ASP B 189 -17.27 11.34 -21.85
N GLU B 190 -16.47 12.25 -21.28
CA GLU B 190 -15.15 12.54 -21.82
C GLU B 190 -14.29 11.29 -21.90
N VAL B 191 -14.38 10.40 -20.89
CA VAL B 191 -13.55 9.20 -20.86
C VAL B 191 -14.02 8.19 -21.89
N PHE B 192 -15.33 8.08 -22.07
CA PHE B 192 -15.87 7.14 -23.06
C PHE B 192 -15.45 7.52 -24.47
N GLU B 193 -15.44 8.82 -24.77
CA GLU B 193 -15.03 9.27 -26.10
C GLU B 193 -13.53 9.12 -26.31
N LYS B 194 -12.72 9.39 -25.27
CA LYS B 194 -11.29 9.07 -25.36
C LYS B 194 -11.08 7.62 -25.77
N LEU B 195 -11.71 6.67 -25.06
CA LEU B 195 -11.61 5.26 -25.43
C LEU B 195 -12.01 5.02 -26.89
N ARG B 196 -13.07 5.71 -27.34
CA ARG B 196 -13.59 5.48 -28.68
C ARG B 196 -12.53 5.73 -29.73
N SER B 197 -11.68 6.73 -29.51
CA SER B 197 -10.77 7.20 -30.53
C SER B 197 -9.34 6.71 -30.38
N ILE B 198 -9.01 6.04 -29.27
CA ILE B 198 -7.67 5.53 -29.07
C ILE B 198 -7.44 4.34 -30.00
N GLN B 199 -6.38 4.40 -30.78
CA GLN B 199 -5.93 3.25 -31.56
C GLN B 199 -4.41 3.29 -31.53
N PHE B 200 -3.80 2.31 -30.89
CA PHE B 200 -2.37 2.39 -30.61
C PHE B 200 -1.57 2.39 -31.91
N SER B 201 -0.44 3.08 -31.88
CA SER B 201 0.39 3.21 -33.07
C SER B 201 1.16 1.91 -33.30
N GLU B 202 1.33 1.54 -34.56
CA GLU B 202 2.23 0.44 -34.88
C GLU B 202 3.69 0.86 -34.76
N GLY B 203 3.96 2.14 -34.91
CA GLY B 203 5.30 2.67 -34.75
C GLY B 203 5.21 4.17 -34.60
N CYS B 204 6.30 4.85 -34.92
CA CYS B 204 6.31 6.31 -34.94
C CYS B 204 5.69 6.84 -36.23
N MET B 205 4.72 7.75 -36.09
CA MET B 205 3.92 8.29 -37.18
C MET B 205 4.45 9.65 -37.59
N THR B 206 4.39 9.95 -38.89
CA THR B 206 4.91 11.21 -39.39
C THR B 206 4.12 11.76 -40.58
N ALA B 207 4.02 13.09 -40.64
CA ALA B 207 3.42 13.77 -41.79
C ALA B 207 4.12 15.12 -41.98
N GLU B 208 4.06 15.63 -43.20
CA GLU B 208 4.53 16.98 -43.49
C GLU B 208 3.40 18.00 -43.25
N LEU B 209 3.75 19.12 -42.65
CA LEU B 209 2.75 20.14 -42.36
C LEU B 209 2.86 21.30 -43.35
N GLU B 210 1.75 22.02 -43.51
CA GLU B 210 1.75 23.27 -44.25
C GLU B 210 2.31 24.40 -43.37
N PRO B 211 2.76 25.51 -43.99
CA PRO B 211 3.30 26.62 -43.18
C PRO B 211 2.25 27.30 -42.29
N ASP B 212 0.97 26.94 -42.41
CA ASP B 212 0.00 27.33 -41.40
C ASP B 212 0.23 26.60 -40.09
N MET B 213 1.13 25.61 -40.07
CA MET B 213 1.55 24.87 -38.89
C MET B 213 0.45 23.94 -38.36
N LEU B 214 -0.61 23.70 -39.14
CA LEU B 214 -1.75 22.91 -38.67
C LEU B 214 -2.13 21.77 -39.60
N THR B 215 -2.05 21.97 -40.92
CA THR B 215 -2.63 21.04 -41.88
C THR B 215 -1.56 20.08 -42.41
N VAL B 216 -1.83 18.78 -42.32
CA VAL B 216 -0.94 17.79 -42.90
C VAL B 216 -1.12 17.76 -44.41
N LYS B 217 -0.07 17.34 -45.13
CA LYS B 217 -0.15 17.17 -46.57
C LYS B 217 -0.66 15.80 -46.98
N ASP B 218 -0.58 14.83 -46.07
CA ASP B 218 -0.97 13.47 -46.36
C ASP B 218 -1.35 12.78 -45.07
N THR B 219 -1.95 11.62 -45.20
CA THR B 219 -2.23 10.79 -44.04
C THR B 219 -0.93 10.42 -43.36
N PRO B 220 -0.84 10.55 -42.03
CA PRO B 220 0.38 10.15 -41.34
C PRO B 220 0.75 8.72 -41.66
N LYS B 221 2.04 8.45 -41.80
CA LYS B 221 2.52 7.12 -42.08
C LYS B 221 3.63 6.78 -41.09
N MET B 222 3.85 5.48 -40.88
CA MET B 222 4.95 5.01 -40.05
C MET B 222 6.32 5.31 -40.65
N CYS B 223 7.28 5.60 -39.78
CA CYS B 223 8.68 5.70 -40.17
C CYS B 223 9.64 4.95 -39.27
N VAL B 224 9.23 4.54 -38.06
CA VAL B 224 10.08 3.72 -37.21
C VAL B 224 9.21 2.65 -36.58
N PRO B 225 9.54 1.37 -36.73
CA PRO B 225 8.65 0.31 -36.25
C PRO B 225 8.56 0.27 -34.74
N GLY B 226 7.35 -0.03 -34.26
CA GLY B 226 7.16 -0.37 -32.87
C GLY B 226 7.67 -1.78 -32.56
N GLY B 227 7.49 -2.16 -31.30
CA GLY B 227 8.13 -3.39 -30.80
C GLY B 227 7.67 -4.65 -31.52
N LYS B 228 6.36 -4.80 -31.72
CA LYS B 228 5.90 -5.99 -32.44
C LYS B 228 6.39 -5.96 -33.88
N LEU B 229 6.30 -4.79 -34.53
CA LEU B 229 6.74 -4.68 -35.92
C LEU B 229 8.25 -4.74 -36.06
N ALA B 230 9.02 -4.47 -34.98
CA ALA B 230 10.47 -4.45 -35.08
C ALA B 230 11.10 -5.83 -35.11
N VAL B 231 10.37 -6.87 -34.68
CA VAL B 231 10.90 -8.22 -34.75
C VAL B 231 11.34 -8.53 -36.16
N GLY B 232 12.54 -9.12 -36.30
CA GLY B 232 13.09 -9.46 -37.58
C GLY B 232 13.90 -8.37 -38.23
N THR B 233 13.80 -7.16 -37.72
CA THR B 233 14.51 -5.99 -38.23
C THR B 233 15.68 -5.67 -37.31
N PRO B 234 16.60 -4.82 -37.75
CA PRO B 234 17.63 -4.33 -36.83
C PRO B 234 17.07 -3.49 -35.68
N PHE B 235 15.79 -3.12 -35.72
CA PHE B 235 15.16 -2.46 -34.58
C PHE B 235 14.75 -3.43 -33.47
N GLU B 236 14.91 -4.75 -33.67
CA GLU B 236 14.34 -5.72 -32.75
C GLU B 236 14.86 -5.52 -31.33
N GLY B 237 13.93 -5.55 -30.37
CA GLY B 237 14.27 -5.33 -28.97
C GLY B 237 14.43 -3.88 -28.59
N HIS B 238 14.37 -2.96 -29.54
CA HIS B 238 14.50 -1.54 -29.32
C HIS B 238 13.52 -0.78 -30.20
N GLY B 239 12.34 -1.35 -30.42
CA GLY B 239 11.35 -0.71 -31.28
C GLY B 239 10.76 0.53 -30.64
N TYR B 240 10.06 1.31 -31.46
CA TYR B 240 9.51 2.58 -31.02
C TYR B 240 8.43 2.36 -29.96
N PHE B 241 8.44 3.20 -28.92
CA PHE B 241 7.41 3.18 -27.89
C PHE B 241 6.70 4.53 -27.80
N GLU B 242 7.42 5.62 -27.53
CA GLU B 242 6.88 6.96 -27.40
C GLU B 242 8.03 7.95 -27.54
N ALA B 243 7.70 9.25 -27.39
CA ALA B 243 8.69 10.31 -27.18
C ALA B 243 9.66 10.48 -28.35
N PRO B 244 9.20 10.75 -29.56
CA PRO B 244 10.13 11.09 -30.64
C PRO B 244 10.77 12.47 -30.44
N SER B 245 11.91 12.66 -31.07
CA SER B 245 12.62 13.94 -31.07
C SER B 245 13.51 13.99 -32.28
N ILE B 246 13.31 14.96 -33.16
CA ILE B 246 13.91 14.96 -34.49
C ILE B 246 14.90 16.11 -34.59
N ARG B 247 16.12 15.80 -35.04
CA ARG B 247 17.16 16.80 -35.18
C ARG B 247 17.89 16.59 -36.49
N LYS B 248 18.37 17.69 -37.06
CA LYS B 248 19.30 17.66 -38.17
C LYS B 248 20.72 17.53 -37.65
N VAL B 249 21.44 16.55 -38.14
CA VAL B 249 22.87 16.42 -37.89
C VAL B 249 23.55 16.46 -39.23
N GLY B 250 24.18 17.59 -39.54
CA GLY B 250 24.60 17.81 -40.91
C GLY B 250 23.39 17.79 -41.81
N GLU B 251 23.52 17.08 -42.93
CA GLU B 251 22.40 16.96 -43.84
C GLU B 251 21.50 15.78 -43.47
N LYS B 252 21.80 15.07 -42.39
CA LYS B 252 21.10 13.85 -42.03
C LYS B 252 20.05 14.11 -40.96
N TYR B 253 19.05 13.22 -40.93
CA TYR B 253 17.92 13.30 -40.01
C TYR B 253 18.11 12.25 -38.92
N TYR B 254 18.13 12.71 -37.67
CA TYR B 254 18.34 11.85 -36.52
C TYR B 254 17.06 11.85 -35.72
N LEU B 255 16.47 10.67 -35.53
CA LEU B 255 15.19 10.53 -34.85
C LEU B 255 15.43 9.79 -33.55
N LEU B 256 15.49 10.53 -32.45
CA LEU B 256 15.49 9.95 -31.12
C LEU B 256 14.07 9.55 -30.72
N TYR B 257 13.99 8.58 -29.81
CA TYR B 257 12.71 8.12 -29.28
C TYR B 257 13.00 7.27 -28.05
N SER B 258 11.95 7.04 -27.27
CA SER B 258 12.00 6.12 -26.15
C SER B 258 11.55 4.75 -26.63
N SER B 259 12.33 3.72 -26.32
CA SER B 259 12.08 2.41 -26.91
C SER B 259 11.09 1.63 -26.06
N GLN B 260 10.64 0.49 -26.61
CA GLN B 260 9.83 -0.47 -25.86
C GLN B 260 10.39 -0.76 -24.45
N LEU B 261 11.66 -0.48 -24.19
CA LEU B 261 12.22 -0.61 -22.84
C LEU B 261 11.95 0.59 -21.95
N SER B 262 11.63 1.75 -22.54
CA SER B 262 11.16 2.95 -21.86
C SER B 262 12.27 3.71 -21.10
N HIS B 263 13.12 3.04 -20.35
CA HIS B 263 14.16 3.78 -19.61
C HIS B 263 15.24 4.32 -20.52
N GLU B 264 15.25 3.94 -21.79
CA GLU B 264 16.35 4.28 -22.67
C GLU B 264 15.85 5.15 -23.79
N LEU B 265 16.73 6.05 -24.23
CA LEU B 265 16.55 6.84 -25.43
C LEU B 265 17.41 6.23 -26.53
N CYS B 266 16.79 5.85 -27.64
CA CYS B 266 17.48 5.35 -28.83
C CYS B 266 17.38 6.38 -29.96
N TYR B 267 18.04 6.08 -31.08
CA TYR B 267 17.95 6.95 -32.24
C TYR B 267 18.01 6.12 -33.51
N ALA B 268 17.34 6.62 -34.54
CA ALA B 268 17.51 6.13 -35.90
C ALA B 268 17.94 7.29 -36.80
N VAL B 269 18.47 6.95 -37.97
CA VAL B 269 19.10 7.92 -38.87
C VAL B 269 18.57 7.68 -40.28
N SER B 270 18.30 8.77 -41.01
CA SER B 270 17.94 8.67 -42.42
C SER B 270 18.43 9.90 -43.16
N ASP B 271 18.51 9.78 -44.48
CA ASP B 271 18.79 10.95 -45.31
C ASP B 271 17.52 11.66 -45.76
N GLN B 272 16.37 11.18 -45.32
CA GLN B 272 15.07 11.78 -45.59
C GLN B 272 14.30 11.95 -44.30
N PRO B 273 13.48 12.99 -44.20
CA PRO B 273 12.74 13.22 -42.95
C PRO B 273 11.76 12.11 -42.60
N MET B 274 11.06 11.55 -43.58
CA MET B 274 9.89 10.74 -43.29
C MET B 274 9.97 9.27 -43.68
N GLU B 275 11.11 8.81 -44.20
CA GLU B 275 11.25 7.40 -44.56
C GLU B 275 12.74 7.04 -44.59
N GLY B 276 13.01 5.75 -44.68
CA GLY B 276 14.37 5.25 -44.79
C GLY B 276 15.19 5.26 -43.51
N TYR B 277 14.57 5.18 -42.33
CA TYR B 277 15.34 5.20 -41.09
C TYR B 277 15.96 3.83 -40.83
N ALA B 278 17.22 3.84 -40.38
CA ALA B 278 17.91 2.63 -39.93
C ALA B 278 18.24 2.78 -38.45
N TYR B 279 18.18 1.67 -37.70
CA TYR B 279 18.38 1.75 -36.26
C TYR B 279 19.82 2.12 -35.97
N GLY B 280 20.00 3.06 -35.05
CA GLY B 280 21.33 3.46 -34.65
C GLY B 280 21.78 2.72 -33.42
N GLY B 281 21.21 3.06 -32.27
CA GLY B 281 21.59 2.42 -31.04
C GLY B 281 21.03 3.16 -29.84
N THR B 282 21.46 2.73 -28.68
CA THR B 282 21.08 3.37 -27.43
C THR B 282 22.03 4.51 -27.11
N ILE B 283 21.48 5.70 -26.86
CA ILE B 283 22.30 6.84 -26.47
C ILE B 283 22.47 6.92 -24.96
N VAL B 284 21.42 6.63 -24.20
CA VAL B 284 21.47 6.85 -22.74
C VAL B 284 20.30 6.12 -22.11
N SER B 285 20.53 5.52 -20.95
CA SER B 285 19.48 4.94 -20.11
C SER B 285 19.55 5.60 -18.75
N ASN B 286 18.38 5.91 -18.14
CA ASN B 286 18.44 6.59 -16.85
C ASN B 286 18.77 5.64 -15.72
N GLY B 287 19.20 4.43 -16.07
CA GLY B 287 19.81 3.48 -15.14
C GLY B 287 21.08 2.90 -15.71
N ASP B 288 21.56 3.44 -16.83
CA ASP B 288 22.74 2.96 -17.57
C ASP B 288 22.61 1.50 -18.06
N VAL B 289 21.41 0.92 -18.07
CA VAL B 289 21.25 -0.43 -18.61
C VAL B 289 21.71 -0.44 -20.07
N GLY B 290 22.41 -1.52 -20.45
CA GLY B 290 22.87 -1.72 -21.80
C GLY B 290 24.22 -1.14 -22.10
N LEU B 291 24.74 -0.28 -21.22
CA LEU B 291 26.04 0.34 -21.42
C LEU B 291 27.13 -0.68 -21.10
N ASP B 292 27.95 -1.03 -22.11
CA ASP B 292 28.96 -2.08 -21.97
C ASP B 292 28.33 -3.38 -21.46
N GLY B 293 27.11 -3.68 -21.93
CA GLY B 293 26.41 -4.90 -21.58
C GLY B 293 25.72 -4.91 -20.23
N ARG B 294 25.79 -3.82 -19.47
CA ARG B 294 25.27 -3.82 -18.10
C ARG B 294 23.81 -4.28 -18.03
N ALA B 295 23.53 -5.17 -17.07
CA ALA B 295 22.17 -5.58 -16.75
C ALA B 295 21.64 -5.02 -15.42
N ALA B 296 22.51 -4.56 -14.53
CA ALA B 296 22.06 -4.09 -13.23
C ALA B 296 21.93 -2.58 -13.23
N PRO B 297 20.74 -2.02 -12.97
CA PRO B 297 20.57 -0.56 -12.97
C PRO B 297 21.44 0.13 -11.95
N VAL B 298 22.04 1.26 -12.34
CA VAL B 298 22.77 2.05 -11.36
C VAL B 298 21.87 3.09 -10.70
N TYR B 299 20.66 3.27 -11.21
CA TYR B 299 19.70 4.23 -10.69
C TYR B 299 18.30 3.72 -11.03
N THR B 300 17.32 4.17 -10.26
CA THR B 300 15.92 3.81 -10.45
C THR B 300 15.43 4.06 -11.87
N LEU B 301 14.96 3.00 -12.52
CA LEU B 301 14.49 3.12 -13.90
C LEU B 301 13.10 3.75 -13.94
N GLY B 302 12.83 4.45 -15.05
CA GLY B 302 11.50 4.98 -15.31
C GLY B 302 11.40 5.42 -16.74
N ASN B 303 10.28 6.05 -17.09
CA ASN B 303 10.22 6.48 -18.47
C ASN B 303 11.27 7.56 -18.72
N ASN B 304 11.54 7.80 -20.00
CA ASN B 304 12.63 8.67 -20.42
C ASN B 304 12.24 9.33 -21.73
N HIS B 305 12.72 10.55 -21.92
CA HIS B 305 12.16 11.51 -22.86
C HIS B 305 13.22 12.58 -23.05
N GLY B 306 13.42 13.02 -24.28
CA GLY B 306 14.36 14.09 -24.54
C GLY B 306 14.91 14.04 -25.95
N GLY B 307 16.05 14.71 -26.14
CA GLY B 307 16.61 14.92 -27.46
C GLY B 307 18.03 15.41 -27.35
N ILE B 308 18.66 15.52 -28.51
CA ILE B 308 20.03 15.98 -28.57
C ILE B 308 20.03 17.40 -29.11
N VAL B 309 21.13 18.09 -28.84
CA VAL B 309 21.26 19.48 -29.23
C VAL B 309 22.74 19.79 -29.37
N GLN B 310 23.07 20.60 -30.36
CA GLN B 310 24.39 21.21 -30.48
C GLN B 310 24.33 22.60 -29.88
N ALA B 311 25.16 22.85 -28.88
CA ALA B 311 25.17 24.13 -28.18
C ALA B 311 26.61 24.51 -27.86
N GLY B 312 27.02 25.70 -28.30
CA GLY B 312 28.39 26.12 -28.06
C GLY B 312 29.42 25.23 -28.72
N GLY B 313 29.06 24.59 -29.83
CA GLY B 313 30.00 23.71 -30.51
C GLY B 313 30.13 22.31 -29.97
N ASP B 314 29.39 21.95 -28.91
CA ASP B 314 29.39 20.59 -28.39
C ASP B 314 27.98 19.99 -28.54
N TRP B 315 27.95 18.67 -28.62
CA TRP B 315 26.70 17.94 -28.69
C TRP B 315 26.38 17.35 -27.32
N TYR B 316 25.11 17.46 -26.95
CA TYR B 316 24.60 16.96 -25.69
C TYR B 316 23.34 16.17 -25.97
N VAL B 317 23.02 15.25 -25.06
CA VAL B 317 21.72 14.61 -25.00
C VAL B 317 21.06 15.03 -23.69
N PHE B 318 19.79 15.41 -23.77
CA PHE B 318 19.00 15.76 -22.61
C PHE B 318 18.01 14.64 -22.37
N TYR B 319 17.76 14.35 -21.11
CA TYR B 319 16.95 13.22 -20.69
C TYR B 319 16.44 13.57 -19.29
N HIS B 320 15.70 12.65 -18.68
CA HIS B 320 15.20 12.94 -17.34
C HIS B 320 15.32 11.73 -16.43
N ARG B 321 15.34 12.02 -15.12
CA ARG B 321 15.46 11.03 -14.06
C ARG B 321 14.21 11.06 -13.21
N GLN B 322 13.98 9.95 -12.49
CA GLN B 322 12.89 9.77 -11.55
C GLN B 322 13.34 10.11 -10.13
N THR B 323 12.43 10.69 -9.34
CA THR B 323 12.60 10.86 -7.91
C THR B 323 11.33 10.42 -7.22
N HIS B 324 11.34 10.47 -5.88
CA HIS B 324 10.17 10.30 -5.03
C HIS B 324 9.56 8.90 -5.08
N GLY B 325 10.28 7.91 -5.63
CA GLY B 325 9.72 6.58 -5.79
C GLY B 325 8.49 6.43 -6.67
N THR B 326 8.20 7.46 -7.47
CA THR B 326 7.12 7.45 -8.46
C THR B 326 7.69 7.77 -9.83
N GLU B 327 6.80 7.77 -10.82
CA GLU B 327 7.09 8.28 -12.15
C GLU B 327 6.53 9.71 -12.34
N PHE B 328 6.27 10.44 -11.24
CA PHE B 328 5.58 11.73 -11.25
C PHE B 328 6.41 12.90 -10.73
N SER B 329 7.71 12.70 -10.43
CA SER B 329 8.53 13.81 -9.94
C SER B 329 9.88 13.72 -10.64
N ARG B 330 9.87 14.01 -11.92
CA ARG B 330 11.02 13.80 -12.79
C ARG B 330 11.77 15.12 -13.00
N GLN B 331 13.08 14.99 -13.23
CA GLN B 331 14.01 16.12 -13.30
C GLN B 331 14.96 15.90 -14.47
N GLY B 332 15.12 16.94 -15.26
CA GLY B 332 15.97 16.85 -16.44
C GLY B 332 17.44 16.81 -16.07
N CYS B 333 18.17 15.96 -16.78
CA CYS B 333 19.61 15.83 -16.69
C CYS B 333 20.15 15.84 -18.10
N ALA B 334 21.44 16.11 -18.24
CA ALA B 334 22.07 16.17 -19.55
C ALA B 334 23.45 15.55 -19.47
N GLU B 335 23.92 14.99 -20.60
CA GLU B 335 25.29 14.54 -20.73
C GLU B 335 25.86 14.97 -22.08
N LYS B 336 27.15 15.24 -22.09
CA LYS B 336 27.84 15.47 -23.35
C LYS B 336 27.94 14.16 -24.12
N ILE B 337 27.84 14.26 -25.45
CA ILE B 337 27.90 13.09 -26.30
C ILE B 337 28.95 13.30 -27.37
N THR B 338 29.34 12.21 -28.01
CA THR B 338 30.24 12.26 -29.16
C THR B 338 29.52 11.67 -30.36
N ILE B 339 29.53 12.40 -31.47
CA ILE B 339 29.03 11.92 -32.75
C ILE B 339 30.23 11.43 -33.54
N LYS B 340 30.29 10.11 -33.76
CA LYS B 340 31.46 9.47 -34.36
C LYS B 340 31.50 9.73 -35.87
N PRO B 341 32.66 9.50 -36.50
CA PRO B 341 32.81 9.80 -37.95
C PRO B 341 31.71 9.24 -38.85
N ASP B 342 31.36 7.96 -38.70
CA ASP B 342 30.23 7.41 -39.43
C ASP B 342 28.88 7.95 -38.95
N GLY B 343 28.86 8.70 -37.85
CA GLY B 343 27.62 9.27 -37.39
C GLY B 343 26.91 8.48 -36.32
N SER B 344 27.54 7.45 -35.76
CA SER B 344 26.95 6.77 -34.62
C SER B 344 27.19 7.57 -33.35
N ILE B 345 26.29 7.40 -32.39
CA ILE B 345 26.39 8.03 -31.09
C ILE B 345 26.44 6.93 -30.05
N PRO B 346 27.62 6.59 -29.54
CA PRO B 346 27.72 5.52 -28.56
C PRO B 346 27.09 5.91 -27.24
N GLN B 347 26.56 4.92 -26.54
CA GLN B 347 25.85 5.19 -25.30
C GLN B 347 26.78 5.84 -24.30
N VAL B 348 26.23 6.73 -23.47
CA VAL B 348 26.98 7.47 -22.46
C VAL B 348 26.44 7.12 -21.08
N GLU B 349 27.31 7.13 -20.08
CA GLU B 349 26.88 6.88 -18.71
C GLU B 349 26.19 8.13 -18.14
N ILE B 350 25.37 7.93 -17.12
CA ILE B 350 24.83 9.10 -16.44
C ILE B 350 25.83 9.57 -15.38
N THR B 351 25.86 10.88 -15.13
CA THR B 351 26.80 11.46 -14.18
C THR B 351 26.08 12.49 -13.31
N SER B 352 26.72 12.83 -12.18
CA SER B 352 26.31 14.02 -11.43
C SER B 352 26.84 15.31 -12.02
N CYS B 353 27.84 15.27 -12.89
CA CYS B 353 28.49 16.50 -13.32
C CYS B 353 28.07 16.94 -14.72
N GLY B 354 27.20 16.17 -15.38
CA GLY B 354 26.46 16.58 -16.56
C GLY B 354 27.04 17.66 -17.45
N LEU B 355 26.54 18.89 -17.31
CA LEU B 355 26.94 19.98 -18.20
C LEU B 355 28.15 20.78 -17.69
N ASN B 356 28.86 20.29 -16.66
CA ASN B 356 29.93 21.04 -16.02
C ASN B 356 31.23 21.06 -16.82
N GLY B 357 31.34 20.29 -17.89
CA GLY B 357 32.57 20.30 -18.66
C GLY B 357 33.75 19.74 -17.91
N GLY B 358 33.54 18.71 -17.09
CA GLY B 358 34.58 18.10 -16.33
C GLY B 358 34.11 17.82 -14.91
N PRO B 359 35.00 17.24 -14.10
CA PRO B 359 34.58 16.80 -12.75
C PRO B 359 34.32 17.96 -11.82
N LEU B 360 33.54 17.68 -10.77
CA LEU B 360 33.26 18.66 -9.75
C LEU B 360 34.45 18.81 -8.80
N ALA B 361 34.53 19.96 -8.14
CA ALA B 361 35.57 20.20 -7.15
C ALA B 361 35.25 19.46 -5.84
N ALA B 362 36.28 18.81 -5.29
CA ALA B 362 36.14 18.15 -3.99
C ALA B 362 36.45 19.15 -2.89
N GLY B 363 35.54 20.11 -2.77
CA GLY B 363 35.63 21.13 -1.73
C GLY B 363 34.28 21.78 -1.59
N GLY B 364 33.96 22.19 -0.38
CA GLY B 364 32.64 22.73 -0.12
C GLY B 364 31.60 21.63 0.05
N SER B 365 30.35 22.05 0.05
CA SER B 365 29.23 21.18 0.35
C SER B 365 28.42 20.87 -0.91
N TYR B 366 27.87 19.66 -0.97
CA TYR B 366 26.99 19.27 -2.05
C TYR B 366 25.72 18.64 -1.50
N SER B 367 24.63 18.82 -2.23
CA SER B 367 23.41 18.12 -1.87
C SER B 367 23.55 16.64 -2.23
N ALA B 368 23.10 15.76 -1.32
CA ALA B 368 23.07 14.34 -1.64
C ALA B 368 22.12 14.02 -2.79
N ALA B 369 21.16 14.91 -3.12
CA ALA B 369 20.19 14.67 -4.19
C ALA B 369 20.78 14.78 -5.61
N ILE B 370 22.08 15.05 -5.77
CA ILE B 370 22.70 14.99 -7.10
C ILE B 370 23.32 13.61 -7.37
N ALA B 371 23.03 12.62 -6.52
CA ALA B 371 23.54 11.27 -6.77
C ALA B 371 23.11 10.80 -8.15
N CYS B 372 24.04 10.17 -8.87
CA CYS B 372 23.72 9.54 -10.14
C CYS B 372 23.75 8.02 -10.03
N HIS B 373 24.08 7.49 -8.85
CA HIS B 373 23.91 6.08 -8.53
C HIS B 373 23.05 6.00 -7.28
N LEU B 374 21.99 5.17 -7.33
CA LEU B 374 21.06 5.04 -6.20
C LEU B 374 20.42 3.65 -6.28
N THR B 375 20.87 2.74 -5.44
CA THR B 375 20.39 1.35 -5.50
C THR B 375 20.20 0.81 -4.09
N ASP B 376 19.33 -0.18 -3.98
CA ASP B 376 19.29 -1.01 -2.80
C ASP B 376 18.90 -2.43 -3.21
N GLY B 377 18.62 -3.26 -2.22
CA GLY B 377 18.22 -4.62 -2.47
C GLY B 377 16.99 -4.79 -3.34
N THR B 378 16.12 -3.77 -3.39
CA THR B 378 14.85 -3.92 -4.08
C THR B 378 14.83 -3.28 -5.48
N THR B 379 15.94 -2.68 -5.91
CA THR B 379 15.98 -1.95 -7.19
C THR B 379 15.50 -2.82 -8.34
N LEU B 380 14.43 -2.39 -9.02
CA LEU B 380 13.82 -3.19 -10.08
C LEU B 380 14.65 -3.18 -11.35
N ARG B 381 14.60 -4.29 -12.10
CA ARG B 381 15.21 -4.37 -13.42
C ARG B 381 14.21 -4.19 -14.55
N GLU B 382 12.94 -4.41 -14.28
CA GLU B 382 11.85 -4.06 -15.18
C GLU B 382 10.99 -3.00 -14.50
N ILE B 383 10.75 -1.88 -15.19
CA ILE B 383 9.91 -0.82 -14.61
C ILE B 383 8.55 -1.39 -14.22
N ASP B 384 8.14 -1.13 -12.96
CA ASP B 384 6.79 -1.53 -12.53
C ASP B 384 6.37 -0.62 -11.37
N TYR B 385 5.75 0.50 -11.71
CA TYR B 385 5.35 1.49 -10.70
C TYR B 385 4.01 1.17 -10.06
N SER B 386 3.49 -0.03 -10.28
CA SER B 386 2.47 -0.58 -9.40
C SER B 386 3.08 -1.45 -8.30
N ASP B 387 4.39 -1.69 -8.35
CA ASP B 387 5.05 -2.53 -7.36
C ASP B 387 5.09 -1.83 -6.01
N PRO B 388 4.69 -2.49 -4.92
CA PRO B 388 4.74 -1.86 -3.59
C PRO B 388 6.14 -1.66 -3.00
N VAL B 389 7.21 -2.23 -3.58
CA VAL B 389 8.55 -1.85 -3.10
C VAL B 389 8.87 -0.39 -3.40
N MET B 390 8.29 0.18 -4.45
CA MET B 390 8.59 1.56 -4.81
C MET B 390 8.41 2.50 -3.63
N LYS B 391 7.49 2.18 -2.73
CA LYS B 391 7.10 3.12 -1.67
C LYS B 391 8.18 3.24 -0.61
N THR B 392 8.87 2.15 -0.29
CA THR B 392 9.91 2.15 0.73
C THR B 392 11.30 1.99 0.15
N GLN B 393 11.43 2.12 -1.16
CA GLN B 393 12.71 2.01 -1.84
C GLN B 393 13.54 3.27 -1.60
N ILE B 394 14.87 3.09 -1.56
CA ILE B 394 15.75 4.26 -1.53
C ILE B 394 15.33 5.23 -2.62
N GLN B 395 15.28 6.51 -2.27
CA GLN B 395 14.73 7.49 -3.20
C GLN B 395 15.10 8.89 -2.76
N ILE B 396 15.23 9.76 -3.74
CA ILE B 396 15.44 11.19 -3.50
C ILE B 396 14.08 11.85 -3.31
N THR B 397 13.95 12.66 -2.27
CA THR B 397 12.68 13.29 -1.96
C THR B 397 12.90 14.76 -1.61
N GLU B 398 11.79 15.47 -1.36
CA GLU B 398 11.84 16.89 -1.09
C GLU B 398 10.85 17.22 0.02
N GLU B 399 11.31 17.98 1.01
CA GLU B 399 10.44 18.46 2.09
C GLU B 399 10.26 19.98 1.95
N ALA B 400 9.04 20.41 1.67
CA ALA B 400 8.78 21.83 1.50
C ALA B 400 8.87 22.56 2.84
N ARG B 401 9.62 23.65 2.84
CA ARG B 401 9.86 24.46 4.05
C ARG B 401 9.30 25.86 3.83
N ASP B 402 9.17 26.61 4.92
CA ASP B 402 8.49 27.89 4.84
C ASP B 402 9.33 28.93 4.09
N GLY B 403 8.65 29.88 3.45
CA GLY B 403 9.30 31.04 2.89
C GLY B 403 9.78 30.93 1.46
N GLY B 404 9.31 29.93 0.70
CA GLY B 404 9.72 29.82 -0.68
C GLY B 404 10.34 28.50 -1.07
N GLU B 405 10.15 28.09 -2.33
CA GLU B 405 10.64 26.80 -2.75
C GLU B 405 12.16 26.71 -2.69
N ASP B 406 12.87 27.84 -2.70
CA ASP B 406 14.32 27.76 -2.52
C ASP B 406 14.69 27.35 -1.10
N LYS B 407 13.77 27.47 -0.16
CA LYS B 407 14.03 27.03 1.20
C LYS B 407 13.86 25.54 1.39
N ASN B 408 13.40 24.81 0.36
CA ASN B 408 13.01 23.42 0.53
C ASN B 408 14.23 22.53 0.80
N LEU B 409 14.01 21.43 1.53
CA LEU B 409 15.08 20.50 1.84
C LEU B 409 15.05 19.33 0.87
N HIS B 410 16.20 19.04 0.25
CA HIS B 410 16.41 17.85 -0.59
C HIS B 410 17.36 16.87 0.09
N TYR B 411 17.01 15.59 0.05
CA TYR B 411 17.72 14.52 0.73
C TYR B 411 17.27 13.17 0.19
N ILE B 412 18.06 12.17 0.46
CA ILE B 412 17.70 10.80 0.15
C ILE B 412 17.07 10.19 1.38
N ARG B 413 15.99 9.44 1.19
CA ARG B 413 15.35 8.76 2.32
C ARG B 413 15.32 7.26 2.06
N GLN B 414 14.93 6.51 3.11
CA GLN B 414 14.79 5.05 3.05
C GLN B 414 16.10 4.35 2.74
N ILE B 415 17.20 4.83 3.30
CA ILE B 415 18.47 4.14 3.11
C ILE B 415 18.54 3.01 4.13
N GLY B 416 18.63 1.78 3.64
CA GLY B 416 18.70 0.64 4.53
C GLY B 416 19.94 -0.18 4.24
N GLY B 417 20.06 -1.32 4.91
CA GLY B 417 21.20 -2.21 4.68
C GLY B 417 21.30 -2.68 3.25
N GLY B 418 22.48 -2.52 2.65
CA GLY B 418 22.67 -2.87 1.26
C GLY B 418 22.48 -1.73 0.28
N ALA B 419 22.07 -0.56 0.75
CA ALA B 419 21.93 0.58 -0.16
C ALA B 419 23.30 1.13 -0.56
N VAL B 420 23.41 1.58 -1.81
CA VAL B 420 24.58 2.29 -2.30
C VAL B 420 24.14 3.59 -2.93
N VAL B 421 24.88 4.66 -2.62
CA VAL B 421 24.68 6.01 -3.15
C VAL B 421 25.98 6.46 -3.81
N GLY B 422 25.91 6.93 -5.05
CA GLY B 422 27.10 7.25 -5.81
C GLY B 422 27.04 8.61 -6.49
N TYR B 423 28.23 9.11 -6.83
CA TYR B 423 28.44 10.42 -7.44
C TYR B 423 29.57 10.34 -8.45
N LYS B 424 29.38 10.99 -9.61
CA LYS B 424 30.40 11.04 -10.66
C LYS B 424 30.48 12.45 -11.22
N TYR B 425 31.68 13.06 -11.24
CA TYR B 425 33.01 12.67 -10.75
C TYR B 425 33.54 13.84 -9.91
N PHE B 426 34.46 13.59 -8.97
CA PHE B 426 35.10 14.67 -8.24
C PHE B 426 36.60 14.68 -8.47
N ASP B 427 37.19 15.87 -8.46
CA ASP B 427 38.63 16.04 -8.58
C ASP B 427 39.19 16.21 -7.17
N PHE B 428 39.70 15.11 -6.62
CA PHE B 428 40.19 15.04 -5.25
C PHE B 428 41.59 15.64 -5.18
N GLN B 429 41.73 16.70 -4.41
CA GLN B 429 43.04 17.28 -4.08
C GLN B 429 43.08 17.47 -2.57
N GLY B 430 43.85 16.63 -1.89
CA GLY B 430 44.05 16.78 -0.45
C GLY B 430 42.82 16.61 0.39
N VAL B 431 41.98 15.62 0.08
CA VAL B 431 40.76 15.37 0.84
C VAL B 431 41.10 14.57 2.10
N MET B 432 40.81 15.16 3.25
CA MET B 432 41.05 14.58 4.57
C MET B 432 39.87 13.78 5.06
N ALA B 433 38.65 14.30 4.91
CA ALA B 433 37.48 13.67 5.47
C ALA B 433 36.26 14.12 4.67
N LEU B 434 35.12 13.54 5.01
CA LEU B 434 33.83 13.91 4.43
C LEU B 434 32.85 14.10 5.57
N ASP B 435 32.19 15.26 5.59
CA ASP B 435 31.13 15.53 6.57
C ASP B 435 29.79 15.22 5.92
N LEU B 436 29.08 14.24 6.48
CA LEU B 436 27.79 13.78 5.97
C LEU B 436 26.71 14.25 6.95
N THR B 437 25.64 14.84 6.41
CA THR B 437 24.50 15.21 7.24
C THR B 437 23.44 14.14 7.07
N VAL B 438 23.10 13.46 8.16
CA VAL B 438 22.20 12.31 8.16
C VAL B 438 21.26 12.41 9.35
N ARG B 439 20.22 11.59 9.30
CA ARG B 439 19.37 11.37 10.47
C ARG B 439 18.68 10.03 10.31
N GLY B 440 17.84 9.68 11.26
CA GLY B 440 17.09 8.44 11.23
C GLY B 440 17.39 7.58 12.44
N ASP B 441 16.93 6.34 12.37
CA ASP B 441 17.09 5.35 13.42
C ASP B 441 17.81 4.18 12.78
N ALA B 442 19.13 4.15 12.94
CA ALA B 442 19.92 3.18 12.20
C ALA B 442 21.16 2.84 13.00
N GLY B 443 21.42 1.55 13.15
CA GLY B 443 22.66 1.08 13.75
C GLY B 443 23.40 0.20 12.79
N GLY B 444 24.58 0.62 12.38
CA GLY B 444 25.33 -0.16 11.43
C GLY B 444 26.58 0.56 10.97
N ARG B 445 26.98 0.32 9.74
CA ARG B 445 28.25 0.82 9.21
C ARG B 445 28.02 1.50 7.87
N LEU B 446 28.55 2.70 7.73
CA LEU B 446 28.57 3.42 6.47
C LEU B 446 29.96 3.27 5.90
N ALA B 447 30.04 2.89 4.63
CA ALA B 447 31.35 2.76 4.00
C ALA B 447 31.48 3.79 2.88
N VAL B 448 32.71 4.20 2.61
CA VAL B 448 33.03 5.09 1.50
C VAL B 448 33.97 4.33 0.58
N ALA B 449 33.66 4.34 -0.71
CA ALA B 449 34.50 3.69 -1.71
C ALA B 449 34.53 4.52 -2.98
N LEU B 450 35.43 4.16 -3.89
CA LEU B 450 35.52 4.81 -5.19
C LEU B 450 34.84 4.03 -6.29
N ASP B 451 34.18 2.92 -5.95
CA ASP B 451 33.63 2.00 -6.93
C ASP B 451 32.27 1.55 -6.45
N ALA B 452 31.41 1.22 -7.41
CA ALA B 452 30.03 0.83 -7.09
C ALA B 452 29.97 -0.47 -6.31
N GLY B 453 30.90 -1.39 -6.56
CA GLY B 453 30.99 -2.62 -5.81
C GLY B 453 31.45 -2.45 -4.37
N MET B 454 31.86 -1.24 -3.97
CA MET B 454 32.26 -0.96 -2.60
C MET B 454 33.46 -1.80 -2.17
N LYS B 455 34.28 -2.23 -3.11
CA LYS B 455 35.50 -2.97 -2.76
C LYS B 455 36.71 -2.06 -2.56
N GLN B 456 36.83 -0.97 -3.31
CA GLN B 456 37.91 0.01 -3.12
C GLN B 456 37.55 0.99 -1.99
N ALA B 457 37.63 0.51 -0.75
CA ALA B 457 37.21 1.31 0.39
C ALA B 457 38.26 2.34 0.78
N VAL B 458 37.82 3.54 1.11
CA VAL B 458 38.73 4.59 1.55
C VAL B 458 38.45 5.08 2.96
N GLY B 459 37.28 4.79 3.52
CA GLY B 459 36.94 5.22 4.88
C GLY B 459 35.60 4.64 5.24
N GLY B 460 35.26 4.79 6.52
CA GLY B 460 34.00 4.26 6.99
C GLY B 460 33.69 4.74 8.40
N ALA B 461 32.41 4.68 8.73
CA ALA B 461 31.92 5.16 10.02
C ALA B 461 30.96 4.16 10.66
N ASP B 462 31.03 4.07 11.99
CA ASP B 462 29.94 3.50 12.77
C ASP B 462 28.76 4.47 12.77
N LEU B 463 27.57 3.91 12.63
CA LEU B 463 26.34 4.72 12.60
C LEU B 463 25.55 4.44 13.87
N ALA B 464 25.36 5.49 14.69
CA ALA B 464 24.63 5.42 15.94
C ALA B 464 23.62 6.56 15.97
N LEU B 465 22.52 6.41 15.25
CA LEU B 465 21.45 7.40 15.24
C LEU B 465 20.23 6.81 15.94
N ASN B 466 19.74 7.51 16.94
CA ASN B 466 18.53 7.17 17.67
C ASN B 466 17.59 8.35 17.79
N GLY B 467 18.12 9.55 18.03
CA GLY B 467 17.34 10.75 17.86
C GLY B 467 17.03 10.99 16.39
N GLY B 468 15.92 11.68 16.14
CA GLY B 468 15.46 11.96 14.80
C GLY B 468 15.90 13.29 14.19
N GLY B 469 16.83 14.03 14.83
CA GLY B 469 17.29 15.27 14.26
C GLY B 469 18.48 15.10 13.31
N TRP B 470 18.68 16.08 12.43
CA TRP B 470 19.80 16.02 11.50
C TRP B 470 21.12 16.14 12.27
N GLN B 471 22.10 15.32 11.88
CA GLN B 471 23.43 15.32 12.50
C GLN B 471 24.50 15.25 11.42
N THR B 472 25.67 15.81 11.72
CA THR B 472 26.81 15.77 10.82
C THR B 472 27.83 14.79 11.39
N VAL B 473 28.33 13.91 10.53
CA VAL B 473 29.32 12.90 10.90
C VAL B 473 30.54 13.12 10.02
N ARG B 474 31.67 13.43 10.64
CA ARG B 474 32.93 13.48 9.94
C ARG B 474 33.47 12.06 9.74
N ILE B 475 33.76 11.70 8.49
CA ILE B 475 34.35 10.40 8.13
C ILE B 475 35.71 10.60 7.47
N PRO B 476 36.81 10.33 8.18
CA PRO B 476 38.12 10.44 7.52
C PRO B 476 38.25 9.41 6.41
N VAL B 477 38.88 9.83 5.32
CA VAL B 477 39.09 8.97 4.16
C VAL B 477 40.53 9.13 3.70
N THR B 478 41.03 8.11 3.01
CA THR B 478 42.34 8.14 2.35
C THR B 478 42.09 7.99 0.84
N VAL B 479 42.23 9.09 0.11
CA VAL B 479 41.85 9.10 -1.29
C VAL B 479 43.00 9.66 -2.11
N PRO B 480 43.60 8.85 -2.99
CA PRO B 480 44.65 9.36 -3.87
C PRO B 480 44.16 10.58 -4.64
N ASN B 481 45.04 11.57 -4.77
CA ASN B 481 44.72 12.77 -5.54
C ASN B 481 44.39 12.43 -7.00
N GLY B 482 43.39 13.12 -7.56
CA GLY B 482 42.92 12.88 -8.91
C GLY B 482 41.40 12.77 -8.98
N VAL B 483 40.93 12.29 -10.12
CA VAL B 483 39.50 12.23 -10.44
C VAL B 483 38.96 10.86 -10.07
N HIS B 484 37.91 10.83 -9.26
CA HIS B 484 37.29 9.59 -8.84
C HIS B 484 35.77 9.78 -8.77
N ALA B 485 35.07 8.67 -8.88
CA ALA B 485 33.69 8.59 -8.39
C ALA B 485 33.69 8.35 -6.88
N LEU B 486 32.57 8.65 -6.25
CA LEU B 486 32.44 8.61 -4.79
C LEU B 486 31.18 7.87 -4.42
N TYR B 487 31.32 6.78 -3.65
CA TYR B 487 30.19 5.92 -3.31
C TYR B 487 30.07 5.76 -1.81
N PHE B 488 28.83 5.84 -1.33
CA PHE B 488 28.48 5.55 0.06
C PHE B 488 27.58 4.32 0.09
N GLY B 489 27.96 3.34 0.91
CA GLY B 489 27.15 2.15 1.09
C GLY B 489 26.82 1.96 2.56
N TYR B 490 25.59 1.54 2.83
CA TYR B 490 25.16 1.26 4.20
C TYR B 490 24.97 -0.24 4.38
N THR B 491 25.42 -0.75 5.51
CA THR B 491 25.15 -2.13 5.90
C THR B 491 24.70 -2.13 7.34
N GLY B 492 23.65 -2.88 7.64
CA GLY B 492 23.17 -2.94 9.01
C GLY B 492 21.67 -2.79 9.12
N GLU B 493 21.20 -2.32 10.27
CA GLU B 493 19.79 -2.36 10.57
C GLU B 493 19.22 -0.95 10.64
N GLY B 494 17.90 -0.86 10.53
CA GLY B 494 17.24 0.42 10.55
C GLY B 494 17.26 1.09 9.19
N ARG B 495 16.89 2.37 9.18
CA ARG B 495 16.89 3.18 7.98
C ARG B 495 17.40 4.57 8.34
N LEU B 496 17.96 5.26 7.36
CA LEU B 496 18.52 6.58 7.62
C LEU B 496 18.26 7.50 6.42
N GLU B 497 18.50 8.79 6.65
CA GLU B 497 18.31 9.82 5.64
C GLU B 497 19.56 10.68 5.53
N PHE B 498 19.78 11.18 4.32
CA PHE B 498 21.08 11.71 3.91
C PHE B 498 20.82 12.96 3.08
N SER B 499 21.13 14.14 3.64
CA SER B 499 20.86 15.40 2.96
C SER B 499 22.07 15.99 2.25
N ASP B 500 23.23 16.05 2.91
CA ASP B 500 24.37 16.76 2.33
C ASP B 500 25.68 16.10 2.70
N PHE B 501 26.68 16.31 1.86
CA PHE B 501 28.05 15.93 2.20
C PHE B 501 29.01 17.03 1.75
N ALA B 502 30.11 17.20 2.49
CA ALA B 502 31.06 18.28 2.24
C ALA B 502 32.49 17.79 2.44
N PHE B 503 33.39 18.27 1.59
CA PHE B 503 34.77 17.80 1.61
C PHE B 503 35.57 18.61 2.61
N VAL B 504 36.37 17.92 3.41
CA VAL B 504 37.29 18.56 4.34
C VAL B 504 38.70 18.31 3.82
N THR B 505 39.36 19.36 3.39
CA THR B 505 40.70 19.28 2.86
C THR B 505 41.70 19.81 3.90
N ALA B 506 42.98 19.74 3.56
CA ALA B 506 44.01 20.25 4.47
C ALA B 506 44.60 21.56 3.96
N HIS C 1 -16.80 -28.90 26.73
CA HIS C 1 -18.01 -29.72 26.71
C HIS C 1 -18.81 -29.48 25.44
N GLY C 2 -18.36 -30.10 24.35
CA GLY C 2 -19.06 -30.00 23.07
C GLY C 2 -18.75 -28.75 22.28
N MET C 3 -18.82 -27.58 22.93
CA MET C 3 -18.46 -26.29 22.38
C MET C 3 -19.01 -26.02 20.97
N ALA C 4 -18.22 -25.35 20.13
CA ALA C 4 -18.67 -25.02 18.78
C ALA C 4 -18.89 -26.24 17.89
N SER C 5 -18.61 -27.45 18.37
CA SER C 5 -18.87 -28.67 17.61
C SER C 5 -20.06 -29.47 18.15
N MET C 6 -20.95 -28.84 18.94
CA MET C 6 -22.06 -29.55 19.57
C MET C 6 -23.29 -29.61 18.68
N LYS C 7 -24.49 -29.74 19.29
CA LYS C 7 -25.76 -29.46 18.63
C LYS C 7 -26.02 -27.96 18.75
N GLN C 8 -25.01 -27.19 18.37
CA GLN C 8 -25.03 -25.74 18.41
C GLN C 8 -24.66 -25.22 17.03
N ILE C 9 -25.08 -23.99 16.74
CA ILE C 9 -24.61 -23.32 15.54
C ILE C 9 -24.31 -21.87 15.85
N THR C 10 -23.36 -21.32 15.12
CA THR C 10 -22.88 -19.97 15.31
C THR C 10 -23.08 -19.18 14.01
N ASN C 11 -22.80 -17.88 14.08
CA ASN C 11 -22.60 -17.08 12.87
C ASN C 11 -21.12 -17.00 12.57
N PRO C 12 -20.69 -17.16 11.32
CA PRO C 12 -21.48 -17.47 10.11
C PRO C 12 -22.07 -18.88 10.20
N TYR C 13 -23.22 -19.17 9.57
CA TYR C 13 -23.87 -20.46 9.78
C TYR C 13 -23.22 -21.58 8.97
N LEU C 14 -22.61 -21.27 7.83
CA LEU C 14 -21.87 -22.31 7.13
C LEU C 14 -20.46 -22.39 7.72
N PRO C 15 -19.74 -23.49 7.50
CA PRO C 15 -18.38 -23.61 8.03
C PRO C 15 -17.48 -22.43 7.65
N LEU C 16 -16.53 -22.11 8.54
CA LEU C 16 -15.72 -20.90 8.39
C LEU C 16 -14.87 -20.89 7.12
N TYR C 17 -14.54 -22.05 6.56
CA TYR C 17 -13.82 -22.11 5.28
C TYR C 17 -14.72 -21.87 4.08
N GLU C 18 -16.01 -21.61 4.29
CA GLU C 18 -16.94 -21.33 3.20
C GLU C 18 -17.27 -19.85 3.19
N TYR C 19 -17.40 -19.31 1.99
CA TYR C 19 -17.60 -17.88 1.80
C TYR C 19 -18.70 -17.72 0.74
N VAL C 20 -19.95 -17.66 1.23
CA VAL C 20 -21.12 -17.54 0.37
C VAL C 20 -21.83 -16.25 0.74
N PRO C 21 -21.49 -15.16 0.06
CA PRO C 21 -22.20 -13.90 0.26
C PRO C 21 -23.48 -13.81 -0.56
N ASP C 22 -24.23 -12.74 -0.34
CA ASP C 22 -25.40 -12.39 -1.17
C ASP C 22 -26.45 -13.48 -1.18
N GLY C 23 -26.62 -14.18 -0.07
CA GLY C 23 -27.45 -15.37 -0.06
C GLY C 23 -28.95 -15.04 -0.03
N GLU C 24 -29.68 -15.62 -0.97
CA GLU C 24 -31.14 -15.63 -0.91
C GLU C 24 -31.58 -16.88 -0.17
N PRO C 25 -32.33 -16.75 0.91
CA PRO C 25 -32.85 -17.95 1.58
C PRO C 25 -34.21 -18.37 1.04
N HIS C 26 -34.33 -19.63 0.66
CA HIS C 26 -35.56 -20.15 0.09
C HIS C 26 -35.83 -21.54 0.68
N VAL C 27 -37.08 -21.76 1.06
CA VAL C 27 -37.52 -23.07 1.56
C VAL C 27 -38.11 -23.85 0.39
N PHE C 28 -37.52 -25.02 0.09
CA PHE C 28 -38.04 -25.91 -0.94
C PHE C 28 -38.13 -27.32 -0.36
N ASP C 29 -39.33 -27.91 -0.37
CA ASP C 29 -39.54 -29.29 0.07
C ASP C 29 -38.96 -29.52 1.47
N GLY C 30 -39.26 -28.59 2.37
CA GLY C 30 -38.91 -28.76 3.77
C GLY C 30 -37.46 -28.54 4.12
N ARG C 31 -36.63 -28.13 3.16
CA ARG C 31 -35.26 -27.71 3.47
C ARG C 31 -35.11 -26.24 3.12
N LEU C 32 -34.34 -25.54 3.94
CA LEU C 32 -33.93 -24.17 3.65
C LEU C 32 -32.64 -24.20 2.84
N TYR C 33 -32.71 -23.66 1.62
CA TYR C 33 -31.57 -23.52 0.72
C TYR C 33 -31.08 -22.08 0.74
N ILE C 34 -29.76 -21.90 0.64
CA ILE C 34 -29.18 -20.58 0.53
C ILE C 34 -28.52 -20.46 -0.85
N TYR C 35 -29.04 -19.56 -1.67
CA TYR C 35 -28.50 -19.34 -3.00
C TYR C 35 -27.80 -17.99 -2.97
N GLY C 36 -26.48 -18.01 -2.83
CA GLY C 36 -25.72 -16.77 -2.81
C GLY C 36 -24.62 -16.80 -3.85
N SER C 37 -23.77 -15.79 -3.87
CA SER C 37 -22.57 -15.79 -4.70
CA SER C 37 -22.60 -15.83 -4.73
C SER C 37 -21.51 -16.64 -4.02
N HIS C 38 -20.27 -16.56 -4.47
CA HIS C 38 -19.26 -17.46 -3.90
C HIS C 38 -17.89 -16.79 -3.90
N ASP C 39 -17.53 -16.19 -2.77
CA ASP C 39 -16.23 -15.62 -2.55
C ASP C 39 -15.18 -16.70 -2.26
N LEU C 40 -13.92 -16.31 -2.33
CA LEU C 40 -12.82 -17.13 -1.86
C LEU C 40 -12.19 -16.49 -0.62
N ALA C 41 -11.57 -17.31 0.21
CA ALA C 41 -10.73 -16.78 1.27
C ALA C 41 -9.49 -16.13 0.65
N GLY C 42 -9.23 -14.88 1.02
CA GLY C 42 -8.17 -14.16 0.36
C GLY C 42 -8.48 -13.79 -1.06
N GLY C 43 -9.76 -13.85 -1.45
CA GLY C 43 -10.16 -13.40 -2.76
C GLY C 43 -9.69 -12.00 -3.06
N THR C 44 -9.52 -11.73 -4.34
CA THR C 44 -8.96 -10.48 -4.84
C THR C 44 -9.93 -9.76 -5.76
N ARG C 45 -11.08 -10.36 -6.04
CA ARG C 45 -12.18 -9.76 -6.78
C ARG C 45 -13.46 -10.32 -6.20
N TYR C 46 -14.58 -9.61 -6.42
CA TYR C 46 -15.88 -10.11 -5.98
C TYR C 46 -16.19 -11.44 -6.63
N CYS C 47 -16.67 -12.40 -5.83
CA CYS C 47 -17.39 -13.60 -6.29
C CYS C 47 -16.59 -14.44 -7.28
N GLN C 48 -15.40 -14.89 -6.86
CA GLN C 48 -14.56 -15.59 -7.83
C GLN C 48 -14.94 -17.05 -8.04
N GLY C 49 -15.83 -17.63 -7.23
CA GLY C 49 -16.16 -19.03 -7.38
C GLY C 49 -17.39 -19.30 -8.26
N ASP C 50 -17.54 -20.55 -8.70
CA ASP C 50 -18.79 -21.00 -9.27
C ASP C 50 -19.88 -21.04 -8.20
N TYR C 51 -21.13 -21.01 -8.63
CA TYR C 51 -22.23 -21.05 -7.66
C TYR C 51 -22.31 -22.42 -7.02
N VAL C 52 -22.53 -22.42 -5.69
CA VAL C 52 -22.79 -23.63 -4.93
C VAL C 52 -24.13 -23.45 -4.24
N THR C 53 -24.61 -24.52 -3.59
CA THR C 53 -25.69 -24.32 -2.64
C THR C 53 -25.48 -25.21 -1.42
N TRP C 54 -25.98 -24.72 -0.27
CA TRP C 54 -26.06 -25.47 0.98
C TRP C 54 -27.49 -25.43 1.48
N SER C 55 -27.89 -26.46 2.23
CA SER C 55 -29.26 -26.51 2.73
C SER C 55 -29.29 -27.13 4.11
N ALA C 56 -30.31 -26.75 4.88
CA ALA C 56 -30.64 -27.28 6.19
C ALA C 56 -32.11 -27.67 6.22
N PRO C 57 -32.47 -28.69 6.99
CA PRO C 57 -33.89 -29.01 7.14
C PRO C 57 -34.55 -27.91 7.94
N VAL C 58 -35.77 -27.55 7.56
CA VAL C 58 -36.43 -26.42 8.20
C VAL C 58 -36.63 -26.67 9.69
N ASP C 59 -36.60 -27.93 10.12
CA ASP C 59 -36.79 -28.28 11.53
C ASP C 59 -35.47 -28.45 12.26
N ASP C 60 -34.33 -28.22 11.61
CA ASP C 60 -33.05 -28.26 12.34
C ASP C 60 -32.08 -27.37 11.57
N LEU C 61 -32.22 -26.08 11.80
CA LEU C 61 -31.42 -25.08 11.13
C LEU C 61 -29.98 -25.07 11.61
N LYS C 62 -29.59 -26.05 12.42
CA LYS C 62 -28.22 -26.16 12.88
C LYS C 62 -27.39 -27.10 12.02
N SER C 63 -28.00 -27.74 11.02
CA SER C 63 -27.36 -28.85 10.32
C SER C 63 -27.36 -28.53 8.83
N TRP C 64 -26.31 -27.86 8.37
CA TRP C 64 -26.21 -27.47 6.97
C TRP C 64 -25.35 -28.48 6.23
N ARG C 65 -25.81 -28.87 5.05
CA ARG C 65 -25.04 -29.76 4.20
C ARG C 65 -24.72 -29.10 2.87
N TYR C 66 -23.55 -29.43 2.35
CA TYR C 66 -23.10 -28.91 1.07
C TYR C 66 -23.77 -29.72 -0.03
N GLU C 67 -24.41 -29.05 -0.98
CA GLU C 67 -25.05 -29.74 -2.08
C GLU C 67 -24.19 -29.81 -3.34
N GLY C 68 -23.10 -29.06 -3.40
CA GLY C 68 -22.21 -29.09 -4.55
C GLY C 68 -22.33 -27.84 -5.40
N VAL C 69 -21.52 -27.80 -6.47
CA VAL C 69 -21.59 -26.73 -7.45
C VAL C 69 -22.83 -26.91 -8.30
N ILE C 70 -23.60 -25.83 -8.48
CA ILE C 70 -24.86 -25.90 -9.22
C ILE C 70 -24.80 -25.21 -10.56
N TYR C 71 -23.78 -24.39 -10.83
CA TYR C 71 -23.70 -23.60 -12.05
C TYR C 71 -22.31 -22.97 -12.14
N ARG C 72 -21.72 -23.05 -13.32
CA ARG C 72 -20.34 -22.66 -13.55
C ARG C 72 -20.27 -21.40 -14.40
N LYS C 73 -19.15 -20.68 -14.28
CA LYS C 73 -19.01 -19.36 -14.90
C LYS C 73 -19.14 -19.41 -16.42
N ASP C 74 -18.69 -20.47 -17.06
CA ASP C 74 -18.69 -20.47 -18.52
C ASP C 74 -19.94 -21.10 -19.12
N GLN C 75 -20.95 -21.41 -18.30
CA GLN C 75 -22.18 -21.93 -18.89
C GLN C 75 -22.93 -20.84 -19.65
N ASP C 76 -22.92 -19.61 -19.15
CA ASP C 76 -23.59 -18.53 -19.89
C ASP C 76 -22.88 -18.32 -21.21
N PRO C 77 -23.61 -18.23 -22.33
CA PRO C 77 -22.95 -18.04 -23.64
C PRO C 77 -22.22 -16.70 -23.79
N LEU C 78 -22.57 -15.67 -23.04
CA LEU C 78 -21.81 -14.42 -23.03
C LEU C 78 -20.47 -14.53 -22.30
N ASN C 79 -20.19 -15.66 -21.63
CA ASN C 79 -18.94 -15.81 -20.86
C ASN C 79 -18.20 -17.08 -21.28
N PRO C 80 -17.92 -17.25 -22.57
CA PRO C 80 -17.40 -18.55 -23.03
C PRO C 80 -16.07 -18.93 -22.41
N ASP C 81 -15.18 -17.95 -22.16
CA ASP C 81 -13.89 -18.23 -21.55
C ASP C 81 -13.95 -18.28 -20.02
N GLY C 82 -15.04 -17.81 -19.40
CA GLY C 82 -15.12 -17.80 -17.95
C GLY C 82 -14.28 -16.72 -17.29
N ASN C 83 -14.08 -15.59 -17.96
CA ASN C 83 -13.30 -14.49 -17.37
C ASN C 83 -14.17 -13.60 -16.50
N MET C 84 -15.44 -13.44 -16.83
CA MET C 84 -16.33 -12.72 -15.94
C MET C 84 -16.79 -13.63 -14.81
N GLU C 85 -16.91 -13.05 -13.63
CA GLU C 85 -17.46 -13.72 -12.49
C GLU C 85 -18.99 -13.67 -12.57
N MET C 86 -19.63 -14.59 -11.85
CA MET C 86 -21.07 -14.53 -11.69
C MET C 86 -21.39 -13.88 -10.34
N TRP C 87 -22.29 -12.91 -10.34
CA TRP C 87 -22.53 -12.10 -9.17
C TRP C 87 -23.81 -12.58 -8.45
N ALA C 88 -24.39 -11.72 -7.61
CA ALA C 88 -25.41 -12.17 -6.67
C ALA C 88 -26.60 -12.78 -7.41
N PRO C 89 -27.01 -13.98 -7.08
CA PRO C 89 -28.09 -14.63 -7.83
C PRO C 89 -29.39 -14.78 -7.04
N ASP C 90 -30.45 -15.18 -7.74
CA ASP C 90 -31.71 -15.58 -7.12
C ASP C 90 -32.21 -16.84 -7.82
N VAL C 91 -32.86 -17.70 -7.06
CA VAL C 91 -33.48 -18.92 -7.56
C VAL C 91 -34.96 -18.91 -7.18
N THR C 92 -35.81 -19.33 -8.11
CA THR C 92 -37.25 -19.40 -7.89
C THR C 92 -37.79 -20.70 -8.48
N ARG C 93 -38.88 -21.19 -7.90
CA ARG C 93 -39.60 -22.34 -8.43
C ARG C 93 -40.74 -21.81 -9.31
N GLY C 94 -40.66 -22.09 -10.59
CA GLY C 94 -41.57 -21.52 -11.53
C GLY C 94 -42.91 -22.22 -11.54
N PRO C 95 -43.84 -21.67 -12.32
CA PRO C 95 -45.16 -22.31 -12.45
C PRO C 95 -45.09 -23.73 -13.00
N ASP C 96 -44.12 -24.05 -13.86
CA ASP C 96 -44.00 -25.42 -14.36
C ASP C 96 -43.38 -26.37 -13.35
N GLY C 97 -42.92 -25.87 -12.21
CA GLY C 97 -42.33 -26.72 -11.20
C GLY C 97 -40.84 -26.97 -11.34
N ARG C 98 -40.18 -26.40 -12.36
CA ARG C 98 -38.73 -26.41 -12.39
C ARG C 98 -38.17 -25.24 -11.59
N TYR C 99 -36.85 -25.22 -11.45
CA TYR C 99 -36.15 -24.23 -10.65
C TYR C 99 -35.32 -23.34 -11.58
N TYR C 100 -35.49 -22.03 -11.42
CA TYR C 100 -34.93 -21.04 -12.34
C TYR C 100 -33.96 -20.13 -11.61
N LEU C 101 -32.75 -20.03 -12.14
CA LEU C 101 -31.65 -19.29 -11.53
C LEU C 101 -31.41 -18.02 -12.34
N TYR C 102 -31.55 -16.86 -11.70
CA TYR C 102 -31.32 -15.55 -12.30
C TYR C 102 -30.04 -14.91 -11.75
N TYR C 103 -29.25 -14.33 -12.63
CA TYR C 103 -27.94 -13.82 -12.24
C TYR C 103 -27.50 -12.84 -13.30
N CYS C 104 -26.55 -11.98 -12.94
CA CYS C 104 -25.80 -11.16 -13.89
C CYS C 104 -24.31 -11.51 -13.81
N LEU C 105 -23.67 -11.57 -14.98
CA LEU C 105 -22.22 -11.52 -15.04
C LEU C 105 -21.73 -10.13 -14.63
N SER C 106 -20.48 -10.07 -14.17
CA SER C 106 -19.97 -8.92 -13.43
C SER C 106 -20.14 -7.62 -14.21
N PHE C 107 -21.16 -6.85 -13.84
CA PHE C 107 -21.52 -5.61 -14.53
C PHE C 107 -21.79 -5.82 -16.02
N TYR C 108 -22.27 -6.99 -16.39
CA TYR C 108 -22.71 -7.09 -17.78
C TYR C 108 -24.21 -6.78 -17.84
N PRO C 109 -24.66 -5.94 -18.77
CA PRO C 109 -26.08 -5.52 -18.74
C PRO C 109 -27.02 -6.55 -19.38
N ALA C 110 -27.17 -7.69 -18.71
CA ALA C 110 -28.16 -8.71 -19.06
C ALA C 110 -28.41 -9.58 -17.85
N VAL C 111 -29.60 -10.18 -17.80
CA VAL C 111 -29.98 -11.12 -16.75
C VAL C 111 -30.00 -12.50 -17.35
N GLY C 112 -29.03 -13.33 -16.95
CA GLY C 112 -29.01 -14.71 -17.38
C GLY C 112 -29.97 -15.54 -16.57
N VAL C 113 -30.55 -16.54 -17.23
CA VAL C 113 -31.53 -17.45 -16.62
C VAL C 113 -31.09 -18.88 -16.92
N ALA C 114 -31.03 -19.71 -15.88
CA ALA C 114 -30.71 -21.12 -16.00
C ALA C 114 -31.79 -21.91 -15.28
N VAL C 115 -31.88 -23.20 -15.59
CA VAL C 115 -33.02 -23.99 -15.16
C VAL C 115 -32.56 -25.34 -14.64
N SER C 116 -33.27 -25.84 -13.63
CA SER C 116 -32.99 -27.16 -13.09
C SER C 116 -34.29 -27.78 -12.59
N ASP C 117 -34.32 -29.12 -12.62
CA ASP C 117 -35.41 -29.89 -12.03
C ASP C 117 -35.26 -30.05 -10.52
N SER C 118 -34.15 -29.59 -9.94
CA SER C 118 -33.87 -29.81 -8.54
C SER C 118 -33.42 -28.51 -7.91
N PRO C 119 -33.84 -28.21 -6.67
CA PRO C 119 -33.30 -27.03 -5.96
C PRO C 119 -31.80 -27.12 -5.72
N ALA C 120 -31.20 -28.31 -5.85
CA ALA C 120 -29.78 -28.52 -5.66
C ALA C 120 -29.01 -28.60 -6.98
N GLY C 121 -29.63 -28.22 -8.08
CA GLY C 121 -28.97 -28.26 -9.36
C GLY C 121 -28.76 -29.66 -9.86
N PRO C 122 -28.02 -29.81 -10.96
CA PRO C 122 -27.27 -28.77 -11.68
C PRO C 122 -28.14 -27.95 -12.61
N PHE C 123 -27.88 -26.65 -12.70
CA PHE C 123 -28.65 -25.82 -13.60
C PHE C 123 -28.03 -25.81 -14.99
N GLN C 124 -28.87 -25.52 -15.97
CA GLN C 124 -28.50 -25.49 -17.38
CA GLN C 124 -28.46 -25.47 -17.37
C GLN C 124 -28.96 -24.16 -17.97
N PHE C 125 -28.11 -23.52 -18.77
CA PHE C 125 -28.46 -22.20 -19.28
C PHE C 125 -29.78 -22.24 -20.05
N HIS C 126 -30.66 -21.30 -19.73
CA HIS C 126 -32.02 -21.27 -20.27
C HIS C 126 -32.23 -20.13 -21.24
N GLY C 127 -31.72 -18.94 -20.93
CA GLY C 127 -31.84 -17.81 -21.81
C GLY C 127 -31.51 -16.52 -21.07
N HIS C 128 -31.56 -15.43 -21.82
CA HIS C 128 -31.44 -14.10 -21.24
C HIS C 128 -32.83 -13.45 -21.20
N VAL C 129 -33.03 -12.57 -20.21
CA VAL C 129 -34.28 -11.84 -20.09
C VAL C 129 -34.43 -10.88 -21.27
N LYS C 130 -35.61 -10.86 -21.89
CA LYS C 130 -35.80 -10.18 -23.15
C LYS C 130 -37.12 -9.43 -23.17
N TYR C 131 -37.23 -8.52 -24.11
CA TYR C 131 -38.48 -7.83 -24.35
C TYR C 131 -39.43 -8.72 -25.14
N PRO C 132 -40.71 -8.43 -25.11
CA PRO C 132 -41.65 -9.15 -25.97
C PRO C 132 -41.54 -8.61 -27.39
N ALA C 133 -42.19 -9.32 -28.32
CA ALA C 133 -41.97 -9.03 -29.74
C ALA C 133 -42.39 -7.62 -30.11
N HIS C 134 -43.31 -7.04 -29.36
CA HIS C 134 -43.89 -5.75 -29.70
C HIS C 134 -43.19 -4.57 -29.03
N ILE C 135 -42.17 -4.82 -28.20
CA ILE C 135 -41.39 -3.77 -27.56
C ILE C 135 -39.94 -3.97 -27.95
N GLN C 136 -39.33 -2.93 -28.52
CA GLN C 136 -37.90 -2.89 -28.77
C GLN C 136 -37.41 -4.07 -29.61
N GLY C 137 -38.24 -4.55 -30.54
CA GLY C 137 -37.78 -5.63 -31.39
C GLY C 137 -37.67 -6.97 -30.73
N GLY C 138 -38.17 -7.11 -29.49
CA GLY C 138 -37.97 -8.33 -28.73
C GLY C 138 -36.55 -8.56 -28.27
N LYS C 139 -35.75 -7.51 -28.14
CA LYS C 139 -34.34 -7.72 -27.92
C LYS C 139 -34.06 -8.09 -26.46
N THR C 140 -32.81 -8.45 -26.20
CA THR C 140 -32.37 -8.73 -24.83
C THR C 140 -32.54 -7.49 -23.97
N LEU C 141 -33.16 -7.64 -22.82
CA LEU C 141 -33.31 -6.52 -21.89
C LEU C 141 -31.93 -6.05 -21.42
N ALA C 142 -31.60 -4.79 -21.70
CA ALA C 142 -30.29 -4.27 -21.31
C ALA C 142 -30.37 -2.92 -20.61
N GLU C 143 -31.56 -2.43 -20.30
CA GLU C 143 -31.76 -1.05 -19.93
C GLU C 143 -31.83 -0.91 -18.40
N PHE C 144 -31.58 0.31 -17.94
CA PHE C 144 -31.67 0.70 -16.53
C PHE C 144 -30.76 -0.14 -15.63
N MET C 145 -29.64 -0.63 -16.19
CA MET C 145 -28.61 -1.37 -15.47
C MET C 145 -29.13 -2.66 -14.86
N PRO C 146 -29.33 -3.74 -15.67
CA PRO C 146 -29.60 -5.06 -15.10
C PRO C 146 -28.55 -5.42 -14.06
N PHE C 147 -28.98 -5.61 -12.81
CA PHE C 147 -28.06 -5.80 -11.70
C PHE C 147 -28.79 -6.43 -10.54
N ASP C 148 -28.12 -7.37 -9.86
CA ASP C 148 -28.61 -7.98 -8.63
C ASP C 148 -30.06 -8.49 -8.73
N PRO C 149 -30.36 -9.37 -9.67
CA PRO C 149 -31.76 -9.73 -9.88
C PRO C 149 -32.33 -10.45 -8.67
N ALA C 150 -33.63 -10.24 -8.46
CA ALA C 150 -34.45 -10.94 -7.48
C ALA C 150 -35.79 -11.23 -8.13
N VAL C 151 -36.35 -12.42 -7.86
CA VAL C 151 -37.54 -12.89 -8.54
C VAL C 151 -38.56 -13.37 -7.52
N LEU C 152 -39.83 -13.10 -7.81
CA LEU C 152 -40.96 -13.63 -7.07
C LEU C 152 -41.79 -14.47 -8.01
N THR C 153 -42.04 -15.71 -7.64
CA THR C 153 -43.18 -16.46 -8.20
C THR C 153 -44.28 -16.44 -7.16
N ASP C 154 -45.35 -15.70 -7.46
CA ASP C 154 -46.43 -15.38 -6.55
C ASP C 154 -47.39 -16.56 -6.39
N ALA C 155 -48.29 -16.44 -5.42
CA ALA C 155 -49.27 -17.49 -5.17
C ALA C 155 -50.13 -17.76 -6.40
N ASP C 156 -50.43 -16.73 -7.20
CA ASP C 156 -51.23 -16.87 -8.41
C ASP C 156 -50.42 -17.33 -9.63
N GLY C 157 -49.17 -17.76 -9.46
CA GLY C 157 -48.38 -18.24 -10.57
C GLY C 157 -47.73 -17.17 -11.41
N ARG C 158 -48.00 -15.90 -11.14
CA ARG C 158 -47.36 -14.80 -11.87
C ARG C 158 -45.96 -14.55 -11.33
N VAL C 159 -45.09 -14.05 -12.21
CA VAL C 159 -43.65 -13.96 -11.96
C VAL C 159 -43.23 -12.49 -12.06
N TYR C 160 -42.43 -12.03 -11.09
CA TYR C 160 -42.00 -10.64 -11.04
C TYR C 160 -40.50 -10.56 -10.85
N LEU C 161 -39.85 -9.73 -11.65
CA LEU C 161 -38.41 -9.52 -11.62
C LEU C 161 -38.12 -8.14 -11.01
N TYR C 162 -36.99 -8.06 -10.29
CA TYR C 162 -36.57 -6.84 -9.61
C TYR C 162 -35.07 -6.69 -9.81
N TYR C 163 -34.61 -5.48 -10.11
CA TYR C 163 -33.19 -5.31 -10.37
C TYR C 163 -32.84 -3.84 -10.31
N GLY C 164 -31.54 -3.57 -10.29
CA GLY C 164 -31.00 -2.25 -10.56
C GLY C 164 -29.83 -1.91 -9.66
N PHE C 165 -29.11 -0.85 -10.05
CA PHE C 165 -27.94 -0.37 -9.34
C PHE C 165 -28.01 1.16 -9.39
N SER C 166 -28.25 1.79 -8.23
CA SER C 166 -28.54 3.21 -8.14
C SER C 166 -27.54 3.89 -7.20
N PRO C 167 -26.34 4.19 -7.68
CA PRO C 167 -25.35 4.85 -6.81
C PRO C 167 -25.77 6.27 -6.48
N VAL C 168 -25.66 6.65 -5.21
CA VAL C 168 -26.08 7.99 -4.82
C VAL C 168 -24.98 9.04 -4.98
N LYS C 169 -23.72 8.63 -5.11
CA LYS C 169 -22.61 9.57 -5.13
C LYS C 169 -21.42 8.88 -5.79
N GLU C 170 -20.47 9.71 -6.24
CA GLU C 170 -19.34 9.21 -7.04
C GLU C 170 -18.60 8.07 -6.35
N MET C 171 -18.44 8.16 -5.01
CA MET C 171 -17.75 7.13 -4.25
C MET C 171 -18.33 5.75 -4.49
N ALA C 172 -19.66 5.65 -4.52
CA ALA C 172 -20.33 4.36 -4.63
C ALA C 172 -20.13 3.70 -5.99
N LEU C 173 -19.60 4.43 -6.97
CA LEU C 173 -19.42 3.88 -8.31
C LEU C 173 -18.40 2.74 -8.27
N PRO C 174 -18.55 1.75 -9.16
CA PRO C 174 -17.58 0.66 -9.21
C PRO C 174 -16.20 1.13 -9.66
N SER C 175 -15.19 0.41 -9.20
CA SER C 175 -13.84 0.63 -9.71
C SER C 175 -13.76 0.08 -11.13
N PRO C 176 -12.70 0.42 -11.86
CA PRO C 176 -12.50 -0.23 -13.18
C PRO C 176 -12.28 -1.72 -13.07
N GLU C 177 -11.71 -2.22 -11.96
CA GLU C 177 -11.45 -3.66 -11.87
C GLU C 177 -12.73 -4.46 -11.92
N GLU C 178 -13.87 -3.84 -11.61
CA GLU C 178 -15.16 -4.53 -11.67
C GLU C 178 -15.76 -4.50 -13.06
N LEU C 179 -15.42 -3.51 -13.91
CA LEU C 179 -15.93 -3.55 -15.28
C LEU C 179 -15.06 -4.41 -16.16
N GLN C 180 -13.80 -4.60 -15.79
CA GLN C 180 -12.92 -5.50 -16.52
C GLN C 180 -13.14 -6.93 -16.06
N ALA C 181 -13.18 -7.84 -17.02
CA ALA C 181 -13.10 -9.25 -16.66
C ALA C 181 -11.76 -9.51 -15.97
N ALA C 182 -11.71 -10.61 -15.23
CA ALA C 182 -10.46 -11.07 -14.63
C ALA C 182 -9.35 -11.21 -15.68
N GLY C 183 -8.22 -10.55 -15.44
CA GLY C 183 -7.14 -10.59 -16.40
C GLY C 183 -7.35 -9.80 -17.68
N GLN C 184 -8.41 -8.98 -17.76
CA GLN C 184 -8.74 -8.19 -18.95
C GLN C 184 -8.25 -6.77 -18.81
N SER C 185 -7.69 -6.22 -19.89
CA SER C 185 -7.27 -4.83 -19.89
C SER C 185 -8.49 -3.91 -20.01
N PHE C 186 -8.39 -2.75 -19.38
CA PHE C 186 -9.40 -1.71 -19.52
C PHE C 186 -9.63 -1.29 -20.96
N PHE C 187 -8.72 -1.65 -21.87
CA PHE C 187 -8.83 -1.30 -23.28
C PHE C 187 -9.43 -2.42 -24.11
N ASP C 188 -9.91 -3.48 -23.49
CA ASP C 188 -10.57 -4.55 -24.25
C ASP C 188 -11.90 -4.06 -24.81
N ASP C 189 -12.24 -4.59 -25.99
CA ASP C 189 -13.47 -4.13 -26.65
C ASP C 189 -14.70 -4.42 -25.81
N GLU C 190 -14.69 -5.53 -25.08
CA GLU C 190 -15.82 -5.89 -24.23
C GLU C 190 -16.03 -4.88 -23.11
N VAL C 191 -14.96 -4.31 -22.57
CA VAL C 191 -15.12 -3.29 -21.54
C VAL C 191 -15.73 -2.03 -22.15
N PHE C 192 -15.37 -1.73 -23.40
CA PHE C 192 -15.95 -0.56 -24.07
C PHE C 192 -17.43 -0.78 -24.36
N GLU C 193 -17.80 -1.97 -24.83
CA GLU C 193 -19.19 -2.40 -25.01
C GLU C 193 -19.68 -2.93 -23.67
N LYS C 194 -20.06 -1.99 -22.81
CA LYS C 194 -20.32 -2.22 -21.40
C LYS C 194 -20.51 -0.85 -20.83
N LEU C 195 -19.41 -0.08 -20.84
CA LEU C 195 -19.48 1.38 -20.70
C LEU C 195 -20.54 1.96 -21.61
N ARG C 196 -20.56 1.52 -22.87
CA ARG C 196 -21.63 1.90 -23.78
C ARG C 196 -23.02 1.57 -23.21
N SER C 197 -23.16 0.38 -22.62
CA SER C 197 -24.50 -0.09 -22.27
C SER C 197 -24.93 0.27 -20.86
N ILE C 198 -24.00 0.50 -19.94
CA ILE C 198 -24.33 0.81 -18.55
C ILE C 198 -25.09 2.13 -18.46
N GLN C 199 -26.25 2.10 -17.81
CA GLN C 199 -26.95 3.30 -17.39
C GLN C 199 -27.51 3.05 -16.00
N PHE C 200 -27.12 3.88 -15.05
CA PHE C 200 -27.48 3.63 -13.66
C PHE C 200 -28.98 3.77 -13.43
N SER C 201 -29.51 2.91 -12.58
CA SER C 201 -30.91 2.95 -12.22
C SER C 201 -31.22 4.18 -11.37
N GLU C 202 -32.37 4.80 -11.66
CA GLU C 202 -32.98 5.75 -10.74
C GLU C 202 -33.57 5.07 -9.50
N GLY C 203 -33.69 3.75 -9.52
CA GLY C 203 -34.26 3.05 -8.39
C GLY C 203 -34.31 1.57 -8.69
N CYS C 204 -35.01 0.84 -7.82
CA CYS C 204 -35.25 -0.57 -8.09
C CYS C 204 -36.22 -0.68 -9.27
N MET C 205 -35.80 -1.36 -10.33
CA MET C 205 -36.62 -1.59 -11.52
C MET C 205 -37.38 -2.91 -11.40
N THR C 206 -38.61 -2.95 -11.91
CA THR C 206 -39.45 -4.14 -11.80
C THR C 206 -40.28 -4.37 -13.06
N ALA C 207 -40.46 -5.64 -13.41
CA ALA C 207 -41.29 -6.05 -14.54
C ALA C 207 -41.92 -7.40 -14.22
N GLU C 208 -43.06 -7.69 -14.88
CA GLU C 208 -43.68 -9.01 -14.79
C GLU C 208 -43.15 -9.92 -15.90
N LEU C 209 -42.91 -11.18 -15.56
CA LEU C 209 -42.37 -12.14 -16.52
C LEU C 209 -43.43 -13.11 -17.03
N GLU C 210 -43.38 -13.43 -18.32
CA GLU C 210 -44.20 -14.52 -18.84
C GLU C 210 -43.69 -15.86 -18.29
N PRO C 211 -44.53 -16.90 -18.34
CA PRO C 211 -44.12 -18.19 -17.76
C PRO C 211 -42.97 -18.88 -18.50
N ASP C 212 -42.51 -18.34 -19.63
CA ASP C 212 -41.24 -18.83 -20.16
C ASP C 212 -40.07 -18.43 -19.28
N MET C 213 -40.31 -17.59 -18.26
CA MET C 213 -39.35 -17.12 -17.27
C MET C 213 -38.33 -16.15 -17.86
N LEU C 214 -38.57 -15.62 -19.05
CA LEU C 214 -37.60 -14.87 -19.86
C LEU C 214 -38.13 -13.53 -20.35
N THR C 215 -39.39 -13.48 -20.75
CA THR C 215 -39.94 -12.35 -21.48
C THR C 215 -40.74 -11.47 -20.53
N VAL C 216 -40.37 -10.19 -20.44
CA VAL C 216 -41.12 -9.26 -19.62
C VAL C 216 -42.42 -8.87 -20.32
N LYS C 217 -43.45 -8.59 -19.54
CA LYS C 217 -44.74 -8.20 -20.11
C LYS C 217 -44.78 -6.72 -20.47
N ASP C 218 -43.93 -5.91 -19.84
CA ASP C 218 -43.87 -4.48 -20.11
C ASP C 218 -42.44 -4.01 -19.81
N THR C 219 -42.12 -2.81 -20.28
CA THR C 219 -40.84 -2.20 -19.93
C THR C 219 -40.71 -2.11 -18.42
N PRO C 220 -39.54 -2.43 -17.85
CA PRO C 220 -39.35 -2.28 -16.41
C PRO C 220 -39.63 -0.86 -15.94
N LYS C 221 -40.07 -0.75 -14.68
CA LYS C 221 -40.40 0.55 -14.11
C LYS C 221 -39.91 0.59 -12.67
N MET C 222 -39.67 1.80 -12.19
CA MET C 222 -39.15 1.99 -10.85
C MET C 222 -40.23 1.78 -9.79
N CYS C 223 -39.86 1.08 -8.70
CA CYS C 223 -40.79 0.87 -7.60
C CYS C 223 -40.23 1.22 -6.23
N VAL C 224 -38.94 1.53 -6.10
CA VAL C 224 -38.39 2.15 -4.90
C VAL C 224 -37.36 3.18 -5.36
N PRO C 225 -37.46 4.45 -4.93
CA PRO C 225 -36.47 5.45 -5.37
C PRO C 225 -35.05 5.21 -4.86
N GLY C 226 -34.09 5.39 -5.76
CA GLY C 226 -32.69 5.52 -5.37
C GLY C 226 -32.46 6.71 -4.45
N GLY C 227 -31.24 6.80 -3.96
CA GLY C 227 -30.92 7.82 -2.95
C GLY C 227 -31.26 9.23 -3.38
N LYS C 228 -30.96 9.57 -4.65
CA LYS C 228 -31.25 10.92 -5.14
C LYS C 228 -32.73 11.21 -5.15
N LEU C 229 -33.52 10.31 -5.75
CA LEU C 229 -34.96 10.51 -5.82
C LEU C 229 -35.63 10.29 -4.47
N ALA C 230 -34.96 9.61 -3.53
CA ALA C 230 -35.50 9.45 -2.19
C ALA C 230 -35.60 10.79 -1.46
N VAL C 231 -34.76 11.76 -1.83
CA VAL C 231 -34.75 13.06 -1.16
C VAL C 231 -36.13 13.69 -1.22
N GLY C 232 -36.61 14.16 -0.06
CA GLY C 232 -37.93 14.74 0.02
C GLY C 232 -39.06 13.74 0.15
N THR C 233 -38.77 12.45 0.18
CA THR C 233 -39.71 11.37 0.38
C THR C 233 -39.46 10.72 1.73
N PRO C 234 -40.38 9.85 2.19
CA PRO C 234 -40.09 9.05 3.40
C PRO C 234 -38.97 8.03 3.22
N PHE C 235 -38.47 7.83 2.01
CA PHE C 235 -37.31 7.00 1.74
C PHE C 235 -36.00 7.70 1.99
N GLU C 236 -36.03 8.98 2.37
CA GLU C 236 -34.83 9.81 2.30
C GLU C 236 -33.78 9.34 3.30
N GLY C 237 -32.52 9.25 2.83
CA GLY C 237 -31.41 8.74 3.61
C GLY C 237 -31.30 7.24 3.62
N HIS C 238 -32.24 6.55 2.97
CA HIS C 238 -32.35 5.10 2.99
C HIS C 238 -32.87 4.60 1.65
N GLY C 239 -32.53 5.32 0.57
CA GLY C 239 -33.03 4.98 -0.74
C GLY C 239 -32.35 3.76 -1.30
N TYR C 240 -32.96 3.24 -2.36
CA TYR C 240 -32.48 2.05 -3.00
C TYR C 240 -31.06 2.22 -3.55
N PHE C 241 -30.23 1.20 -3.36
CA PHE C 241 -28.89 1.15 -3.93
C PHE C 241 -28.70 -0.06 -4.82
N GLU C 242 -28.96 -1.27 -4.28
CA GLU C 242 -28.73 -2.53 -4.98
C GLU C 242 -29.36 -3.65 -4.13
N ALA C 243 -29.17 -4.89 -4.58
CA ALA C 243 -29.53 -6.07 -3.81
C ALA C 243 -31.00 -6.11 -3.36
N PRO C 244 -31.94 -6.09 -4.29
CA PRO C 244 -33.35 -6.34 -3.92
C PRO C 244 -33.59 -7.81 -3.58
N SER C 245 -34.62 -8.03 -2.76
CA SER C 245 -35.06 -9.37 -2.40
C SER C 245 -36.54 -9.29 -2.05
N ILE C 246 -37.36 -10.09 -2.73
CA ILE C 246 -38.81 -9.98 -2.64
C ILE C 246 -39.35 -11.20 -1.92
N ARG C 247 -40.23 -10.98 -0.92
CA ARG C 247 -40.88 -12.04 -0.16
C ARG C 247 -42.33 -11.68 0.10
N LYS C 248 -43.19 -12.71 0.14
CA LYS C 248 -44.57 -12.54 0.57
C LYS C 248 -44.64 -12.74 2.08
N VAL C 249 -45.26 -11.78 2.76
CA VAL C 249 -45.64 -11.93 4.15
C VAL C 249 -47.15 -11.75 4.18
N GLY C 250 -47.88 -12.85 4.38
CA GLY C 250 -49.33 -12.80 4.26
C GLY C 250 -49.70 -12.48 2.83
N GLU C 251 -50.59 -11.52 2.67
CA GLU C 251 -50.92 -10.99 1.35
C GLU C 251 -50.04 -9.80 0.96
N LYS C 252 -49.14 -9.36 1.83
CA LYS C 252 -48.32 -8.17 1.64
C LYS C 252 -47.05 -8.52 0.87
N TYR C 253 -46.48 -7.51 0.22
CA TYR C 253 -45.23 -7.69 -0.52
C TYR C 253 -44.14 -6.94 0.22
N TYR C 254 -43.08 -7.65 0.60
CA TYR C 254 -42.00 -7.05 1.37
C TYR C 254 -40.76 -7.04 0.52
N LEU C 255 -40.36 -5.85 0.09
CA LEU C 255 -39.17 -5.66 -0.73
C LEU C 255 -38.03 -5.26 0.20
N LEU C 256 -37.07 -6.16 0.37
CA LEU C 256 -35.83 -5.85 1.03
C LEU C 256 -34.82 -5.33 0.01
N TYR C 257 -33.85 -4.56 0.50
CA TYR C 257 -32.78 -4.05 -0.37
C TYR C 257 -31.64 -3.50 0.49
N SER C 258 -30.46 -3.39 -0.13
CA SER C 258 -29.35 -2.64 0.45
C SER C 258 -29.53 -1.18 0.09
N SER C 259 -29.42 -0.31 1.09
CA SER C 259 -29.76 1.10 0.95
C SER C 259 -28.54 1.89 0.50
N GLN C 260 -28.71 3.20 0.37
CA GLN C 260 -27.58 4.03 -0.05
C GLN C 260 -26.41 3.94 0.93
N LEU C 261 -26.66 3.55 2.18
CA LEU C 261 -25.58 3.39 3.15
C LEU C 261 -24.83 2.07 3.00
N SER C 262 -25.37 1.13 2.22
CA SER C 262 -24.71 -0.10 1.78
C SER C 262 -24.59 -1.18 2.86
N HIS C 263 -24.07 -0.84 4.04
CA HIS C 263 -23.94 -1.84 5.10
C HIS C 263 -25.28 -2.30 5.66
N GLU C 264 -26.40 -1.70 5.25
CA GLU C 264 -27.68 -1.99 5.85
C GLU C 264 -28.66 -2.55 4.84
N LEU C 265 -29.51 -3.45 5.31
CA LEU C 265 -30.69 -3.90 4.57
C LEU C 265 -31.91 -3.18 5.13
N CYS C 266 -32.65 -2.53 4.26
CA CYS C 266 -33.93 -1.93 4.63
C CYS C 266 -35.05 -2.71 3.97
N TYR C 267 -36.29 -2.40 4.36
CA TYR C 267 -37.43 -2.98 3.68
C TYR C 267 -38.46 -1.90 3.36
N ALA C 268 -39.22 -2.18 2.31
CA ALA C 268 -40.42 -1.44 1.96
C ALA C 268 -41.55 -2.45 1.80
N VAL C 269 -42.78 -1.97 1.99
CA VAL C 269 -43.97 -2.82 2.09
C VAL C 269 -45.05 -2.30 1.13
N SER C 270 -45.69 -3.22 0.43
CA SER C 270 -46.78 -2.85 -0.47
C SER C 270 -47.81 -3.96 -0.53
N ASP C 271 -49.03 -3.56 -0.89
CA ASP C 271 -50.11 -4.49 -1.20
C ASP C 271 -50.00 -5.05 -2.62
N GLN C 272 -49.18 -4.44 -3.49
CA GLN C 272 -49.02 -4.87 -4.88
C GLN C 272 -47.56 -5.26 -5.15
N PRO C 273 -47.31 -6.15 -6.11
CA PRO C 273 -45.92 -6.57 -6.34
C PRO C 273 -45.03 -5.49 -6.97
N MET C 274 -45.57 -4.61 -7.80
CA MET C 274 -44.73 -3.74 -8.63
C MET C 274 -44.93 -2.25 -8.40
N GLU C 275 -45.75 -1.85 -7.42
CA GLU C 275 -45.96 -0.43 -7.12
C GLU C 275 -46.62 -0.32 -5.75
N GLY C 276 -46.75 0.93 -5.27
CA GLY C 276 -47.35 1.18 -3.98
C GLY C 276 -46.47 0.92 -2.78
N TYR C 277 -45.16 0.85 -2.97
CA TYR C 277 -44.28 0.52 -1.86
C TYR C 277 -44.09 1.71 -0.93
N ALA C 278 -44.14 1.45 0.37
CA ALA C 278 -43.86 2.47 1.38
C ALA C 278 -42.66 2.04 2.22
N TYR C 279 -41.85 3.02 2.64
CA TYR C 279 -40.61 2.73 3.35
C TYR C 279 -40.91 2.14 4.73
N GLY C 280 -40.24 1.03 5.06
CA GLY C 280 -40.38 0.40 6.35
C GLY C 280 -39.36 0.90 7.34
N GLY C 281 -38.10 0.52 7.15
CA GLY C 281 -37.09 0.78 8.14
C GLY C 281 -35.91 -0.14 7.91
N THR C 282 -34.97 -0.09 8.85
CA THR C 282 -33.77 -0.90 8.77
C THR C 282 -34.00 -2.21 9.52
N ILE C 283 -33.66 -3.32 8.87
CA ILE C 283 -33.75 -4.63 9.51
C ILE C 283 -32.42 -5.01 10.15
N VAL C 284 -31.31 -4.80 9.45
CA VAL C 284 -30.01 -5.19 10.00
C VAL C 284 -28.93 -4.36 9.33
N SER C 285 -27.93 -4.00 10.10
CA SER C 285 -26.68 -3.45 9.57
C SER C 285 -25.53 -4.33 10.01
N ASN C 286 -24.59 -4.64 9.09
CA ASN C 286 -23.59 -5.60 9.51
C ASN C 286 -22.52 -4.97 10.42
N GLY C 287 -22.77 -3.74 10.90
CA GLY C 287 -21.98 -3.10 11.94
C GLY C 287 -22.89 -2.58 13.03
N ASP C 288 -24.17 -2.92 12.94
CA ASP C 288 -25.20 -2.47 13.90
C ASP C 288 -25.43 -0.96 13.86
N VAL C 289 -25.10 -0.28 12.77
CA VAL C 289 -25.33 1.15 12.69
C VAL C 289 -26.84 1.41 12.57
N GLY C 290 -27.30 2.45 13.25
CA GLY C 290 -28.70 2.79 13.29
C GLY C 290 -29.46 2.13 14.43
N LEU C 291 -28.96 0.99 14.91
CA LEU C 291 -29.60 0.30 16.02
C LEU C 291 -29.55 1.16 17.27
N ASP C 292 -30.72 1.57 17.75
CA ASP C 292 -30.84 2.41 18.94
C ASP C 292 -30.11 3.73 18.75
N GLY C 293 -30.02 4.19 17.51
CA GLY C 293 -29.31 5.39 17.14
C GLY C 293 -27.81 5.25 17.04
N ARG C 294 -27.26 4.03 17.19
CA ARG C 294 -25.81 3.85 17.21
C ARG C 294 -25.17 4.47 15.97
N ALA C 295 -24.07 5.21 16.19
CA ALA C 295 -23.25 5.70 15.08
C ALA C 295 -21.87 5.04 15.00
N ALA C 296 -21.39 4.43 16.07
CA ALA C 296 -20.08 3.77 16.03
C ALA C 296 -20.27 2.30 15.68
N PRO C 297 -19.74 1.83 14.55
CA PRO C 297 -19.94 0.42 14.18
C PRO C 297 -19.41 -0.51 15.24
N VAL C 298 -20.05 -1.66 15.38
CA VAL C 298 -19.52 -2.69 16.27
C VAL C 298 -18.64 -3.66 15.50
N TYR C 299 -18.58 -3.55 14.18
CA TYR C 299 -17.89 -4.51 13.33
C TYR C 299 -17.63 -3.81 12.02
N THR C 300 -16.62 -4.29 11.29
CA THR C 300 -16.19 -3.64 10.06
C THR C 300 -17.33 -3.55 9.06
N LEU C 301 -17.59 -2.36 8.55
CA LEU C 301 -18.70 -2.18 7.61
C LEU C 301 -18.31 -2.63 6.20
N GLY C 302 -19.32 -2.99 5.41
CA GLY C 302 -19.12 -3.35 4.02
C GLY C 302 -20.46 -3.49 3.35
N ASN C 303 -20.46 -3.97 2.10
CA ASN C 303 -21.75 -4.13 1.47
C ASN C 303 -22.57 -5.21 2.18
N ASN C 304 -23.87 -5.17 1.97
CA ASN C 304 -24.79 -6.10 2.60
C ASN C 304 -25.81 -6.51 1.56
N HIS C 305 -26.36 -7.70 1.72
CA HIS C 305 -27.14 -8.42 0.72
C HIS C 305 -27.81 -9.59 1.41
N GLY C 306 -29.07 -9.88 1.06
CA GLY C 306 -29.75 -11.01 1.67
C GLY C 306 -31.25 -10.81 1.69
N GLY C 307 -31.91 -11.55 2.58
CA GLY C 307 -33.36 -11.61 2.54
C GLY C 307 -33.95 -12.22 3.80
N ILE C 308 -35.26 -12.14 3.88
CA ILE C 308 -35.97 -12.78 4.96
C ILE C 308 -36.59 -14.08 4.46
N VAL C 309 -36.82 -14.98 5.39
CA VAL C 309 -37.48 -16.26 5.11
C VAL C 309 -38.20 -16.71 6.37
N GLN C 310 -39.35 -17.35 6.20
CA GLN C 310 -39.99 -18.07 7.28
C GLN C 310 -39.57 -19.52 7.16
N ALA C 311 -38.96 -20.06 8.21
CA ALA C 311 -38.56 -21.48 8.23
C ALA C 311 -38.84 -22.06 9.61
N GLY C 312 -39.60 -23.16 9.64
CA GLY C 312 -39.93 -23.78 10.90
C GLY C 312 -40.81 -22.95 11.82
N GLY C 313 -41.60 -22.03 11.26
CA GLY C 313 -42.48 -21.21 12.07
C GLY C 313 -41.88 -19.90 12.56
N ASP C 314 -40.60 -19.65 12.32
CA ASP C 314 -39.97 -18.40 12.72
C ASP C 314 -39.48 -17.64 11.50
N TRP C 315 -39.35 -16.33 11.64
CA TRP C 315 -38.83 -15.46 10.60
C TRP C 315 -37.38 -15.14 10.88
N TYR C 316 -36.58 -15.13 9.82
CA TYR C 316 -35.15 -14.84 9.92
C TYR C 316 -34.76 -13.80 8.88
N VAL C 317 -33.68 -13.08 9.14
CA VAL C 317 -33.01 -12.28 8.12
C VAL C 317 -31.63 -12.90 7.92
N PHE C 318 -31.27 -13.11 6.66
CA PHE C 318 -29.94 -13.55 6.27
C PHE C 318 -29.24 -12.34 5.65
N TYR C 319 -27.93 -12.22 5.91
CA TYR C 319 -27.10 -11.11 5.47
C TYR C 319 -25.67 -11.64 5.42
N HIS C 320 -24.70 -10.76 5.17
CA HIS C 320 -23.33 -11.25 5.17
C HIS C 320 -22.40 -10.27 5.86
N ARG C 321 -21.29 -10.79 6.36
CA ARG C 321 -20.24 -10.01 6.99
C ARG C 321 -18.98 -10.02 6.12
N GLN C 322 -18.12 -9.04 6.38
CA GLN C 322 -16.83 -8.91 5.70
C GLN C 322 -15.72 -9.52 6.54
N THR C 323 -14.73 -10.11 5.88
CA THR C 323 -13.49 -10.51 6.56
C THR C 323 -12.28 -10.10 5.73
N HIS C 324 -11.10 -10.46 6.25
CA HIS C 324 -9.82 -10.34 5.54
C HIS C 324 -9.46 -8.90 5.20
N GLY C 325 -10.08 -7.93 5.86
CA GLY C 325 -9.81 -6.53 5.57
C GLY C 325 -10.14 -6.10 4.15
N THR C 326 -10.95 -6.87 3.44
CA THR C 326 -11.38 -6.52 2.09
C THR C 326 -12.88 -6.68 1.99
N GLU C 327 -13.41 -6.49 0.78
CA GLU C 327 -14.82 -6.74 0.50
C GLU C 327 -14.99 -7.97 -0.40
N PHE C 328 -13.98 -8.84 -0.44
CA PHE C 328 -13.95 -10.00 -1.32
C PHE C 328 -13.91 -11.33 -0.59
N SER C 329 -14.14 -11.37 0.73
CA SER C 329 -14.12 -12.62 1.47
C SER C 329 -15.31 -12.65 2.44
N ARG C 330 -16.51 -12.55 1.91
CA ARG C 330 -17.68 -12.37 2.75
C ARG C 330 -18.33 -13.71 3.09
N GLN C 331 -18.98 -13.76 4.27
CA GLN C 331 -19.57 -14.98 4.82
C GLN C 331 -20.97 -14.67 5.32
N GLY C 332 -21.91 -15.56 5.01
CA GLY C 332 -23.31 -15.33 5.35
C GLY C 332 -23.58 -15.51 6.83
N CYS C 333 -24.45 -14.67 7.36
CA CYS C 333 -24.87 -14.75 8.75
C CYS C 333 -26.39 -14.67 8.77
N ALA C 334 -26.99 -14.96 9.94
CA ALA C 334 -28.44 -14.87 10.05
C ALA C 334 -28.82 -14.43 11.45
N GLU C 335 -29.99 -13.80 11.57
CA GLU C 335 -30.61 -13.54 12.86
C GLU C 335 -32.10 -13.82 12.81
N LYS C 336 -32.63 -14.32 13.91
CA LYS C 336 -34.08 -14.32 14.08
C LYS C 336 -34.59 -12.88 14.10
N ILE C 337 -35.73 -12.65 13.47
CA ILE C 337 -36.39 -11.34 13.53
C ILE C 337 -37.79 -11.51 14.12
N THR C 338 -38.42 -10.39 14.43
CA THR C 338 -39.85 -10.35 14.73
C THR C 338 -40.55 -9.44 13.73
N ILE C 339 -41.59 -9.97 13.09
CA ILE C 339 -42.57 -9.15 12.40
C ILE C 339 -43.66 -8.85 13.43
N LYS C 340 -43.78 -7.57 13.78
CA LYS C 340 -44.75 -7.15 14.78
C LYS C 340 -46.16 -7.20 14.18
N PRO C 341 -47.19 -7.24 15.03
CA PRO C 341 -48.57 -7.33 14.50
C PRO C 341 -48.90 -6.30 13.43
N ASP C 342 -48.36 -5.08 13.55
CA ASP C 342 -48.52 -3.99 12.59
C ASP C 342 -47.76 -4.21 11.30
N GLY C 343 -47.02 -5.30 11.17
CA GLY C 343 -46.23 -5.57 9.99
C GLY C 343 -44.84 -5.02 10.00
N SER C 344 -44.43 -4.30 11.04
CA SER C 344 -43.09 -3.76 11.00
C SER C 344 -42.09 -4.83 11.44
N ILE C 345 -40.83 -4.59 11.09
CA ILE C 345 -39.71 -5.46 11.43
C ILE C 345 -38.69 -4.57 12.10
N PRO C 346 -38.67 -4.51 13.43
CA PRO C 346 -37.66 -3.67 14.10
C PRO C 346 -36.26 -4.24 13.88
N GLN C 347 -35.28 -3.33 13.85
CA GLN C 347 -33.89 -3.72 13.61
C GLN C 347 -33.39 -4.67 14.69
N VAL C 348 -32.54 -5.61 14.28
CA VAL C 348 -31.91 -6.56 15.19
C VAL C 348 -30.40 -6.37 15.18
N GLU C 349 -29.79 -6.63 16.34
CA GLU C 349 -28.34 -6.60 16.48
C GLU C 349 -27.73 -7.84 15.81
N ILE C 350 -26.49 -7.72 15.34
CA ILE C 350 -25.77 -8.89 14.85
C ILE C 350 -25.24 -9.66 16.06
N THR C 351 -25.22 -10.99 15.96
CA THR C 351 -24.75 -11.87 17.03
C THR C 351 -23.83 -12.96 16.49
N SER C 352 -23.13 -13.61 17.42
CA SER C 352 -22.36 -14.82 17.18
C SER C 352 -23.20 -16.08 17.20
N CYS C 353 -24.37 -16.05 17.82
CA CYS C 353 -25.14 -17.28 17.98
C CYS C 353 -26.25 -17.44 16.95
N GLY C 354 -26.71 -16.35 16.34
CA GLY C 354 -27.55 -16.38 15.15
C GLY C 354 -28.69 -17.38 15.11
N LEU C 355 -28.46 -18.50 14.40
CA LEU C 355 -29.50 -19.51 14.19
C LEU C 355 -29.56 -20.52 15.33
N ASN C 356 -28.89 -20.24 16.45
CA ASN C 356 -28.82 -21.23 17.51
C ASN C 356 -30.10 -21.31 18.35
N GLY C 357 -31.03 -20.37 18.19
CA GLY C 357 -32.22 -20.37 18.99
C GLY C 357 -31.98 -20.07 20.45
N GLY C 358 -30.87 -19.40 20.77
CA GLY C 358 -30.53 -19.12 22.14
C GLY C 358 -29.04 -18.96 22.33
N PRO C 359 -28.61 -18.68 23.56
CA PRO C 359 -27.19 -18.42 23.82
C PRO C 359 -26.35 -19.66 23.58
N LEU C 360 -25.07 -19.42 23.34
CA LEU C 360 -24.12 -20.52 23.23
C LEU C 360 -23.72 -21.03 24.61
N ALA C 361 -23.33 -22.30 24.67
CA ALA C 361 -22.87 -22.90 25.93
C ALA C 361 -21.49 -22.37 26.31
N ALA C 362 -21.37 -21.82 27.52
CA ALA C 362 -20.06 -21.44 28.06
C ALA C 362 -19.31 -22.68 28.52
N GLY C 363 -19.03 -23.55 27.56
CA GLY C 363 -18.15 -24.69 27.77
C GLY C 363 -17.45 -25.04 26.48
N GLY C 364 -16.31 -25.69 26.60
CA GLY C 364 -15.58 -26.07 25.43
C GLY C 364 -14.90 -24.87 24.76
N SER C 365 -14.44 -25.13 23.54
CA SER C 365 -13.62 -24.22 22.75
C SER C 365 -14.41 -23.60 21.61
N TYR C 366 -14.16 -22.33 21.33
CA TYR C 366 -14.78 -21.66 20.19
C TYR C 366 -13.70 -20.98 19.37
N SER C 367 -13.83 -21.05 18.06
CA SER C 367 -12.94 -20.28 17.20
C SER C 367 -13.11 -18.79 17.50
N ALA C 368 -11.99 -18.05 17.50
CA ALA C 368 -12.08 -16.62 17.70
C ALA C 368 -12.81 -15.92 16.56
N ALA C 369 -12.85 -16.54 15.37
CA ALA C 369 -13.48 -16.06 14.14
C ALA C 369 -15.00 -15.90 14.20
N ILE C 370 -15.71 -16.31 15.25
CA ILE C 370 -17.16 -16.08 15.29
C ILE C 370 -17.46 -14.75 16.00
N ALA C 371 -16.43 -13.92 16.21
CA ALA C 371 -16.63 -12.60 16.81
C ALA C 371 -17.67 -11.80 16.05
N CYS C 372 -18.61 -11.18 16.80
CA CYS C 372 -19.59 -10.29 16.20
C CYS C 372 -19.35 -8.82 16.58
N HIS C 373 -18.37 -8.56 17.42
CA HIS C 373 -17.81 -7.23 17.64
C HIS C 373 -16.34 -7.29 17.22
N LEU C 374 -15.90 -6.33 16.40
CA LEU C 374 -14.50 -6.32 15.94
C LEU C 374 -14.13 -4.89 15.56
N THR C 375 -13.43 -4.20 16.47
CA THR C 375 -13.11 -2.79 16.25
C THR C 375 -11.71 -2.51 16.73
N ASP C 376 -11.14 -1.43 16.21
CA ASP C 376 -9.93 -0.86 16.76
C ASP C 376 -9.99 0.64 16.48
N GLY C 377 -8.91 1.35 16.77
CA GLY C 377 -8.90 2.78 16.61
C GLY C 377 -9.00 3.26 15.18
N THR C 378 -8.95 2.36 14.20
CA THR C 378 -9.04 2.73 12.80
C THR C 378 -10.36 2.32 12.15
N THR C 379 -11.27 1.68 12.90
CA THR C 379 -12.55 1.27 12.34
C THR C 379 -13.22 2.43 11.63
N LEU C 380 -13.66 2.21 10.40
CA LEU C 380 -14.24 3.28 9.59
C LEU C 380 -15.74 3.43 9.88
N ARG C 381 -16.21 4.68 9.90
CA ARG C 381 -17.64 4.95 9.92
C ARG C 381 -18.22 5.10 8.52
N GLU C 382 -17.39 5.38 7.52
CA GLU C 382 -17.83 5.39 6.13
C GLU C 382 -17.01 4.36 5.35
N ILE C 383 -17.71 3.41 4.73
CA ILE C 383 -17.06 2.38 3.95
C ILE C 383 -16.09 3.02 2.97
N ASP C 384 -14.85 2.54 2.97
CA ASP C 384 -13.84 2.99 1.99
C ASP C 384 -12.80 1.88 1.85
N TYR C 385 -13.03 0.98 0.91
CA TYR C 385 -12.11 -0.14 0.72
C TYR C 385 -10.91 0.21 -0.14
N SER C 386 -10.74 1.48 -0.50
CA SER C 386 -9.47 2.00 -1.00
C SER C 386 -8.65 2.66 0.11
N ASP C 387 -9.16 2.66 1.35
CA ASP C 387 -8.39 3.23 2.45
C ASP C 387 -7.25 2.30 2.86
N PRO C 388 -6.02 2.81 2.96
CA PRO C 388 -4.89 1.95 3.35
C PRO C 388 -4.97 1.41 4.79
N VAL C 389 -5.86 1.92 5.65
CA VAL C 389 -5.99 1.31 6.97
C VAL C 389 -6.56 -0.10 6.89
N MET C 390 -7.37 -0.39 5.87
CA MET C 390 -7.91 -1.74 5.73
C MET C 390 -6.80 -2.77 5.81
N LYS C 391 -5.65 -2.47 5.22
CA LYS C 391 -4.56 -3.44 5.16
C LYS C 391 -4.14 -3.90 6.56
N THR C 392 -3.96 -2.96 7.49
CA THR C 392 -3.45 -3.29 8.81
C THR C 392 -4.53 -3.24 9.89
N GLN C 393 -5.79 -3.18 9.49
CA GLN C 393 -6.88 -3.18 10.45
C GLN C 393 -7.07 -4.56 11.07
N ILE C 394 -7.48 -4.59 12.35
CA ILE C 394 -7.93 -5.83 12.96
C ILE C 394 -8.92 -6.54 12.04
N GLN C 395 -8.67 -7.82 11.78
CA GLN C 395 -9.50 -8.48 10.78
C GLN C 395 -9.46 -9.99 10.99
N ILE C 396 -10.56 -10.64 10.64
CA ILE C 396 -10.63 -12.10 10.61
C ILE C 396 -9.96 -12.61 9.34
N THR C 397 -9.12 -13.62 9.47
CA THR C 397 -8.39 -14.13 8.31
C THR C 397 -8.33 -15.64 8.37
N GLU C 398 -7.75 -16.23 7.33
CA GLU C 398 -7.74 -17.67 7.18
C GLU C 398 -6.38 -18.09 6.67
N GLU C 399 -5.78 -19.08 7.30
CA GLU C 399 -4.52 -19.63 6.82
C GLU C 399 -4.77 -21.03 6.27
N ALA C 400 -4.53 -21.23 4.98
CA ALA C 400 -4.82 -22.51 4.37
C ALA C 400 -3.71 -23.50 4.69
N ARG C 401 -4.11 -24.70 5.08
CA ARG C 401 -3.25 -25.76 5.60
C ARG C 401 -3.40 -27.02 4.75
N ASP C 402 -2.45 -27.92 4.94
CA ASP C 402 -2.39 -29.12 4.11
C ASP C 402 -3.55 -30.05 4.46
N GLY C 403 -4.02 -30.79 3.45
CA GLY C 403 -4.93 -31.88 3.68
C GLY C 403 -6.42 -31.57 3.56
N GLY C 404 -6.79 -30.41 3.01
CA GLY C 404 -8.17 -30.06 2.83
C GLY C 404 -8.56 -28.75 3.51
N GLU C 405 -9.59 -28.08 3.00
CA GLU C 405 -9.97 -26.81 3.60
C GLU C 405 -10.53 -26.97 5.01
N ASP C 406 -11.00 -28.15 5.38
CA ASP C 406 -11.48 -28.33 6.75
C ASP C 406 -10.34 -28.29 7.76
N LYS C 407 -9.09 -28.26 7.30
CA LYS C 407 -7.94 -28.15 8.18
C LYS C 407 -7.39 -26.73 8.29
N ASN C 408 -7.96 -25.78 7.57
CA ASN C 408 -7.44 -24.42 7.62
C ASN C 408 -7.67 -23.79 8.97
N LEU C 409 -6.83 -22.80 9.26
CA LEU C 409 -6.82 -22.10 10.53
C LEU C 409 -7.55 -20.77 10.34
N HIS C 410 -8.50 -20.48 11.24
CA HIS C 410 -9.15 -19.18 11.27
C HIS C 410 -8.77 -18.45 12.54
N TYR C 411 -8.41 -17.18 12.40
CA TYR C 411 -7.99 -16.39 13.57
C TYR C 411 -8.22 -14.90 13.26
N ILE C 412 -8.11 -14.10 14.31
CA ILE C 412 -8.10 -12.65 14.17
C ILE C 412 -6.65 -12.21 14.20
N ARG C 413 -6.27 -11.38 13.25
CA ARG C 413 -4.92 -10.82 13.15
C ARG C 413 -4.97 -9.31 13.33
N GLN C 414 -3.79 -8.72 13.52
CA GLN C 414 -3.61 -7.27 13.55
C GLN C 414 -4.26 -6.65 14.77
N ILE C 415 -4.32 -7.39 15.88
CA ILE C 415 -4.86 -6.86 17.13
C ILE C 415 -3.79 -5.99 17.77
N GLY C 416 -4.09 -4.72 17.94
CA GLY C 416 -3.15 -3.84 18.62
C GLY C 416 -3.83 -3.07 19.72
N GLY C 417 -3.12 -2.11 20.33
CA GLY C 417 -3.68 -1.32 21.42
C GLY C 417 -4.96 -0.63 21.02
N GLY C 418 -5.97 -0.74 21.87
CA GLY C 418 -7.28 -0.18 21.63
C GLY C 418 -8.25 -1.10 20.92
N ALA C 419 -7.82 -2.29 20.50
CA ALA C 419 -8.71 -3.22 19.83
C ALA C 419 -9.64 -3.92 20.83
N VAL C 420 -10.87 -4.18 20.39
CA VAL C 420 -11.86 -4.90 21.18
C VAL C 420 -12.45 -6.01 20.32
N VAL C 421 -12.52 -7.23 20.90
CA VAL C 421 -13.14 -8.39 20.26
C VAL C 421 -14.32 -8.84 21.10
N GLY C 422 -15.45 -9.17 20.46
CA GLY C 422 -16.67 -9.42 21.19
C GLY C 422 -17.48 -10.58 20.65
N TYR C 423 -18.24 -11.19 21.55
CA TYR C 423 -19.06 -12.37 21.30
C TYR C 423 -20.41 -12.22 21.97
N LYS C 424 -21.47 -12.59 21.26
CA LYS C 424 -22.82 -12.59 21.83
C LYS C 424 -23.56 -13.84 21.39
N TYR C 425 -24.12 -14.60 22.34
CA TYR C 425 -24.12 -14.48 23.78
C TYR C 425 -23.71 -15.82 24.32
N PHE C 426 -23.21 -15.87 25.55
CA PHE C 426 -22.84 -17.14 26.20
C PHE C 426 -23.63 -17.30 27.49
N ASP C 427 -24.05 -18.54 27.77
CA ASP C 427 -24.72 -18.90 29.02
C ASP C 427 -23.67 -19.34 30.04
N PHE C 428 -23.20 -18.40 30.84
CA PHE C 428 -22.14 -18.66 31.81
C PHE C 428 -22.69 -19.44 33.00
N GLN C 429 -22.09 -20.59 33.29
CA GLN C 429 -22.51 -21.41 34.43
C GLN C 429 -21.24 -21.92 35.11
N GLY C 430 -20.91 -21.35 36.27
CA GLY C 430 -19.72 -21.75 36.99
C GLY C 430 -18.43 -21.68 36.21
N VAL C 431 -18.20 -20.55 35.53
CA VAL C 431 -17.03 -20.38 34.67
C VAL C 431 -15.89 -19.78 35.50
N MET C 432 -14.77 -20.52 35.59
CA MET C 432 -13.63 -20.12 36.41
C MET C 432 -12.57 -19.34 35.63
N ALA C 433 -12.37 -19.63 34.34
CA ALA C 433 -11.29 -19.00 33.60
C ALA C 433 -11.52 -19.21 32.11
N LEU C 434 -10.72 -18.51 31.31
CA LEU C 434 -10.78 -18.60 29.85
C LEU C 434 -9.39 -18.86 29.32
N ASP C 435 -9.27 -19.85 28.46
CA ASP C 435 -8.02 -20.22 27.82
C ASP C 435 -7.99 -19.60 26.42
N LEU C 436 -7.08 -18.64 26.21
CA LEU C 436 -6.96 -17.95 24.93
C LEU C 436 -5.71 -18.44 24.22
N THR C 437 -5.87 -18.91 22.98
CA THR C 437 -4.73 -19.29 22.14
C THR C 437 -4.33 -18.08 21.29
N VAL C 438 -3.07 -17.63 21.45
CA VAL C 438 -2.60 -16.35 20.91
C VAL C 438 -1.15 -16.49 20.42
N ARG C 439 -0.71 -15.50 19.65
CA ARG C 439 0.69 -15.40 19.26
C ARG C 439 0.95 -13.97 18.78
N GLY C 440 2.22 -13.68 18.47
CA GLY C 440 2.62 -12.36 18.00
C GLY C 440 3.75 -11.79 18.85
N ASP C 441 3.81 -10.46 18.91
CA ASP C 441 4.82 -9.80 19.74
C ASP C 441 4.19 -8.76 20.66
N ALA C 442 3.07 -9.09 21.28
CA ALA C 442 2.38 -8.10 22.10
C ALA C 442 3.05 -7.96 23.47
N GLY C 443 3.13 -6.72 23.93
CA GLY C 443 3.50 -6.44 25.30
C GLY C 443 2.50 -5.46 25.87
N GLY C 444 1.61 -5.96 26.72
CA GLY C 444 0.55 -5.12 27.25
C GLY C 444 -0.37 -5.92 28.15
N ARG C 445 -1.64 -5.52 28.21
CA ARG C 445 -2.66 -6.21 28.99
C ARG C 445 -3.84 -6.58 28.11
N LEU C 446 -4.25 -7.85 28.20
CA LEU C 446 -5.53 -8.31 27.67
C LEU C 446 -6.55 -8.24 28.81
N ALA C 447 -7.65 -7.51 28.59
CA ALA C 447 -8.72 -7.44 29.59
C ALA C 447 -9.95 -8.18 29.08
N VAL C 448 -10.71 -8.73 30.02
CA VAL C 448 -11.95 -9.44 29.73
C VAL C 448 -13.08 -8.66 30.39
N ALA C 449 -14.11 -8.34 29.61
CA ALA C 449 -15.26 -7.63 30.16
C ALA C 449 -16.53 -8.16 29.51
N LEU C 450 -17.66 -7.83 30.13
CA LEU C 450 -18.97 -8.21 29.64
C LEU C 450 -19.65 -7.14 28.80
N ASP C 451 -18.99 -6.01 28.56
CA ASP C 451 -19.53 -4.94 27.73
C ASP C 451 -18.47 -4.46 26.76
N ALA C 452 -18.91 -3.94 25.61
CA ALA C 452 -17.96 -3.50 24.59
C ALA C 452 -17.13 -2.33 25.07
N GLY C 453 -17.68 -1.49 25.96
CA GLY C 453 -16.94 -0.38 26.52
C GLY C 453 -15.83 -0.79 27.45
N MET C 454 -15.70 -2.08 27.74
CA MET C 454 -14.62 -2.62 28.58
C MET C 454 -14.68 -2.07 30.02
N LYS C 455 -15.87 -1.66 30.49
CA LYS C 455 -16.00 -1.10 31.84
C LYS C 455 -16.30 -2.15 32.89
N GLN C 456 -17.07 -3.18 32.53
CA GLN C 456 -17.48 -4.26 33.44
C GLN C 456 -16.46 -5.41 33.37
N ALA C 457 -15.30 -5.16 33.95
CA ALA C 457 -14.16 -6.07 33.81
C ALA C 457 -14.32 -7.28 34.73
N VAL C 458 -13.98 -8.46 34.20
CA VAL C 458 -14.07 -9.70 34.96
C VAL C 458 -12.72 -10.42 35.08
N GLY C 459 -11.67 -9.91 34.48
CA GLY C 459 -10.35 -10.50 34.60
C GLY C 459 -9.45 -9.92 33.55
N GLY C 460 -8.18 -10.29 33.63
CA GLY C 460 -7.23 -9.83 32.62
C GLY C 460 -5.85 -10.40 32.86
N ALA C 461 -5.00 -10.25 31.85
CA ALA C 461 -3.68 -10.86 31.84
C ALA C 461 -2.63 -9.91 31.28
N ASP C 462 -1.42 -9.96 31.84
CA ASP C 462 -0.23 -9.47 31.15
C ASP C 462 -0.01 -10.26 29.87
N LEU C 463 0.50 -9.59 28.85
CA LEU C 463 0.80 -10.25 27.59
C LEU C 463 2.30 -10.18 27.38
N ALA C 464 2.97 -11.32 27.50
CA ALA C 464 4.40 -11.44 27.25
C ALA C 464 4.56 -12.38 26.06
N LEU C 465 4.63 -11.80 24.86
CA LEU C 465 4.80 -12.58 23.64
C LEU C 465 5.91 -11.97 22.83
N ASN C 466 6.85 -12.79 22.36
CA ASN C 466 7.84 -12.31 21.40
C ASN C 466 8.03 -13.30 20.25
N GLY C 467 8.48 -14.51 20.55
CA GLY C 467 8.54 -15.53 19.52
C GLY C 467 7.16 -15.81 18.94
N GLY C 468 7.09 -15.93 17.62
CA GLY C 468 5.83 -16.07 16.92
C GLY C 468 5.28 -17.49 16.84
N GLY C 469 5.18 -18.17 17.98
CA GLY C 469 4.50 -19.46 18.07
C GLY C 469 3.17 -19.31 18.80
N TRP C 470 2.22 -20.17 18.45
CA TRP C 470 0.90 -20.12 19.08
C TRP C 470 1.00 -20.60 20.52
N GLN C 471 0.39 -19.85 21.45
CA GLN C 471 0.46 -20.15 22.88
C GLN C 471 -0.91 -19.97 23.52
N THR C 472 -1.17 -20.75 24.56
CA THR C 472 -2.43 -20.71 25.29
C THR C 472 -2.20 -20.05 26.65
N VAL C 473 -3.06 -19.09 26.98
CA VAL C 473 -2.96 -18.32 28.20
C VAL C 473 -4.27 -18.49 28.96
N ARG C 474 -4.18 -18.92 30.21
CA ARG C 474 -5.35 -19.05 31.06
C ARG C 474 -5.57 -17.72 31.78
N ILE C 475 -6.76 -17.15 31.62
CA ILE C 475 -7.13 -15.88 32.22
C ILE C 475 -8.25 -16.17 33.22
N PRO C 476 -7.98 -16.16 34.54
CA PRO C 476 -9.07 -16.33 35.49
C PRO C 476 -10.07 -15.19 35.35
N VAL C 477 -11.35 -15.52 35.52
CA VAL C 477 -12.41 -14.52 35.44
C VAL C 477 -13.37 -14.72 36.59
N THR C 478 -14.11 -13.66 36.91
CA THR C 478 -15.22 -13.72 37.86
C THR C 478 -16.49 -13.25 37.16
N VAL C 479 -17.30 -14.19 36.73
CA VAL C 479 -18.49 -13.92 35.93
C VAL C 479 -19.69 -14.49 36.66
N PRO C 480 -20.68 -13.67 37.02
CA PRO C 480 -21.94 -14.19 37.55
C PRO C 480 -22.57 -15.16 36.56
N ASN C 481 -23.15 -16.24 37.09
CA ASN C 481 -23.86 -17.18 36.24
C ASN C 481 -24.99 -16.48 35.50
N GLY C 482 -25.22 -16.88 34.25
CA GLY C 482 -26.25 -16.26 33.44
C GLY C 482 -25.74 -15.87 32.06
N VAL C 483 -26.61 -15.20 31.30
CA VAL C 483 -26.33 -14.90 29.89
C VAL C 483 -25.60 -13.57 29.78
N HIS C 484 -24.43 -13.59 29.16
CA HIS C 484 -23.65 -12.38 29.01
C HIS C 484 -23.02 -12.36 27.63
N ALA C 485 -22.77 -11.15 27.13
CA ALA C 485 -21.80 -10.94 26.08
C ALA C 485 -20.39 -10.93 26.66
N LEU C 486 -19.42 -11.31 25.84
CA LEU C 486 -18.06 -11.53 26.28
C LEU C 486 -17.14 -10.73 25.37
N TYR C 487 -16.32 -9.86 25.95
CA TYR C 487 -15.44 -8.96 25.20
C TYR C 487 -14.00 -9.06 25.68
N PHE C 488 -13.08 -9.05 24.72
CA PHE C 488 -11.64 -9.06 24.97
C PHE C 488 -11.05 -7.77 24.44
N GLY C 489 -10.32 -7.05 25.29
CA GLY C 489 -9.67 -5.82 24.89
C GLY C 489 -8.19 -5.81 25.19
N TYR C 490 -7.42 -5.26 24.25
CA TYR C 490 -5.98 -5.17 24.35
C TYR C 490 -5.53 -3.71 24.42
N THR C 491 -4.58 -3.44 25.32
CA THR C 491 -3.90 -2.16 25.41
C THR C 491 -2.40 -2.40 25.53
N GLY C 492 -1.61 -1.57 24.84
CA GLY C 492 -0.17 -1.69 24.90
C GLY C 492 0.45 -1.68 23.53
N GLU C 493 1.71 -2.07 23.46
CA GLU C 493 2.48 -2.06 22.22
CA GLU C 493 2.49 -2.06 22.23
C GLU C 493 2.52 -3.44 21.59
N GLY C 494 2.83 -3.46 20.29
CA GLY C 494 2.90 -4.69 19.54
C GLY C 494 1.55 -5.07 18.94
N ARG C 495 1.56 -6.15 18.16
CA ARG C 495 0.35 -6.72 17.62
C ARG C 495 0.26 -8.18 18.05
N LEU C 496 -0.95 -8.73 18.08
CA LEU C 496 -1.11 -10.12 18.46
C LEU C 496 -2.22 -10.75 17.63
N GLU C 497 -2.22 -12.08 17.58
CA GLU C 497 -3.18 -12.86 16.82
C GLU C 497 -3.92 -13.83 17.73
N PHE C 498 -5.15 -14.16 17.36
CA PHE C 498 -6.12 -14.75 18.28
C PHE C 498 -6.92 -15.79 17.51
N SER C 499 -6.74 -17.06 17.84
CA SER C 499 -7.32 -18.16 17.08
C SER C 499 -8.51 -18.82 17.75
N ASP C 500 -8.43 -19.12 19.05
CA ASP C 500 -9.49 -19.82 19.77
C ASP C 500 -9.55 -19.35 21.22
N PHE C 501 -10.69 -19.61 21.85
CA PHE C 501 -10.83 -19.47 23.29
C PHE C 501 -11.70 -20.61 23.82
N ALA C 502 -11.48 -20.97 25.06
CA ALA C 502 -12.16 -22.11 25.64
C ALA C 502 -12.57 -21.78 27.08
N PHE C 503 -13.69 -22.35 27.50
CA PHE C 503 -14.21 -22.08 28.83
C PHE C 503 -13.73 -23.14 29.80
N VAL C 504 -13.29 -22.69 30.96
CA VAL C 504 -12.81 -23.56 32.03
C VAL C 504 -13.83 -23.45 33.15
N THR C 505 -14.62 -24.50 33.33
CA THR C 505 -15.61 -24.49 34.40
C THR C 505 -15.05 -25.27 35.58
N ALA C 506 -15.88 -25.49 36.59
CA ALA C 506 -15.47 -26.31 37.71
C ALA C 506 -16.38 -27.54 37.84
N LYS D 7 20.93 -11.38 12.94
CA LYS D 7 20.17 -12.52 12.44
C LYS D 7 20.95 -13.32 11.39
N GLN D 8 20.88 -14.64 11.51
CA GLN D 8 21.51 -15.56 10.58
C GLN D 8 20.46 -16.42 9.90
N ILE D 9 20.83 -16.96 8.74
CA ILE D 9 20.10 -18.05 8.10
C ILE D 9 21.11 -19.07 7.63
N THR D 10 20.67 -20.32 7.54
CA THR D 10 21.48 -21.46 7.13
C THR D 10 20.80 -22.12 5.93
N ASN D 11 21.35 -23.23 5.49
CA ASN D 11 20.71 -24.19 4.62
C ASN D 11 20.22 -25.39 5.44
N PRO D 12 19.02 -25.90 5.20
CA PRO D 12 17.98 -25.41 4.27
C PRO D 12 17.48 -24.06 4.74
N TYR D 13 16.89 -23.23 3.88
CA TYR D 13 16.57 -21.88 4.30
C TYR D 13 15.22 -21.79 4.96
N LEU D 14 14.28 -22.67 4.58
CA LEU D 14 13.02 -22.82 5.31
C LEU D 14 13.27 -23.62 6.58
N PRO D 15 12.37 -23.53 7.57
CA PRO D 15 12.61 -24.24 8.81
C PRO D 15 12.70 -25.74 8.59
N LEU D 16 13.38 -26.41 9.52
CA LEU D 16 13.72 -27.82 9.34
C LEU D 16 12.49 -28.71 9.28
N TYR D 17 11.36 -28.26 9.84
CA TYR D 17 10.15 -29.06 9.80
C TYR D 17 9.39 -28.91 8.48
N GLU D 18 9.91 -28.14 7.54
CA GLU D 18 9.29 -27.94 6.25
C GLU D 18 10.09 -28.67 5.18
N TYR D 19 9.39 -29.18 4.17
CA TYR D 19 10.01 -30.02 3.13
C TYR D 19 9.38 -29.57 1.80
N VAL D 20 10.01 -28.59 1.16
CA VAL D 20 9.58 -28.06 -0.13
C VAL D 20 10.69 -28.33 -1.13
N PRO D 21 10.69 -29.47 -1.81
CA PRO D 21 11.65 -29.70 -2.89
C PRO D 21 11.15 -29.04 -4.18
N ASP D 22 11.96 -29.18 -5.23
CA ASP D 22 11.60 -28.83 -6.61
C ASP D 22 11.36 -27.34 -6.79
N GLY D 23 11.85 -26.51 -5.86
CA GLY D 23 11.42 -25.13 -5.77
C GLY D 23 11.98 -24.25 -6.87
N GLU D 24 11.07 -23.46 -7.50
CA GLU D 24 11.40 -22.45 -8.51
C GLU D 24 11.40 -21.09 -7.84
N PRO D 25 12.54 -20.36 -7.81
CA PRO D 25 12.58 -19.06 -7.13
C PRO D 25 12.19 -17.86 -8.00
N HIS D 26 11.27 -17.03 -7.52
CA HIS D 26 10.80 -15.88 -8.27
C HIS D 26 10.61 -14.69 -7.35
N VAL D 27 11.07 -13.53 -7.79
CA VAL D 27 10.84 -12.27 -7.09
C VAL D 27 9.59 -11.62 -7.65
N PHE D 28 8.56 -11.46 -6.80
CA PHE D 28 7.33 -10.76 -7.15
C PHE D 28 7.06 -9.71 -6.11
N ASP D 29 6.89 -8.46 -6.55
CA ASP D 29 6.50 -7.37 -5.67
C ASP D 29 7.40 -7.29 -4.45
N GLY D 30 8.70 -7.48 -4.66
CA GLY D 30 9.67 -7.26 -3.62
C GLY D 30 9.89 -8.40 -2.66
N ARG D 31 9.35 -9.57 -2.95
CA ARG D 31 9.53 -10.73 -2.11
C ARG D 31 9.99 -11.88 -2.98
N LEU D 32 10.96 -12.64 -2.48
CA LEU D 32 11.41 -13.86 -3.13
C LEU D 32 10.44 -14.97 -2.74
N TYR D 33 9.66 -15.44 -3.70
CA TYR D 33 8.76 -16.57 -3.45
C TYR D 33 9.45 -17.84 -3.92
N ILE D 34 9.16 -18.94 -3.22
CA ILE D 34 9.64 -20.26 -3.62
C ILE D 34 8.41 -21.10 -3.95
N TYR D 35 8.38 -21.65 -5.16
CA TYR D 35 7.27 -22.48 -5.62
C TYR D 35 7.86 -23.85 -5.92
N GLY D 36 7.65 -24.81 -5.02
CA GLY D 36 8.10 -26.17 -5.26
C GLY D 36 6.98 -27.14 -4.95
N SER D 37 7.28 -28.41 -4.87
CA SER D 37 6.30 -29.40 -4.46
C SER D 37 6.32 -29.49 -2.93
N HIS D 38 5.75 -30.55 -2.35
CA HIS D 38 5.58 -30.57 -0.90
C HIS D 38 5.73 -32.01 -0.42
N ASP D 39 6.91 -32.33 0.10
CA ASP D 39 7.14 -33.62 0.72
C ASP D 39 6.67 -33.55 2.18
N LEU D 40 6.50 -34.71 2.80
CA LEU D 40 6.24 -34.83 4.23
C LEU D 40 7.45 -35.42 4.94
N ALA D 41 7.66 -35.00 6.18
CA ALA D 41 8.68 -35.65 6.99
C ALA D 41 8.38 -37.13 7.12
N GLY D 42 9.33 -37.98 6.76
CA GLY D 42 9.01 -39.41 6.75
C GLY D 42 8.05 -39.84 5.66
N GLY D 43 7.88 -39.04 4.61
CA GLY D 43 6.96 -39.42 3.54
C GLY D 43 7.37 -40.70 2.84
N THR D 44 6.39 -41.35 2.21
CA THR D 44 6.61 -42.64 1.58
C THR D 44 6.54 -42.59 0.06
N ARG D 45 6.24 -41.43 -0.49
CA ARG D 45 6.34 -41.20 -1.92
C ARG D 45 6.62 -39.73 -2.13
N TYR D 46 6.85 -39.36 -3.38
CA TYR D 46 7.14 -37.98 -3.72
C TYR D 46 5.93 -37.11 -3.47
N CYS D 47 6.15 -35.90 -2.94
CA CYS D 47 5.19 -34.80 -3.08
C CYS D 47 3.79 -35.17 -2.55
N GLN D 48 3.75 -35.57 -1.29
CA GLN D 48 2.48 -36.02 -0.70
C GLN D 48 1.57 -34.88 -0.24
N GLY D 49 2.05 -33.64 -0.23
CA GLY D 49 1.26 -32.55 0.33
C GLY D 49 0.79 -31.56 -0.72
N ASP D 50 -0.24 -30.77 -0.36
CA ASP D 50 -0.67 -29.71 -1.26
C ASP D 50 0.42 -28.65 -1.40
N TYR D 51 0.35 -27.91 -2.50
CA TYR D 51 1.33 -26.87 -2.77
C TYR D 51 1.23 -25.76 -1.74
N VAL D 52 2.40 -25.34 -1.25
CA VAL D 52 2.50 -24.18 -0.39
C VAL D 52 3.50 -23.23 -1.04
N THR D 53 3.56 -22.01 -0.52
CA THR D 53 4.63 -21.10 -0.88
C THR D 53 5.11 -20.40 0.39
N TRP D 54 6.38 -20.04 0.36
CA TRP D 54 7.05 -19.24 1.38
C TRP D 54 7.75 -18.09 0.66
N SER D 55 7.92 -16.96 1.36
CA SER D 55 8.54 -15.78 0.75
C SER D 55 9.38 -15.04 1.79
N ALA D 56 10.44 -14.41 1.31
CA ALA D 56 11.27 -13.51 2.10
C ALA D 56 11.40 -12.20 1.33
N PRO D 57 11.51 -11.06 2.03
CA PRO D 57 11.77 -9.80 1.33
C PRO D 57 13.03 -9.91 0.51
N VAL D 58 13.02 -9.29 -0.68
CA VAL D 58 14.11 -9.52 -1.62
C VAL D 58 15.43 -8.98 -1.10
N ASP D 59 15.40 -8.05 -0.15
CA ASP D 59 16.63 -7.50 0.43
C ASP D 59 16.90 -8.02 1.84
N ASP D 60 16.14 -9.03 2.32
CA ASP D 60 16.44 -9.72 3.59
C ASP D 60 16.08 -11.19 3.40
N LEU D 61 16.93 -11.90 2.68
CA LEU D 61 16.71 -13.31 2.39
C LEU D 61 16.93 -14.20 3.62
N LYS D 62 17.04 -13.62 4.80
CA LYS D 62 17.16 -14.36 6.05
C LYS D 62 15.84 -14.48 6.79
N SER D 63 14.76 -13.91 6.24
CA SER D 63 13.48 -13.86 6.96
C SER D 63 12.36 -14.41 6.08
N TRP D 64 12.18 -15.73 6.11
CA TRP D 64 11.13 -16.37 5.32
C TRP D 64 9.87 -16.54 6.16
N ARG D 65 8.71 -16.39 5.51
CA ARG D 65 7.44 -16.63 6.19
C ARG D 65 6.55 -17.54 5.36
N TYR D 66 5.77 -18.36 6.07
CA TYR D 66 4.83 -19.25 5.44
C TYR D 66 3.64 -18.47 4.91
N GLU D 67 3.26 -18.71 3.66
CA GLU D 67 2.13 -18.04 3.05
C GLU D 67 0.90 -18.93 2.93
N GLY D 68 0.96 -20.16 3.42
CA GLY D 68 -0.18 -21.04 3.39
C GLY D 68 -0.25 -21.89 2.12
N VAL D 69 -1.18 -22.85 2.14
CA VAL D 69 -1.47 -23.62 0.94
C VAL D 69 -2.01 -22.69 -0.13
N ILE D 70 -1.61 -22.92 -1.38
CA ILE D 70 -2.00 -22.05 -2.48
C ILE D 70 -2.79 -22.76 -3.57
N TYR D 71 -2.78 -24.09 -3.61
CA TYR D 71 -3.46 -24.92 -4.60
C TYR D 71 -3.50 -26.35 -4.06
N ARG D 72 -4.59 -27.06 -4.33
CA ARG D 72 -4.81 -28.38 -3.74
C ARG D 72 -4.89 -29.44 -4.83
N LYS D 73 -4.54 -30.67 -4.44
CA LYS D 73 -4.49 -31.80 -5.37
C LYS D 73 -5.80 -31.99 -6.12
N ASP D 74 -6.92 -31.78 -5.44
CA ASP D 74 -8.20 -32.14 -6.01
C ASP D 74 -8.82 -31.00 -6.80
N GLN D 75 -8.06 -29.93 -7.07
CA GLN D 75 -8.59 -28.86 -7.90
C GLN D 75 -8.50 -29.18 -9.38
N ASP D 76 -7.61 -30.07 -9.80
CA ASP D 76 -7.58 -30.49 -11.21
C ASP D 76 -8.76 -31.42 -11.51
N PRO D 77 -9.54 -31.15 -12.57
CA PRO D 77 -10.69 -32.02 -12.88
C PRO D 77 -10.27 -33.46 -13.15
N LEU D 78 -9.03 -33.67 -13.56
CA LEU D 78 -8.52 -35.02 -13.75
C LEU D 78 -8.22 -35.75 -12.44
N ASN D 79 -8.33 -35.07 -11.29
CA ASN D 79 -7.92 -35.67 -10.01
C ASN D 79 -9.00 -35.50 -8.94
N PRO D 80 -10.25 -35.86 -9.24
CA PRO D 80 -11.35 -35.51 -8.33
C PRO D 80 -11.22 -36.15 -6.97
N ASP D 81 -10.61 -37.33 -6.91
CA ASP D 81 -10.39 -38.04 -5.66
C ASP D 81 -9.13 -37.59 -4.93
N GLY D 82 -8.34 -36.69 -5.52
CA GLY D 82 -7.05 -36.38 -4.96
C GLY D 82 -6.12 -37.56 -4.83
N ASN D 83 -6.34 -38.63 -5.62
CA ASN D 83 -5.54 -39.85 -5.48
C ASN D 83 -4.23 -39.81 -6.26
N MET D 84 -4.04 -38.80 -7.10
CA MET D 84 -2.74 -38.53 -7.71
C MET D 84 -2.10 -37.36 -6.96
N GLU D 85 -0.77 -37.37 -6.91
CA GLU D 85 -0.06 -36.27 -6.28
C GLU D 85 0.27 -35.20 -7.32
N MET D 86 0.62 -34.02 -6.81
CA MET D 86 1.03 -32.90 -7.66
C MET D 86 2.54 -32.80 -7.59
N TRP D 87 3.18 -32.80 -8.74
CA TRP D 87 4.64 -32.83 -8.77
C TRP D 87 5.18 -31.43 -9.02
N ALA D 88 6.42 -31.33 -9.46
CA ALA D 88 7.17 -30.08 -9.43
C ALA D 88 6.48 -28.98 -10.22
N PRO D 89 6.14 -27.85 -9.61
CA PRO D 89 5.41 -26.80 -10.33
C PRO D 89 6.27 -25.60 -10.68
N ASP D 90 5.72 -24.70 -11.51
CA ASP D 90 6.32 -23.40 -11.74
C ASP D 90 5.22 -22.35 -11.73
N VAL D 91 5.63 -21.09 -11.55
CA VAL D 91 4.72 -19.95 -11.52
C VAL D 91 5.29 -18.81 -12.34
N THR D 92 4.48 -18.22 -13.20
CA THR D 92 4.88 -17.02 -13.93
C THR D 92 3.89 -15.88 -13.67
N ARG D 93 4.36 -14.65 -13.80
CA ARG D 93 3.46 -13.51 -13.95
C ARG D 93 3.19 -13.37 -15.45
N GLY D 94 2.00 -13.75 -15.86
CA GLY D 94 1.64 -13.72 -17.26
C GLY D 94 1.59 -12.31 -17.80
N PRO D 95 1.41 -12.22 -19.13
CA PRO D 95 1.31 -10.90 -19.76
C PRO D 95 0.10 -10.08 -19.31
N ASP D 96 -0.94 -10.72 -18.77
CA ASP D 96 -2.11 -10.01 -18.30
C ASP D 96 -1.96 -9.52 -16.86
N GLY D 97 -0.80 -9.71 -16.25
CA GLY D 97 -0.58 -9.33 -14.87
C GLY D 97 -0.90 -10.40 -13.83
N ARG D 98 -1.61 -11.45 -14.21
CA ARG D 98 -1.97 -12.45 -13.22
C ARG D 98 -0.89 -13.52 -13.11
N TYR D 99 -1.02 -14.36 -12.09
CA TYR D 99 -0.06 -15.42 -11.84
C TYR D 99 -0.62 -16.76 -12.32
N TYR D 100 0.20 -17.51 -13.05
CA TYR D 100 -0.20 -18.78 -13.65
C TYR D 100 0.69 -19.91 -13.14
N LEU D 101 0.05 -20.91 -12.56
CA LEU D 101 0.74 -22.04 -11.93
C LEU D 101 0.66 -23.24 -12.87
N TYR D 102 1.83 -23.74 -13.29
CA TYR D 102 1.92 -24.90 -14.19
C TYR D 102 2.37 -26.13 -13.41
N TYR D 103 1.73 -27.27 -13.66
CA TYR D 103 2.03 -28.48 -12.91
C TYR D 103 1.61 -29.70 -13.69
N CYS D 104 2.16 -30.86 -13.30
CA CYS D 104 1.74 -32.17 -13.77
C CYS D 104 1.28 -33.04 -12.60
N LEU D 105 0.16 -33.74 -12.78
CA LEU D 105 -0.19 -34.80 -11.84
C LEU D 105 0.79 -35.97 -12.00
N SER D 106 0.86 -36.80 -10.97
CA SER D 106 1.95 -37.78 -10.86
C SER D 106 2.01 -38.71 -12.07
N PHE D 107 2.92 -38.41 -12.99
CA PHE D 107 3.16 -39.12 -14.24
C PHE D 107 1.94 -39.12 -15.16
N TYR D 108 0.95 -38.28 -14.90
CA TYR D 108 -0.13 -38.13 -15.86
C TYR D 108 0.34 -37.29 -17.03
N PRO D 109 0.11 -37.72 -18.28
CA PRO D 109 0.62 -36.99 -19.46
C PRO D 109 -0.25 -35.79 -19.82
N ALA D 110 -0.26 -34.81 -18.92
CA ALA D 110 -0.93 -33.54 -19.16
C ALA D 110 -0.30 -32.49 -18.27
N VAL D 111 -0.38 -31.24 -18.71
CA VAL D 111 0.10 -30.09 -17.94
C VAL D 111 -1.11 -29.29 -17.50
N GLY D 112 -1.38 -29.26 -16.19
CA GLY D 112 -2.45 -28.45 -15.64
C GLY D 112 -2.01 -27.03 -15.38
N VAL D 113 -2.96 -26.09 -15.41
CA VAL D 113 -2.68 -24.67 -15.24
C VAL D 113 -3.71 -24.06 -14.30
N ALA D 114 -3.24 -23.37 -13.26
CA ALA D 114 -4.10 -22.60 -12.37
C ALA D 114 -3.69 -21.13 -12.38
N VAL D 115 -4.57 -20.25 -11.89
CA VAL D 115 -4.35 -18.81 -11.98
C VAL D 115 -4.79 -18.10 -10.70
N SER D 116 -4.05 -17.05 -10.31
CA SER D 116 -4.34 -16.20 -9.17
C SER D 116 -3.94 -14.77 -9.52
N ASP D 117 -4.62 -13.80 -8.89
CA ASP D 117 -4.17 -12.41 -8.93
C ASP D 117 -3.00 -12.13 -8.00
N SER D 118 -2.72 -13.03 -7.05
CA SER D 118 -1.69 -12.78 -6.05
C SER D 118 -0.67 -13.91 -6.02
N PRO D 119 0.62 -13.59 -5.82
CA PRO D 119 1.64 -14.66 -5.86
C PRO D 119 1.41 -15.73 -4.80
N ALA D 120 0.71 -15.40 -3.72
CA ALA D 120 0.41 -16.33 -2.63
C ALA D 120 -0.98 -16.96 -2.77
N GLY D 121 -1.58 -16.93 -3.95
CA GLY D 121 -2.86 -17.54 -4.18
C GLY D 121 -4.00 -16.66 -3.71
N PRO D 122 -5.21 -17.20 -3.64
CA PRO D 122 -5.62 -18.58 -3.93
C PRO D 122 -5.60 -18.91 -5.43
N PHE D 123 -5.05 -20.04 -5.86
CA PHE D 123 -5.06 -20.35 -7.28
C PHE D 123 -6.31 -21.17 -7.59
N GLN D 124 -6.89 -20.92 -8.76
CA GLN D 124 -8.05 -21.65 -9.25
C GLN D 124 -7.68 -22.35 -10.55
N PHE D 125 -8.18 -23.58 -10.74
CA PHE D 125 -7.92 -24.28 -11.98
C PHE D 125 -8.32 -23.43 -13.18
N HIS D 126 -7.39 -23.33 -14.12
CA HIS D 126 -7.57 -22.59 -15.36
C HIS D 126 -7.81 -23.52 -16.54
N GLY D 127 -7.01 -24.57 -16.67
CA GLY D 127 -7.16 -25.45 -17.82
C GLY D 127 -5.95 -26.34 -17.99
N HIS D 128 -5.97 -27.10 -19.08
CA HIS D 128 -4.84 -27.93 -19.46
C HIS D 128 -4.20 -27.39 -20.72
N VAL D 129 -2.87 -27.44 -20.77
CA VAL D 129 -2.18 -27.04 -21.99
C VAL D 129 -2.71 -27.87 -23.15
N LYS D 130 -2.96 -27.21 -24.27
CA LYS D 130 -3.71 -27.83 -25.36
C LYS D 130 -3.14 -27.40 -26.70
N TYR D 131 -3.48 -28.18 -27.71
CA TYR D 131 -3.20 -27.79 -29.08
C TYR D 131 -4.17 -26.72 -29.56
N PRO D 132 -3.79 -25.95 -30.57
CA PRO D 132 -4.76 -25.09 -31.25
C PRO D 132 -5.71 -25.93 -32.09
N ALA D 133 -6.79 -25.29 -32.54
CA ALA D 133 -7.87 -26.03 -33.21
C ALA D 133 -7.39 -26.83 -34.42
N HIS D 134 -6.32 -26.37 -35.07
CA HIS D 134 -5.86 -26.92 -36.34
C HIS D 134 -4.79 -27.99 -36.19
N ILE D 135 -4.36 -28.30 -34.97
CA ILE D 135 -3.43 -29.39 -34.68
C ILE D 135 -4.16 -30.39 -33.77
N GLN D 136 -4.24 -31.65 -34.21
CA GLN D 136 -4.83 -32.76 -33.43
C GLN D 136 -6.18 -32.41 -32.82
N GLY D 137 -7.03 -31.76 -33.62
CA GLY D 137 -8.37 -31.46 -33.16
C GLY D 137 -8.45 -30.57 -31.94
N GLY D 138 -7.40 -29.81 -31.65
CA GLY D 138 -7.40 -28.97 -30.46
C GLY D 138 -7.28 -29.72 -29.16
N LYS D 139 -6.82 -30.98 -29.20
CA LYS D 139 -6.80 -31.86 -28.03
C LYS D 139 -5.85 -31.32 -26.96
N THR D 140 -5.95 -31.89 -25.77
CA THR D 140 -5.02 -31.55 -24.69
C THR D 140 -3.66 -32.16 -24.97
N LEU D 141 -2.63 -31.32 -24.99
CA LEU D 141 -1.27 -31.77 -25.26
C LEU D 141 -0.89 -32.92 -24.34
N ALA D 142 -0.58 -34.08 -24.93
CA ALA D 142 -0.26 -35.25 -24.15
C ALA D 142 0.98 -35.97 -24.69
N GLU D 143 1.74 -35.32 -25.56
CA GLU D 143 2.78 -35.98 -26.33
C GLU D 143 4.17 -35.57 -25.83
N PHE D 144 5.12 -36.47 -26.02
CA PHE D 144 6.52 -36.23 -25.67
C PHE D 144 6.71 -36.13 -24.16
N MET D 145 5.83 -36.80 -23.40
CA MET D 145 5.88 -36.90 -21.94
C MET D 145 5.81 -35.53 -21.27
N PRO D 146 4.62 -34.96 -21.11
CA PRO D 146 4.50 -33.78 -20.25
C PRO D 146 4.93 -34.10 -18.84
N PHE D 147 5.76 -33.23 -18.28
CA PHE D 147 6.52 -33.54 -17.07
C PHE D 147 7.38 -32.35 -16.70
N ASP D 148 7.48 -32.03 -15.40
CA ASP D 148 8.36 -30.99 -14.88
C ASP D 148 8.26 -29.63 -15.60
N PRO D 149 7.06 -29.08 -15.76
CA PRO D 149 6.92 -27.91 -16.63
C PRO D 149 7.65 -26.69 -16.07
N ALA D 150 8.10 -25.84 -16.98
CA ALA D 150 8.72 -24.56 -16.66
C ALA D 150 8.22 -23.55 -17.68
N VAL D 151 8.01 -22.31 -17.23
CA VAL D 151 7.43 -21.29 -18.09
CA VAL D 151 7.43 -21.29 -18.10
C VAL D 151 8.24 -20.00 -17.95
N LEU D 152 8.42 -19.32 -19.08
CA LEU D 152 9.01 -17.99 -19.09
C LEU D 152 7.97 -17.07 -19.70
N THR D 153 7.62 -16.00 -18.98
CA THR D 153 6.98 -14.85 -19.58
C THR D 153 8.07 -13.84 -19.90
N ASP D 154 8.37 -13.69 -21.19
CA ASP D 154 9.53 -12.91 -21.62
C ASP D 154 9.28 -11.41 -21.46
N ALA D 155 10.32 -10.63 -21.76
CA ALA D 155 10.30 -9.17 -21.56
C ALA D 155 9.42 -8.46 -22.57
N ASP D 156 9.20 -9.05 -23.74
CA ASP D 156 8.23 -8.54 -24.70
C ASP D 156 6.81 -8.99 -24.40
N GLY D 157 6.62 -9.91 -23.46
CA GLY D 157 5.31 -10.41 -23.11
C GLY D 157 4.97 -11.77 -23.68
N ARG D 158 5.88 -12.41 -24.41
CA ARG D 158 5.61 -13.71 -24.98
C ARG D 158 5.92 -14.81 -23.97
N VAL D 159 5.29 -15.96 -24.15
CA VAL D 159 5.24 -17.00 -23.12
C VAL D 159 5.74 -18.31 -23.72
N TYR D 160 6.72 -18.94 -23.07
CA TYR D 160 7.31 -20.19 -23.55
C TYR D 160 7.18 -21.28 -22.51
N LEU D 161 6.85 -22.48 -22.96
CA LEU D 161 6.74 -23.64 -22.11
C LEU D 161 7.92 -24.57 -22.35
N TYR D 162 8.39 -25.21 -21.28
CA TYR D 162 9.49 -26.17 -21.35
C TYR D 162 9.13 -27.33 -20.47
N TYR D 163 9.37 -28.55 -20.96
CA TYR D 163 8.99 -29.75 -20.23
C TYR D 163 9.70 -30.95 -20.81
N GLY D 164 9.56 -32.08 -20.11
CA GLY D 164 10.03 -33.37 -20.61
C GLY D 164 10.70 -34.28 -19.61
N PHE D 165 10.65 -35.58 -19.89
CA PHE D 165 11.23 -36.61 -19.03
C PHE D 165 11.97 -37.59 -19.93
N SER D 166 13.31 -37.61 -19.84
CA SER D 166 14.16 -38.28 -20.82
C SER D 166 15.18 -39.15 -20.11
N PRO D 167 14.77 -40.30 -19.58
CA PRO D 167 15.71 -41.19 -18.90
C PRO D 167 16.56 -41.98 -19.89
N VAL D 168 17.69 -42.49 -19.39
CA VAL D 168 18.63 -43.23 -20.23
C VAL D 168 18.39 -44.74 -20.20
N LYS D 169 17.68 -45.26 -19.19
CA LYS D 169 17.29 -46.67 -19.19
C LYS D 169 15.77 -46.80 -19.07
N GLN D 199 5.56 -43.01 -23.48
CA GLN D 199 6.44 -42.49 -24.52
C GLN D 199 7.30 -41.34 -23.97
N PHE D 200 8.61 -41.57 -23.93
CA PHE D 200 9.53 -40.70 -23.22
C PHE D 200 10.10 -39.61 -24.13
N SER D 201 10.37 -38.44 -23.54
CA SER D 201 10.97 -37.34 -24.28
C SER D 201 12.37 -37.72 -24.77
N GLU D 202 12.73 -37.21 -25.95
CA GLU D 202 14.09 -37.34 -26.45
C GLU D 202 15.01 -36.24 -25.95
N GLY D 203 14.42 -35.23 -25.30
CA GLY D 203 15.17 -34.15 -24.71
C GLY D 203 14.20 -33.20 -24.06
N CYS D 204 14.66 -31.99 -23.77
CA CYS D 204 13.74 -30.97 -23.27
C CYS D 204 12.85 -30.45 -24.40
N MET D 205 11.54 -30.41 -24.16
CA MET D 205 10.55 -30.03 -25.17
C MET D 205 10.06 -28.60 -24.90
N THR D 206 9.96 -27.79 -25.96
CA THR D 206 9.58 -26.39 -25.79
C THR D 206 8.48 -25.99 -26.78
N ALA D 207 7.66 -25.04 -26.36
CA ALA D 207 6.59 -24.51 -27.19
C ALA D 207 6.23 -23.11 -26.69
N GLU D 208 5.78 -22.26 -27.62
CA GLU D 208 5.27 -20.94 -27.28
C GLU D 208 3.77 -21.00 -26.98
N LEU D 209 3.36 -20.25 -25.95
CA LEU D 209 1.98 -20.27 -25.49
C LEU D 209 1.27 -18.99 -25.91
N GLU D 210 0.03 -19.16 -26.39
CA GLU D 210 -0.88 -18.05 -26.62
C GLU D 210 -1.17 -17.31 -25.32
N PRO D 211 -1.62 -16.06 -25.38
CA PRO D 211 -1.88 -15.31 -24.14
C PRO D 211 -3.05 -15.84 -23.31
N ASP D 212 -3.77 -16.87 -23.78
CA ASP D 212 -4.67 -17.59 -22.88
C ASP D 212 -3.92 -18.49 -21.90
N MET D 213 -2.59 -18.57 -22.05
CA MET D 213 -1.70 -19.37 -21.20
C MET D 213 -1.98 -20.86 -21.28
N LEU D 214 -2.71 -21.30 -22.30
CA LEU D 214 -3.07 -22.72 -22.44
C LEU D 214 -2.68 -23.33 -23.78
N THR D 215 -2.73 -22.53 -24.85
CA THR D 215 -2.72 -23.04 -26.20
C THR D 215 -1.35 -22.88 -26.85
N VAL D 216 -0.76 -23.99 -27.29
CA VAL D 216 0.53 -23.92 -27.97
C VAL D 216 0.35 -23.28 -29.34
N LYS D 217 1.32 -22.47 -29.76
CA LYS D 217 1.29 -21.93 -31.11
C LYS D 217 1.66 -22.98 -32.16
N ASP D 218 2.51 -23.94 -31.80
CA ASP D 218 2.97 -24.96 -32.75
C ASP D 218 3.40 -26.19 -31.96
N THR D 219 3.62 -27.29 -32.67
CA THR D 219 3.92 -28.55 -32.00
C THR D 219 5.22 -28.43 -31.21
N PRO D 220 5.28 -28.96 -29.98
CA PRO D 220 6.50 -28.80 -29.17
C PRO D 220 7.70 -29.42 -29.88
N LYS D 221 8.85 -28.77 -29.72
CA LYS D 221 10.09 -29.20 -30.35
C LYS D 221 11.17 -29.33 -29.28
N MET D 222 12.17 -30.16 -29.59
CA MET D 222 13.31 -30.35 -28.69
C MET D 222 14.27 -29.16 -28.72
N CYS D 223 14.82 -28.82 -27.55
CA CYS D 223 15.80 -27.75 -27.47
C CYS D 223 17.05 -28.09 -26.66
N VAL D 224 17.05 -29.18 -25.90
CA VAL D 224 18.25 -29.66 -25.22
C VAL D 224 18.21 -31.17 -25.33
N PRO D 225 19.24 -31.82 -25.87
CA PRO D 225 19.17 -33.28 -26.07
C PRO D 225 19.15 -34.03 -24.75
N GLY D 226 18.43 -35.16 -24.75
CA GLY D 226 18.51 -36.10 -23.66
C GLY D 226 19.84 -36.86 -23.71
N GLY D 227 20.01 -37.75 -22.72
CA GLY D 227 21.26 -38.50 -22.62
C GLY D 227 21.60 -39.30 -23.87
N LYS D 228 20.60 -39.97 -24.44
CA LYS D 228 20.82 -40.70 -25.69
C LYS D 228 21.32 -39.75 -26.79
N LEU D 229 20.52 -38.75 -27.13
CA LEU D 229 20.87 -37.89 -28.26
C LEU D 229 22.02 -36.95 -27.97
N ALA D 230 22.45 -36.83 -26.70
CA ALA D 230 23.54 -35.91 -26.40
C ALA D 230 24.92 -36.49 -26.73
N VAL D 231 25.01 -37.81 -26.85
CA VAL D 231 26.28 -38.45 -27.18
C VAL D 231 26.77 -37.87 -28.49
N GLY D 232 28.06 -37.54 -28.54
CA GLY D 232 28.64 -36.93 -29.72
C GLY D 232 28.39 -35.44 -29.86
N THR D 233 27.75 -34.82 -28.88
CA THR D 233 27.50 -33.39 -28.85
C THR D 233 28.23 -32.82 -27.65
N PRO D 234 28.40 -31.50 -27.53
CA PRO D 234 29.01 -30.96 -26.30
C PRO D 234 28.20 -31.25 -25.04
N PHE D 235 26.96 -31.75 -25.17
CA PHE D 235 26.12 -32.14 -24.04
C PHE D 235 26.42 -33.55 -23.53
N GLU D 236 27.42 -34.24 -24.08
CA GLU D 236 27.58 -35.65 -23.80
C GLU D 236 27.88 -35.91 -22.32
N GLY D 237 27.24 -36.94 -21.77
CA GLY D 237 27.35 -37.26 -20.35
C GLY D 237 26.64 -36.29 -19.42
N HIS D 238 26.20 -35.13 -19.89
CA HIS D 238 25.43 -34.18 -19.09
C HIS D 238 24.14 -33.80 -19.80
N GLY D 239 23.44 -34.81 -20.32
CA GLY D 239 22.26 -34.57 -21.13
C GLY D 239 21.01 -34.31 -20.31
N TYR D 240 20.04 -33.67 -20.94
CA TYR D 240 18.79 -33.35 -20.27
C TYR D 240 18.11 -34.61 -19.76
N PHE D 241 17.69 -34.58 -18.49
CA PHE D 241 16.88 -35.64 -17.89
C PHE D 241 15.49 -35.16 -17.50
N GLU D 242 15.40 -34.04 -16.80
CA GLU D 242 14.15 -33.53 -16.25
C GLU D 242 14.44 -32.19 -15.59
N ALA D 243 13.40 -31.61 -15.01
CA ALA D 243 13.50 -30.45 -14.14
C ALA D 243 14.08 -29.23 -14.86
N PRO D 244 13.49 -28.78 -15.97
CA PRO D 244 13.99 -27.55 -16.59
C PRO D 244 13.59 -26.31 -15.79
N SER D 245 14.36 -25.24 -16.00
CA SER D 245 14.08 -23.96 -15.34
C SER D 245 14.68 -22.84 -16.19
N ILE D 246 13.84 -21.91 -16.64
CA ILE D 246 14.23 -20.93 -17.65
C ILE D 246 14.34 -19.56 -17.01
N ARG D 247 15.45 -18.86 -17.28
CA ARG D 247 15.63 -17.54 -16.70
C ARG D 247 16.22 -16.60 -17.73
N LYS D 248 15.83 -15.33 -17.66
CA LYS D 248 16.45 -14.27 -18.45
C LYS D 248 17.65 -13.74 -17.69
N VAL D 249 18.83 -13.88 -18.26
CA VAL D 249 20.01 -13.24 -17.68
C VAL D 249 20.40 -12.13 -18.63
N GLY D 250 20.10 -10.89 -18.25
CA GLY D 250 20.26 -9.79 -19.18
C GLY D 250 19.35 -10.01 -20.37
N GLU D 251 19.93 -10.09 -21.56
CA GLU D 251 19.18 -10.41 -22.76
C GLU D 251 19.38 -11.86 -23.21
N LYS D 252 20.05 -12.67 -22.40
CA LYS D 252 20.30 -14.05 -22.75
C LYS D 252 19.33 -15.00 -22.02
N TYR D 253 19.15 -16.18 -22.61
CA TYR D 253 18.32 -17.22 -22.04
C TYR D 253 19.18 -18.26 -21.36
N TYR D 254 18.93 -18.52 -20.08
CA TYR D 254 19.58 -19.59 -19.36
C TYR D 254 18.54 -20.65 -19.05
N LEU D 255 18.79 -21.86 -19.49
CA LEU D 255 17.90 -22.98 -19.25
C LEU D 255 18.66 -23.95 -18.35
N LEU D 256 18.36 -23.91 -17.04
CA LEU D 256 18.86 -24.94 -16.13
C LEU D 256 18.08 -26.21 -16.30
N TYR D 257 18.70 -27.34 -15.93
CA TYR D 257 17.99 -28.60 -15.93
C TYR D 257 18.73 -29.60 -15.04
N SER D 258 17.99 -30.62 -14.60
CA SER D 258 18.61 -31.77 -13.96
C SER D 258 19.11 -32.69 -15.06
N SER D 259 20.40 -33.04 -15.00
CA SER D 259 21.02 -33.78 -16.09
C SER D 259 20.79 -35.28 -15.93
N GLN D 260 21.33 -36.06 -16.88
CA GLN D 260 21.23 -37.52 -16.82
C GLN D 260 21.81 -38.08 -15.52
N LEU D 261 22.65 -37.32 -14.83
CA LEU D 261 23.18 -37.73 -13.53
C LEU D 261 22.20 -37.49 -12.38
N SER D 262 21.16 -36.69 -12.59
CA SER D 262 20.07 -36.44 -11.65
C SER D 262 20.47 -35.65 -10.42
N HIS D 263 21.61 -35.95 -9.80
CA HIS D 263 22.00 -35.21 -8.60
C HIS D 263 22.52 -33.81 -8.91
N GLU D 264 22.72 -33.47 -10.18
CA GLU D 264 23.28 -32.17 -10.52
C GLU D 264 22.28 -31.35 -11.31
N LEU D 265 22.40 -30.03 -11.17
CA LEU D 265 21.73 -29.06 -12.01
C LEU D 265 22.75 -28.51 -13.00
N CYS D 266 22.46 -28.63 -14.29
CA CYS D 266 23.29 -28.05 -15.35
C CYS D 266 22.57 -26.87 -16.00
N TYR D 267 23.29 -26.17 -16.88
CA TYR D 267 22.70 -25.04 -17.62
C TYR D 267 23.21 -25.01 -19.06
N ALA D 268 22.30 -24.57 -19.94
CA ALA D 268 22.59 -24.25 -21.33
C ALA D 268 22.19 -22.81 -21.58
N VAL D 269 22.77 -22.19 -22.59
CA VAL D 269 22.57 -20.76 -22.83
C VAL D 269 22.26 -20.54 -24.30
N SER D 270 21.33 -19.63 -24.58
CA SER D 270 21.04 -19.28 -25.96
C SER D 270 20.78 -17.78 -26.07
N ASP D 271 20.84 -17.29 -27.31
CA ASP D 271 20.35 -15.96 -27.64
C ASP D 271 18.86 -15.97 -27.95
N GLN D 272 18.25 -17.15 -28.04
CA GLN D 272 16.90 -17.34 -28.50
C GLN D 272 16.16 -18.30 -27.58
N PRO D 273 14.86 -18.10 -27.38
CA PRO D 273 14.18 -18.81 -26.29
C PRO D 273 13.95 -20.29 -26.57
N MET D 274 13.81 -20.70 -27.82
CA MET D 274 13.39 -22.08 -28.08
C MET D 274 14.41 -22.87 -28.91
N GLU D 275 15.59 -22.33 -29.16
CA GLU D 275 16.58 -23.00 -30.00
C GLU D 275 17.92 -22.29 -29.81
N GLY D 276 18.97 -22.90 -30.37
CA GLY D 276 20.30 -22.33 -30.27
C GLY D 276 20.96 -22.47 -28.93
N TYR D 277 20.61 -23.49 -28.16
CA TYR D 277 21.12 -23.63 -26.82
C TYR D 277 22.46 -24.35 -26.84
N ALA D 278 23.47 -23.73 -26.24
CA ALA D 278 24.80 -24.32 -26.13
C ALA D 278 25.03 -24.78 -24.69
N TYR D 279 25.71 -25.91 -24.53
CA TYR D 279 25.93 -26.45 -23.20
C TYR D 279 26.85 -25.54 -22.40
N GLY D 280 26.45 -25.23 -21.16
CA GLY D 280 27.26 -24.41 -20.27
C GLY D 280 28.14 -25.19 -19.32
N GLY D 281 27.52 -25.87 -18.36
CA GLY D 281 28.29 -26.66 -17.40
C GLY D 281 27.43 -27.07 -16.23
N THR D 282 28.11 -27.51 -15.18
CA THR D 282 27.45 -27.91 -13.95
C THR D 282 27.43 -26.74 -12.99
N ILE D 283 26.26 -26.43 -12.45
CA ILE D 283 26.18 -25.36 -11.47
C ILE D 283 26.30 -25.91 -10.07
N VAL D 284 25.62 -27.02 -9.76
CA VAL D 284 25.63 -27.54 -8.41
C VAL D 284 25.20 -28.99 -8.45
N SER D 285 25.86 -29.80 -7.62
CA SER D 285 25.47 -31.16 -7.30
C SER D 285 25.17 -31.23 -5.81
N ASN D 286 24.10 -31.93 -5.43
CA ASN D 286 23.79 -31.99 -4.00
C ASN D 286 24.72 -32.92 -3.23
N GLY D 287 25.76 -33.46 -3.89
CA GLY D 287 26.86 -34.10 -3.19
C GLY D 287 28.21 -33.63 -3.70
N ASP D 288 28.23 -32.47 -4.36
CA ASP D 288 29.46 -31.85 -4.87
C ASP D 288 30.19 -32.73 -5.90
N VAL D 289 29.52 -33.74 -6.43
CA VAL D 289 30.15 -34.61 -7.42
C VAL D 289 30.56 -33.77 -8.63
N GLY D 290 31.74 -34.08 -9.18
CA GLY D 290 32.31 -33.31 -10.27
C GLY D 290 33.02 -32.05 -9.86
N LEU D 291 32.81 -31.56 -8.64
CA LEU D 291 33.49 -30.35 -8.18
C LEU D 291 34.95 -30.64 -7.94
N ASP D 292 35.84 -29.94 -8.65
CA ASP D 292 37.29 -30.19 -8.62
C ASP D 292 37.61 -31.64 -8.93
N GLY D 293 36.80 -32.28 -9.77
CA GLY D 293 37.00 -33.67 -10.10
C GLY D 293 36.49 -34.67 -9.08
N ARG D 294 35.71 -34.21 -8.10
CA ARG D 294 35.26 -35.10 -7.04
C ARG D 294 34.43 -36.25 -7.59
N ALA D 295 34.64 -37.44 -7.04
CA ALA D 295 33.88 -38.65 -7.38
C ALA D 295 33.07 -39.19 -6.21
N ALA D 296 33.64 -39.22 -5.00
CA ALA D 296 32.85 -39.65 -3.85
C ALA D 296 32.01 -38.48 -3.33
N PRO D 297 30.70 -38.65 -3.18
CA PRO D 297 29.85 -37.53 -2.75
C PRO D 297 30.16 -37.09 -1.33
N VAL D 298 30.01 -35.78 -1.09
CA VAL D 298 30.16 -35.28 0.27
C VAL D 298 28.87 -35.39 1.07
N TYR D 299 27.77 -35.76 0.44
CA TYR D 299 26.47 -35.81 1.07
C TYR D 299 25.60 -36.72 0.22
N THR D 300 24.69 -37.42 0.88
CA THR D 300 23.80 -38.38 0.23
C THR D 300 23.17 -37.81 -1.04
N LEU D 301 23.44 -38.47 -2.15
CA LEU D 301 22.95 -38.07 -3.45
C LEU D 301 21.48 -38.43 -3.63
N GLY D 302 20.79 -37.62 -4.41
CA GLY D 302 19.43 -37.93 -4.81
C GLY D 302 19.09 -37.05 -5.98
N ASN D 303 17.83 -37.13 -6.42
CA ASN D 303 17.38 -36.27 -7.50
C ASN D 303 17.52 -34.81 -7.07
N ASN D 304 17.63 -33.93 -8.08
CA ASN D 304 17.91 -32.52 -7.85
C ASN D 304 17.06 -31.69 -8.81
N HIS D 305 16.63 -30.52 -8.34
CA HIS D 305 15.62 -29.71 -9.00
C HIS D 305 15.75 -28.27 -8.49
N GLY D 306 15.63 -27.30 -9.38
CA GLY D 306 15.64 -25.90 -8.97
C GLY D 306 16.03 -24.98 -10.12
N GLY D 307 16.53 -23.80 -9.75
CA GLY D 307 16.83 -22.77 -10.73
C GLY D 307 17.57 -21.60 -10.11
N ILE D 308 17.86 -20.61 -10.95
CA ILE D 308 18.60 -19.44 -10.49
C ILE D 308 17.66 -18.24 -10.40
N VAL D 309 18.05 -17.29 -9.56
CA VAL D 309 17.27 -16.07 -9.38
C VAL D 309 18.21 -14.92 -9.05
N GLN D 310 17.85 -13.73 -9.52
CA GLN D 310 18.51 -12.50 -9.13
C GLN D 310 17.74 -11.87 -7.96
N ALA D 311 18.45 -11.61 -6.85
CA ALA D 311 17.83 -10.99 -5.68
C ALA D 311 18.87 -10.15 -4.97
N GLY D 312 18.50 -8.95 -4.55
CA GLY D 312 19.54 -7.98 -4.25
C GLY D 312 20.28 -7.68 -5.54
N GLY D 313 21.60 -7.60 -5.47
CA GLY D 313 22.33 -7.44 -6.71
C GLY D 313 23.11 -8.67 -7.10
N ASP D 314 22.74 -9.82 -6.52
CA ASP D 314 23.51 -11.05 -6.60
C ASP D 314 22.66 -12.18 -7.19
N TRP D 315 23.33 -13.20 -7.69
CA TRP D 315 22.64 -14.35 -8.25
C TRP D 315 22.80 -15.55 -7.31
N TYR D 316 21.76 -16.38 -7.30
CA TYR D 316 21.71 -17.57 -6.45
C TYR D 316 21.20 -18.75 -7.27
N VAL D 317 21.61 -19.95 -6.87
CA VAL D 317 21.02 -21.20 -7.36
C VAL D 317 20.27 -21.82 -6.20
N PHE D 318 19.04 -22.23 -6.47
CA PHE D 318 18.23 -22.97 -5.52
C PHE D 318 18.16 -24.41 -5.99
N TYR D 319 18.34 -25.34 -5.06
CA TYR D 319 18.34 -26.77 -5.36
C TYR D 319 17.72 -27.44 -4.15
N HIS D 320 17.87 -28.75 -4.02
CA HIS D 320 17.37 -29.35 -2.79
C HIS D 320 18.25 -30.51 -2.38
N ARG D 321 18.12 -30.87 -1.11
CA ARG D 321 18.86 -31.98 -0.52
C ARG D 321 17.88 -33.05 -0.07
N GLN D 322 18.41 -34.26 0.06
CA GLN D 322 17.69 -35.42 0.56
C GLN D 322 17.88 -35.56 2.06
N THR D 323 16.88 -36.13 2.73
CA THR D 323 17.02 -36.51 4.14
C THR D 323 16.36 -37.88 4.32
N HIS D 324 16.32 -38.32 5.59
CA HIS D 324 15.57 -39.49 6.05
C HIS D 324 15.97 -40.78 5.35
N GLY D 325 17.13 -40.82 4.69
CA GLY D 325 17.52 -42.02 3.97
C GLY D 325 16.66 -42.37 2.77
N THR D 326 15.76 -41.49 2.35
CA THR D 326 14.86 -41.74 1.22
C THR D 326 14.98 -40.59 0.24
N GLU D 327 14.22 -40.67 -0.85
CA GLU D 327 14.09 -39.58 -1.80
C GLU D 327 12.76 -38.82 -1.62
N PHE D 328 12.12 -38.94 -0.46
CA PHE D 328 10.77 -38.41 -0.22
C PHE D 328 10.67 -37.42 0.94
N SER D 329 11.79 -36.94 1.49
CA SER D 329 11.77 -35.93 2.54
C SER D 329 12.84 -34.89 2.21
N ARG D 330 12.60 -34.13 1.15
CA ARG D 330 13.60 -33.26 0.56
C ARG D 330 13.38 -31.81 1.03
N GLN D 331 14.49 -31.07 1.09
CA GLN D 331 14.44 -29.70 1.61
C GLN D 331 15.25 -28.79 0.70
N GLY D 332 14.68 -27.61 0.41
CA GLY D 332 15.33 -26.67 -0.46
C GLY D 332 16.54 -26.03 0.21
N CYS D 333 17.64 -25.93 -0.54
CA CYS D 333 18.84 -25.20 -0.17
C CYS D 333 19.18 -24.21 -1.27
N ALA D 334 20.19 -23.38 -1.02
CA ALA D 334 20.60 -22.35 -1.97
C ALA D 334 22.07 -21.98 -1.79
N GLU D 335 22.69 -21.54 -2.89
CA GLU D 335 24.02 -20.94 -2.83
C GLU D 335 24.07 -19.67 -3.68
N LYS D 336 24.84 -18.70 -3.22
CA LYS D 336 25.21 -17.59 -4.09
C LYS D 336 26.17 -18.11 -5.17
N ILE D 337 26.01 -17.58 -6.38
CA ILE D 337 26.86 -17.97 -7.50
C ILE D 337 27.37 -16.71 -8.17
N THR D 338 28.33 -16.88 -9.05
CA THR D 338 28.85 -15.78 -9.85
C THR D 338 28.68 -16.14 -11.31
N ILE D 339 28.14 -15.19 -12.07
CA ILE D 339 28.09 -15.28 -13.53
C ILE D 339 29.24 -14.45 -14.07
N LYS D 340 30.13 -15.09 -14.82
CA LYS D 340 31.35 -14.47 -15.29
C LYS D 340 31.02 -13.50 -16.43
N PRO D 341 31.96 -12.62 -16.82
CA PRO D 341 31.63 -11.67 -17.90
C PRO D 341 31.41 -12.34 -19.23
N ASP D 342 32.02 -13.50 -19.46
CA ASP D 342 31.67 -14.30 -20.64
C ASP D 342 30.40 -15.12 -20.44
N GLY D 343 29.73 -15.01 -19.31
CA GLY D 343 28.45 -15.64 -19.13
C GLY D 343 28.46 -17.05 -18.58
N SER D 344 29.61 -17.59 -18.21
CA SER D 344 29.65 -18.92 -17.63
C SER D 344 29.38 -18.86 -16.12
N ILE D 345 28.86 -19.96 -15.58
CA ILE D 345 28.61 -20.11 -14.16
C ILE D 345 29.42 -21.28 -13.65
N PRO D 346 30.57 -21.02 -13.03
CA PRO D 346 31.35 -22.11 -12.41
C PRO D 346 30.55 -22.83 -11.33
N GLN D 347 30.79 -24.14 -11.21
CA GLN D 347 30.14 -24.93 -10.16
C GLN D 347 30.47 -24.36 -8.79
N VAL D 348 29.48 -24.41 -7.87
CA VAL D 348 29.66 -23.98 -6.50
C VAL D 348 29.56 -25.20 -5.59
N GLU D 349 30.23 -25.12 -4.44
CA GLU D 349 30.11 -26.15 -3.42
C GLU D 349 28.84 -25.90 -2.60
N ILE D 350 28.23 -26.99 -2.11
CA ILE D 350 27.14 -26.83 -1.16
C ILE D 350 27.70 -26.41 0.18
N THR D 351 26.94 -25.63 0.93
CA THR D 351 27.37 -25.11 2.22
C THR D 351 26.24 -25.23 3.23
N SER D 352 26.59 -24.90 4.47
CA SER D 352 25.63 -24.76 5.55
C SER D 352 25.16 -23.32 5.72
N CYS D 353 25.87 -22.36 5.14
CA CYS D 353 25.56 -20.95 5.35
C CYS D 353 24.74 -20.32 4.23
N GLY D 354 24.56 -21.01 3.12
CA GLY D 354 23.57 -20.68 2.09
C GLY D 354 23.30 -19.22 1.79
N LEU D 355 22.14 -18.72 2.23
CA LEU D 355 21.73 -17.35 1.96
C LEU D 355 22.27 -16.34 2.97
N ASN D 356 23.17 -16.74 3.86
CA ASN D 356 23.61 -15.84 4.91
C ASN D 356 24.49 -14.70 4.40
N GLY D 357 25.02 -14.79 3.19
CA GLY D 357 25.94 -13.75 2.74
C GLY D 357 27.27 -13.72 3.48
N GLY D 358 27.65 -14.83 4.13
CA GLY D 358 28.91 -14.91 4.83
C GLY D 358 28.90 -16.07 5.81
N PRO D 359 30.07 -16.39 6.36
CA PRO D 359 30.13 -17.47 7.35
C PRO D 359 29.27 -17.15 8.56
N LEU D 360 28.79 -18.20 9.21
CA LEU D 360 28.01 -18.04 10.42
C LEU D 360 28.91 -17.71 11.59
N ALA D 361 28.31 -17.17 12.65
CA ALA D 361 29.03 -16.85 13.86
C ALA D 361 29.46 -18.11 14.59
N ALA D 362 30.74 -18.17 14.98
CA ALA D 362 31.22 -19.24 15.86
C ALA D 362 30.85 -18.87 17.30
N GLY D 363 29.54 -18.88 17.54
CA GLY D 363 28.98 -18.61 18.85
C GLY D 363 27.57 -19.16 18.88
N GLY D 364 27.05 -19.30 20.08
CA GLY D 364 25.70 -19.85 20.18
C GLY D 364 25.64 -21.33 19.84
N SER D 365 24.42 -21.81 19.62
CA SER D 365 24.20 -23.22 19.31
C SER D 365 23.61 -23.34 17.90
N TYR D 366 23.78 -24.52 17.32
CA TYR D 366 23.31 -24.83 15.97
C TYR D 366 22.73 -26.23 15.95
N SER D 367 21.69 -26.43 15.16
CA SER D 367 21.20 -27.79 14.92
C SER D 367 22.21 -28.58 14.11
N ALA D 368 22.38 -29.87 14.46
CA ALA D 368 23.24 -30.75 13.69
C ALA D 368 22.67 -31.08 12.31
N ALA D 369 21.36 -30.87 12.06
CA ALA D 369 20.77 -31.14 10.75
C ALA D 369 21.12 -30.10 9.67
N ILE D 370 21.98 -29.12 9.95
CA ILE D 370 22.36 -28.14 8.94
C ILE D 370 23.69 -28.52 8.26
N ALA D 371 24.12 -29.76 8.49
CA ALA D 371 25.33 -30.27 7.87
C ALA D 371 25.23 -30.23 6.35
N CYS D 372 26.35 -29.90 5.72
CA CYS D 372 26.48 -30.03 4.28
C CYS D 372 27.48 -31.12 3.92
N HIS D 373 27.97 -31.86 4.91
CA HIS D 373 28.74 -33.08 4.70
C HIS D 373 28.15 -34.16 5.59
N LEU D 374 27.79 -35.31 4.99
CA LEU D 374 27.16 -36.44 5.70
C LEU D 374 27.52 -37.71 4.94
N THR D 375 28.55 -38.41 5.38
CA THR D 375 29.02 -39.59 4.68
C THR D 375 29.38 -40.67 5.68
N ASP D 376 29.27 -41.92 5.26
CA ASP D 376 29.87 -43.03 5.99
C ASP D 376 30.39 -44.02 4.96
N GLY D 377 30.63 -45.26 5.40
CA GLY D 377 31.17 -46.27 4.52
C GLY D 377 30.18 -46.88 3.56
N THR D 378 28.90 -46.49 3.62
CA THR D 378 27.89 -46.99 2.69
C THR D 378 27.36 -45.91 1.75
N THR D 379 27.81 -44.67 1.88
CA THR D 379 27.41 -43.62 0.95
C THR D 379 27.62 -44.07 -0.49
N LEU D 380 26.52 -44.17 -1.24
CA LEU D 380 26.55 -44.66 -2.61
C LEU D 380 27.02 -43.60 -3.59
N ARG D 381 27.72 -44.06 -4.64
CA ARG D 381 28.14 -43.20 -5.74
C ARG D 381 27.11 -43.10 -6.86
N GLU D 382 26.34 -44.15 -7.11
CA GLU D 382 25.18 -44.06 -7.98
C GLU D 382 23.90 -44.13 -7.15
N ILE D 383 22.95 -43.26 -7.49
CA ILE D 383 21.70 -43.21 -6.75
C ILE D 383 21.01 -44.56 -6.84
N ASP D 384 20.61 -45.12 -5.70
CA ASP D 384 19.84 -46.38 -5.73
C ASP D 384 19.02 -46.49 -4.45
N TYR D 385 17.81 -45.92 -4.46
CA TYR D 385 16.98 -45.93 -3.27
C TYR D 385 16.25 -47.25 -3.06
N SER D 386 16.50 -48.24 -3.91
CA SER D 386 16.10 -49.62 -3.63
C SER D 386 17.16 -50.38 -2.84
N ASP D 387 18.34 -49.84 -2.71
CA ASP D 387 19.39 -50.47 -1.93
C ASP D 387 19.02 -50.48 -0.45
N PRO D 388 19.05 -51.64 0.22
CA PRO D 388 18.65 -51.68 1.64
C PRO D 388 19.67 -51.07 2.61
N VAL D 389 20.88 -50.73 2.17
CA VAL D 389 21.81 -50.02 3.05
C VAL D 389 21.24 -48.66 3.44
N MET D 390 20.38 -48.08 2.60
CA MET D 390 19.87 -46.75 2.92
C MET D 390 19.09 -46.74 4.22
N LYS D 391 18.52 -47.88 4.62
CA LYS D 391 17.77 -47.94 5.86
C LYS D 391 18.64 -47.79 7.08
N THR D 392 19.95 -48.06 6.97
CA THR D 392 20.85 -47.97 8.12
C THR D 392 21.99 -46.99 7.93
N GLN D 393 22.00 -46.26 6.82
CA GLN D 393 23.01 -45.26 6.54
C GLN D 393 22.82 -44.00 7.40
N ILE D 394 23.94 -43.33 7.72
CA ILE D 394 23.88 -42.05 8.41
C ILE D 394 22.87 -41.15 7.68
N GLN D 395 22.06 -40.42 8.45
CA GLN D 395 20.96 -39.72 7.80
C GLN D 395 20.34 -38.73 8.77
N ILE D 396 19.75 -37.68 8.20
CA ILE D 396 19.06 -36.66 8.97
C ILE D 396 17.60 -37.05 9.09
N THR D 397 17.05 -36.94 10.30
CA THR D 397 15.69 -37.40 10.55
C THR D 397 14.98 -36.38 11.42
N GLU D 398 13.67 -36.54 11.51
CA GLU D 398 12.83 -35.69 12.32
C GLU D 398 11.97 -36.57 13.20
N GLU D 399 11.77 -36.14 14.44
CA GLU D 399 10.84 -36.81 15.36
C GLU D 399 9.86 -35.77 15.90
N ALA D 400 8.56 -36.03 15.73
CA ALA D 400 7.53 -35.10 16.18
C ALA D 400 7.55 -34.98 17.70
N ARG D 401 7.29 -33.77 18.19
CA ARG D 401 7.30 -33.51 19.62
C ARG D 401 6.05 -32.72 20.01
N ASP D 402 5.86 -32.60 21.31
CA ASP D 402 4.69 -31.96 21.87
C ASP D 402 4.72 -30.47 21.61
N GLY D 403 3.76 -29.97 20.83
CA GLY D 403 3.62 -28.54 20.65
C GLY D 403 3.93 -27.98 19.28
N GLY D 404 3.54 -28.67 18.21
CA GLY D 404 3.71 -28.13 16.87
C GLY D 404 5.07 -28.42 16.27
N GLU D 405 5.22 -27.97 15.03
CA GLU D 405 6.38 -28.36 14.23
C GLU D 405 7.68 -27.72 14.74
N ASP D 406 7.64 -26.48 15.23
CA ASP D 406 8.88 -25.83 15.66
C ASP D 406 9.49 -26.50 16.89
N LYS D 407 8.71 -27.31 17.62
CA LYS D 407 9.23 -28.09 18.73
C LYS D 407 9.82 -29.41 18.30
N ASN D 408 9.55 -29.85 17.07
CA ASN D 408 10.00 -31.16 16.62
C ASN D 408 11.51 -31.26 16.68
N LEU D 409 12.01 -32.48 16.87
CA LEU D 409 13.44 -32.68 17.05
C LEU D 409 14.07 -33.13 15.74
N HIS D 410 15.14 -32.45 15.35
CA HIS D 410 15.92 -32.87 14.19
C HIS D 410 17.30 -33.28 14.66
N TYR D 411 17.81 -34.35 14.06
CA TYR D 411 19.11 -34.87 14.47
C TYR D 411 19.62 -35.84 13.41
N ILE D 412 20.90 -36.13 13.52
CA ILE D 412 21.54 -37.11 12.67
C ILE D 412 21.57 -38.42 13.43
N ARG D 413 21.18 -39.50 12.75
CA ARG D 413 21.17 -40.80 13.39
C ARG D 413 21.99 -41.76 12.53
N GLN D 414 22.31 -42.92 13.13
CA GLN D 414 23.07 -43.98 12.45
C GLN D 414 24.50 -43.53 12.17
N ILE D 415 25.11 -42.82 13.10
CA ILE D 415 26.52 -42.44 12.99
C ILE D 415 27.38 -43.58 13.53
N GLY D 416 28.11 -44.26 12.64
CA GLY D 416 28.98 -45.35 13.04
C GLY D 416 30.40 -45.11 12.57
N GLY D 417 31.28 -46.04 12.95
CA GLY D 417 32.69 -45.91 12.62
C GLY D 417 32.91 -45.56 11.16
N GLY D 418 33.74 -44.56 10.90
CA GLY D 418 33.94 -44.10 9.54
C GLY D 418 32.98 -43.01 9.07
N ALA D 419 32.03 -42.59 9.91
CA ALA D 419 31.16 -41.49 9.54
C ALA D 419 31.85 -40.14 9.73
N VAL D 420 31.46 -39.17 8.90
CA VAL D 420 31.97 -37.79 8.94
C VAL D 420 30.79 -36.83 8.76
N VAL D 421 30.68 -35.85 9.66
CA VAL D 421 29.68 -34.79 9.58
C VAL D 421 30.39 -33.45 9.50
N GLY D 422 29.94 -32.58 8.58
CA GLY D 422 30.66 -31.35 8.30
C GLY D 422 29.75 -30.17 8.02
N TYR D 423 30.30 -28.98 8.24
CA TYR D 423 29.59 -27.72 8.18
C TYR D 423 30.49 -26.71 7.53
N LYS D 424 29.93 -25.89 6.62
CA LYS D 424 30.66 -24.78 6.01
C LYS D 424 29.75 -23.57 6.04
N TYR D 425 30.27 -22.41 6.49
CA TYR D 425 31.54 -22.06 7.12
C TYR D 425 31.24 -21.33 8.43
N PHE D 426 32.24 -21.29 9.31
CA PHE D 426 32.15 -20.61 10.59
C PHE D 426 33.28 -19.58 10.72
N ASP D 427 32.97 -18.48 11.40
CA ASP D 427 33.97 -17.44 11.68
C ASP D 427 34.45 -17.62 13.12
N PHE D 428 35.56 -18.34 13.27
CA PHE D 428 36.11 -18.68 14.57
C PHE D 428 36.83 -17.48 15.16
N GLN D 429 36.38 -17.02 16.31
CA GLN D 429 37.07 -15.94 17.02
C GLN D 429 37.16 -16.35 18.49
N GLY D 430 38.35 -16.78 18.89
CA GLY D 430 38.56 -17.19 20.27
C GLY D 430 37.71 -18.36 20.71
N VAL D 431 37.49 -19.31 19.81
CA VAL D 431 36.73 -20.50 20.15
C VAL D 431 37.63 -21.42 20.97
N MET D 432 37.15 -21.84 22.13
CA MET D 432 37.93 -22.73 22.96
C MET D 432 37.42 -24.17 23.00
N ALA D 433 36.13 -24.38 22.81
CA ALA D 433 35.57 -25.71 22.94
C ALA D 433 34.32 -25.82 22.09
N LEU D 434 33.85 -27.06 21.94
CA LEU D 434 32.62 -27.37 21.25
C LEU D 434 31.78 -28.25 22.17
N ASP D 435 30.52 -27.88 22.37
CA ASP D 435 29.59 -28.65 23.18
C ASP D 435 28.72 -29.48 22.23
N LEU D 436 28.86 -30.79 22.27
CA LEU D 436 28.15 -31.68 21.37
C LEU D 436 27.08 -32.45 22.14
N THR D 437 25.84 -32.37 21.66
CA THR D 437 24.73 -33.10 22.27
C THR D 437 24.48 -34.38 21.48
N VAL D 438 24.68 -35.52 22.15
CA VAL D 438 24.72 -36.83 21.52
C VAL D 438 24.05 -37.83 22.45
N ARG D 439 23.74 -38.98 21.89
CA ARG D 439 23.24 -40.12 22.65
C ARG D 439 23.54 -41.38 21.84
N GLY D 440 23.31 -42.54 22.46
CA GLY D 440 23.46 -43.81 21.81
C GLY D 440 24.32 -44.75 22.62
N ASP D 441 24.62 -45.89 22.03
CA ASP D 441 25.49 -46.90 22.63
C ASP D 441 26.75 -46.93 21.77
N ALA D 442 27.67 -46.03 22.08
CA ALA D 442 28.88 -45.85 21.28
C ALA D 442 30.10 -45.86 22.19
N GLY D 443 31.14 -46.53 21.73
CA GLY D 443 32.42 -46.46 22.39
C GLY D 443 33.48 -46.25 21.33
N GLY D 444 34.22 -45.16 21.43
CA GLY D 444 35.22 -44.88 20.41
C GLY D 444 35.72 -43.46 20.52
N ARG D 445 36.13 -42.93 19.39
CA ARG D 445 36.86 -41.68 19.35
C ARG D 445 36.18 -40.75 18.37
N LEU D 446 35.70 -39.61 18.87
CA LEU D 446 35.10 -38.56 18.04
C LEU D 446 36.14 -37.48 17.81
N ALA D 447 36.63 -37.38 16.58
CA ALA D 447 37.62 -36.37 16.24
C ALA D 447 36.93 -35.15 15.66
N VAL D 448 37.60 -34.00 15.80
CA VAL D 448 37.16 -32.72 15.25
C VAL D 448 38.29 -32.21 14.37
N ALA D 449 37.97 -31.83 13.13
CA ALA D 449 38.96 -31.33 12.18
C ALA D 449 38.34 -30.20 11.35
N LEU D 450 39.17 -29.57 10.52
CA LEU D 450 38.75 -28.48 9.63
C LEU D 450 38.68 -28.89 8.16
N ASP D 451 38.82 -30.19 7.87
CA ASP D 451 38.83 -30.69 6.51
C ASP D 451 38.08 -32.01 6.48
N ALA D 452 37.49 -32.33 5.32
CA ALA D 452 36.70 -33.55 5.22
C ALA D 452 37.54 -34.81 5.36
N GLY D 453 38.85 -34.73 5.07
CA GLY D 453 39.74 -35.86 5.26
C GLY D 453 40.13 -36.11 6.70
N MET D 454 39.72 -35.23 7.61
CA MET D 454 40.07 -35.31 9.02
C MET D 454 41.58 -35.38 9.21
N LYS D 455 42.30 -34.58 8.43
CA LYS D 455 43.74 -34.52 8.58
C LYS D 455 44.19 -33.34 9.44
N GLN D 456 43.56 -32.18 9.30
CA GLN D 456 43.87 -31.02 10.15
C GLN D 456 42.98 -31.09 11.40
N ALA D 457 43.38 -31.98 12.32
CA ALA D 457 42.66 -32.17 13.57
C ALA D 457 42.86 -31.00 14.52
N VAL D 458 41.81 -30.65 15.28
CA VAL D 458 41.90 -29.55 16.23
C VAL D 458 41.48 -29.99 17.63
N GLY D 459 40.93 -31.20 17.74
CA GLY D 459 40.56 -31.73 19.04
C GLY D 459 39.89 -33.08 18.87
N GLY D 460 39.53 -33.67 19.99
CA GLY D 460 38.82 -34.93 19.96
C GLY D 460 38.38 -35.34 21.33
N ALA D 461 37.43 -36.28 21.36
CA ALA D 461 36.87 -36.79 22.61
C ALA D 461 36.84 -38.30 22.61
N ASP D 462 36.98 -38.89 23.79
CA ASP D 462 36.63 -40.30 23.96
C ASP D 462 35.13 -40.38 24.24
N LEU D 463 34.45 -41.29 23.56
CA LEU D 463 33.01 -41.47 23.72
C LEU D 463 32.74 -42.72 24.54
N ALA D 464 32.18 -42.51 25.73
CA ALA D 464 31.68 -43.59 26.58
C ALA D 464 30.19 -43.32 26.71
N LEU D 465 29.42 -43.81 25.74
CA LEU D 465 27.98 -43.62 25.68
C LEU D 465 27.30 -44.98 25.78
N ASN D 466 26.46 -45.15 26.80
CA ASN D 466 25.63 -46.35 26.85
C ASN D 466 24.17 -45.96 27.00
N GLY D 467 23.88 -45.10 27.98
CA GLY D 467 22.53 -44.67 28.27
C GLY D 467 21.75 -44.20 27.06
N GLY D 468 20.43 -44.32 27.10
CA GLY D 468 19.62 -43.90 25.98
C GLY D 468 19.24 -42.44 25.94
N GLY D 469 19.88 -41.59 26.74
CA GLY D 469 19.48 -40.20 26.87
C GLY D 469 20.56 -39.24 26.41
N TRP D 470 20.12 -38.07 25.93
CA TRP D 470 21.04 -37.07 25.40
C TRP D 470 22.00 -36.57 26.48
N GLN D 471 23.26 -36.38 26.11
CA GLN D 471 24.24 -35.74 26.98
C GLN D 471 25.03 -34.73 26.16
N THR D 472 25.58 -33.73 26.85
CA THR D 472 26.45 -32.75 26.21
C THR D 472 27.91 -33.07 26.53
N VAL D 473 28.75 -33.04 25.50
CA VAL D 473 30.18 -33.35 25.62
C VAL D 473 30.96 -32.14 25.17
N ARG D 474 31.76 -31.58 26.08
CA ARG D 474 32.63 -30.44 25.76
C ARG D 474 33.94 -30.95 25.19
N ILE D 475 34.23 -30.60 23.94
CA ILE D 475 35.47 -31.02 23.29
C ILE D 475 36.36 -29.79 23.13
N PRO D 476 37.46 -29.68 23.87
CA PRO D 476 38.40 -28.59 23.64
C PRO D 476 38.95 -28.62 22.23
N VAL D 477 39.16 -27.43 21.66
CA VAL D 477 39.67 -27.31 20.31
C VAL D 477 40.61 -26.11 20.25
N THR D 478 41.61 -26.22 19.37
CA THR D 478 42.55 -25.12 19.09
C THR D 478 42.38 -24.73 17.62
N VAL D 479 41.65 -23.66 17.37
CA VAL D 479 41.33 -23.23 16.02
C VAL D 479 41.89 -21.83 15.79
N PRO D 480 42.82 -21.65 14.85
CA PRO D 480 43.29 -20.30 14.50
C PRO D 480 42.13 -19.43 14.04
N ASN D 481 41.96 -18.29 14.72
CA ASN D 481 40.87 -17.37 14.38
C ASN D 481 40.81 -17.12 12.88
N GLY D 482 39.61 -17.13 12.36
CA GLY D 482 39.38 -17.05 10.93
C GLY D 482 38.22 -17.92 10.51
N VAL D 483 38.12 -18.11 9.20
CA VAL D 483 36.96 -18.73 8.58
C VAL D 483 37.35 -20.15 8.19
N HIS D 484 36.67 -21.14 8.78
CA HIS D 484 36.98 -22.55 8.55
C HIS D 484 35.69 -23.35 8.39
N ALA D 485 35.81 -24.49 7.71
CA ALA D 485 34.83 -25.56 7.81
C ALA D 485 35.10 -26.38 9.06
N LEU D 486 34.07 -27.06 9.54
CA LEU D 486 34.13 -27.81 10.79
C LEU D 486 33.61 -29.22 10.56
N TYR D 487 34.44 -30.21 10.90
CA TYR D 487 34.11 -31.62 10.67
C TYR D 487 34.25 -32.44 11.94
N PHE D 488 33.31 -33.36 12.15
CA PHE D 488 33.33 -34.36 13.21
C PHE D 488 33.43 -35.72 12.58
N GLY D 489 34.46 -36.48 12.94
CA GLY D 489 34.63 -37.85 12.46
C GLY D 489 34.53 -38.83 13.60
N TYR D 490 33.79 -39.93 13.38
CA TYR D 490 33.62 -40.95 14.41
C TYR D 490 34.38 -42.21 14.02
N THR D 491 35.20 -42.71 14.94
CA THR D 491 35.93 -43.96 14.72
C THR D 491 35.70 -44.87 15.92
N GLY D 492 35.27 -46.10 15.66
CA GLY D 492 35.01 -47.00 16.76
C GLY D 492 33.81 -47.87 16.48
N GLU D 493 33.21 -48.39 17.57
CA GLU D 493 32.12 -49.35 17.51
C GLU D 493 30.84 -48.72 18.06
N GLY D 494 29.72 -49.38 17.78
CA GLY D 494 28.44 -48.86 18.18
C GLY D 494 27.97 -47.80 17.20
N ARG D 495 26.85 -47.16 17.53
CA ARG D 495 26.37 -46.06 16.74
C ARG D 495 25.84 -44.99 17.69
N LEU D 496 25.80 -43.75 17.20
CA LEU D 496 25.37 -42.66 18.03
C LEU D 496 24.58 -41.66 17.19
N GLU D 497 23.95 -40.75 17.90
CA GLU D 497 23.05 -39.77 17.32
C GLU D 497 23.47 -38.41 17.82
N PHE D 498 23.17 -37.40 17.01
CA PHE D 498 23.78 -36.08 17.13
C PHE D 498 22.70 -35.06 16.84
N SER D 499 22.36 -34.21 17.84
CA SER D 499 21.27 -33.24 17.69
C SER D 499 21.74 -31.79 17.55
N ASP D 500 22.70 -31.34 18.34
CA ASP D 500 23.09 -29.94 18.34
C ASP D 500 24.56 -29.82 18.71
N PHE D 501 25.16 -28.69 18.30
CA PHE D 501 26.49 -28.33 18.73
C PHE D 501 26.54 -26.84 19.01
N ALA D 502 27.31 -26.47 20.03
CA ALA D 502 27.43 -25.09 20.50
C ALA D 502 28.89 -24.69 20.58
N PHE D 503 29.15 -23.40 20.41
CA PHE D 503 30.50 -22.86 20.48
C PHE D 503 30.77 -22.29 21.86
N VAL D 504 31.97 -22.51 22.36
CA VAL D 504 32.42 -22.00 23.66
C VAL D 504 33.57 -21.04 23.40
N THR D 505 33.37 -19.76 23.72
CA THR D 505 34.37 -18.75 23.44
C THR D 505 35.00 -18.25 24.72
N ALA D 506 36.16 -17.63 24.58
CA ALA D 506 36.91 -17.10 25.70
C ALA D 506 36.50 -15.66 26.02
#